data_3SZM
#
_entry.id   3SZM
#
_cell.length_a   67.810
_cell.length_b   82.230
_cell.length_c   104.420
_cell.angle_alpha   72.10
_cell.angle_beta   89.87
_cell.angle_gamma   80.94
#
_symmetry.space_group_name_H-M   'P 1'
#
loop_
_entity.id
_entity.type
_entity.pdbx_description
1 polymer Microcephalin
2 polymer 'Histone H2A.x'
3 water water
#
loop_
_entity_poly.entity_id
_entity_poly.type
_entity_poly.pdbx_seq_one_letter_code
_entity_poly.pdbx_strand_id
1 'polypeptide(L)'
;GHMSGRGKKPTRTLVMTSMPSEKQNVVIQVVDKLKGFSIAPDVCETTTHVLSGKPLRTLNVLLGIARGCWVLSYDWVLWS
LELGHWISEEPFELSHHFPAAPLCRSECHLSAGPYRGTLFADQPVMFVSPASSPPVAKLCELVHLCGGRVSQVPRQASIV
IGPYSGKKKATVKYLSEKWVLDSITQHKVCAPENYLLSQ
;
A,B,C,D,E,F,G,H
2 'polypeptide(L)' KKATQA(SEP)QEY I,J,K,L,M,N,O,P
#
# COMPACT_ATOMS: atom_id res chain seq x y z
N PRO A 10 -4.18 -40.94 -8.04
CA PRO A 10 -2.88 -40.28 -7.92
C PRO A 10 -1.91 -41.01 -6.98
N THR A 11 -1.60 -42.26 -7.32
CA THR A 11 -0.55 -43.03 -6.63
C THR A 11 -0.90 -43.34 -5.18
N ARG A 12 -0.33 -44.43 -4.68
CA ARG A 12 -0.44 -44.81 -3.27
C ARG A 12 0.85 -44.50 -2.55
N THR A 13 0.75 -44.28 -1.25
CA THR A 13 1.91 -43.95 -0.44
C THR A 13 2.31 -45.09 0.52
N LEU A 14 3.60 -45.10 0.84
CA LEU A 14 4.16 -46.05 1.77
C LEU A 14 4.88 -45.22 2.83
N VAL A 15 4.78 -45.65 4.09
CA VAL A 15 5.36 -44.95 5.23
C VAL A 15 6.14 -45.85 6.16
N MET A 16 7.29 -45.38 6.60
CA MET A 16 8.16 -46.17 7.46
C MET A 16 8.03 -45.70 8.90
N THR A 17 8.05 -46.65 9.82
CA THR A 17 7.95 -46.34 11.23
C THR A 17 8.92 -47.23 11.99
N SER A 18 9.46 -46.67 13.09
CA SER A 18 10.50 -47.30 13.90
C SER A 18 11.69 -47.83 13.10
N MET A 19 12.06 -47.08 12.06
CA MET A 19 12.94 -47.57 11.03
C MET A 19 14.34 -46.96 11.19
N PRO A 20 15.36 -47.81 11.36
CA PRO A 20 16.77 -47.40 11.38
C PRO A 20 17.16 -46.69 10.06
N SER A 21 18.02 -45.69 10.14
CA SER A 21 18.39 -44.84 9.00
C SER A 21 18.77 -45.65 7.74
N GLU A 22 19.67 -46.62 7.95
CA GLU A 22 20.15 -47.48 6.88
C GLU A 22 19.02 -48.22 6.17
N LYS A 23 18.11 -48.78 6.95
CA LYS A 23 16.99 -49.51 6.38
C LYS A 23 16.11 -48.54 5.61
N GLN A 24 15.97 -47.32 6.13
CA GLN A 24 15.26 -46.26 5.38
C GLN A 24 15.89 -46.07 4.02
N ASN A 25 17.19 -45.80 4.01
CA ASN A 25 17.90 -45.74 2.72
C ASN A 25 17.57 -46.93 1.80
N VAL A 26 17.77 -48.14 2.32
CA VAL A 26 17.41 -49.34 1.55
C VAL A 26 15.99 -49.19 0.95
N VAL A 27 15.00 -48.96 1.80
CA VAL A 27 13.63 -48.84 1.33
C VAL A 27 13.51 -47.81 0.22
N ILE A 28 14.14 -46.65 0.41
CA ILE A 28 14.14 -45.66 -0.65
C ILE A 28 14.66 -46.27 -1.96
N GLN A 29 15.83 -46.91 -1.90
CA GLN A 29 16.32 -47.59 -3.10
C GLN A 29 15.26 -48.52 -3.70
N VAL A 30 14.81 -49.48 -2.90
CA VAL A 30 13.86 -50.48 -3.40
C VAL A 30 12.67 -49.81 -4.07
N VAL A 31 12.05 -48.86 -3.37
CA VAL A 31 10.89 -48.17 -3.92
C VAL A 31 11.27 -47.46 -5.20
N ASP A 32 12.46 -46.89 -5.21
CA ASP A 32 12.95 -46.24 -6.42
C ASP A 32 13.02 -47.27 -7.55
N LYS A 33 13.48 -48.48 -7.26
CA LYS A 33 13.59 -49.48 -8.31
C LYS A 33 12.25 -50.07 -8.76
N LEU A 34 11.41 -50.46 -7.80
CA LEU A 34 10.21 -51.23 -8.11
C LEU A 34 9.06 -50.30 -8.50
N LYS A 35 9.18 -49.04 -8.09
CA LYS A 35 8.16 -48.04 -8.34
C LYS A 35 6.85 -48.43 -7.65
N GLY A 36 5.74 -47.91 -8.14
CA GLY A 36 4.42 -48.26 -7.62
C GLY A 36 4.01 -47.55 -6.32
N PHE A 37 4.97 -47.02 -5.59
CA PHE A 37 4.71 -46.38 -4.30
C PHE A 37 5.32 -44.99 -4.24
N SER A 38 4.69 -44.10 -3.46
CA SER A 38 5.35 -42.87 -3.05
C SER A 38 5.58 -42.85 -1.54
N ILE A 39 6.80 -42.51 -1.15
CA ILE A 39 7.14 -42.46 0.27
C ILE A 39 6.50 -41.23 0.92
N ALA A 40 5.84 -41.44 2.04
CA ALA A 40 5.22 -40.37 2.80
C ALA A 40 5.80 -40.43 4.21
N PRO A 41 5.79 -39.29 4.93
CA PRO A 41 6.33 -39.22 6.30
C PRO A 41 5.34 -39.69 7.37
N ASP A 42 4.04 -39.52 7.12
CA ASP A 42 3.02 -39.89 8.08
C ASP A 42 1.86 -40.54 7.36
N VAL A 43 1.15 -41.41 8.05
CA VAL A 43 0.04 -42.11 7.45
C VAL A 43 -1.07 -41.12 7.10
N CYS A 44 -1.59 -41.20 5.87
CA CYS A 44 -2.72 -40.38 5.47
C CYS A 44 -3.68 -41.18 4.58
N GLU A 45 -4.61 -40.48 3.92
CA GLU A 45 -5.64 -41.15 3.13
C GLU A 45 -5.11 -42.03 1.99
N THR A 46 -3.97 -41.63 1.43
CA THR A 46 -3.35 -42.33 0.31
C THR A 46 -2.49 -43.52 0.73
N THR A 47 -2.17 -43.61 2.02
CA THR A 47 -1.33 -44.67 2.52
C THR A 47 -2.03 -46.03 2.49
N THR A 48 -1.31 -47.04 2.02
CA THR A 48 -1.84 -48.40 1.97
C THR A 48 -0.86 -49.41 2.59
N HIS A 49 0.37 -48.97 2.83
CA HIS A 49 1.40 -49.81 3.43
C HIS A 49 2.24 -49.04 4.41
N VAL A 50 2.42 -49.64 5.58
CA VAL A 50 3.20 -49.08 6.65
C VAL A 50 4.26 -50.08 7.07
N LEU A 51 5.51 -49.77 6.77
CA LEU A 51 6.63 -50.65 7.09
C LEU A 51 7.27 -50.30 8.41
N SER A 52 7.52 -51.31 9.23
CA SER A 52 8.09 -51.11 10.55
C SER A 52 9.39 -51.88 10.69
N GLY A 53 10.41 -51.24 11.28
CA GLY A 53 11.67 -51.89 11.60
C GLY A 53 11.61 -52.69 12.89
N LYS A 54 11.00 -52.09 13.90
CA LYS A 54 10.75 -52.77 15.15
C LYS A 54 9.25 -52.67 15.44
N PRO A 55 8.62 -53.79 15.84
CA PRO A 55 7.16 -53.87 16.04
C PRO A 55 6.65 -53.05 17.22
N LEU A 56 6.80 -51.72 17.15
CA LEU A 56 6.43 -50.85 18.24
C LEU A 56 5.14 -50.12 17.88
N ARG A 57 4.33 -49.78 18.88
CA ARG A 57 3.05 -49.15 18.63
C ARG A 57 3.24 -47.65 18.51
N THR A 58 3.61 -47.21 17.33
CA THR A 58 3.72 -45.78 17.05
C THR A 58 2.41 -45.22 16.50
N LEU A 59 2.37 -43.90 16.37
CA LEU A 59 1.19 -43.24 15.86
C LEU A 59 0.92 -43.75 14.45
N ASN A 60 1.99 -43.89 13.66
CA ASN A 60 1.83 -44.33 12.29
C ASN A 60 1.21 -45.73 12.26
N VAL A 61 1.66 -46.60 13.15
CA VAL A 61 1.10 -47.95 13.25
C VAL A 61 -0.38 -47.90 13.54
N LEU A 62 -0.75 -47.14 14.57
CA LEU A 62 -2.15 -47.06 14.92
C LEU A 62 -2.97 -46.53 13.77
N LEU A 63 -2.54 -45.40 13.22
CA LEU A 63 -3.24 -44.78 12.11
C LEU A 63 -3.38 -45.76 10.96
N GLY A 64 -2.31 -46.50 10.68
CA GLY A 64 -2.29 -47.49 9.63
C GLY A 64 -3.30 -48.59 9.87
N ILE A 65 -3.33 -49.12 11.10
CA ILE A 65 -4.42 -50.02 11.47
C ILE A 65 -5.81 -49.39 11.26
N ALA A 66 -5.99 -48.16 11.72
CA ALA A 66 -7.29 -47.50 11.61
C ALA A 66 -7.80 -47.33 10.17
N ARG A 67 -6.88 -47.22 9.22
CA ARG A 67 -7.24 -47.00 7.81
C ARG A 67 -7.30 -48.30 7.01
N GLY A 68 -7.07 -49.42 7.69
CA GLY A 68 -7.08 -50.72 7.05
C GLY A 68 -5.86 -50.97 6.17
N CYS A 69 -4.72 -50.37 6.51
CA CYS A 69 -3.46 -50.60 5.79
C CYS A 69 -2.78 -51.93 6.12
N TRP A 70 -1.83 -52.31 5.26
CA TRP A 70 -0.89 -53.39 5.55
C TRP A 70 0.16 -52.90 6.53
N VAL A 71 0.28 -53.59 7.66
CA VAL A 71 1.28 -53.19 8.63
C VAL A 71 2.33 -54.28 8.71
N LEU A 72 3.48 -54.02 8.08
CA LEU A 72 4.42 -55.08 7.72
C LEU A 72 5.78 -54.88 8.33
N SER A 73 6.59 -55.94 8.31
CA SER A 73 7.97 -55.85 8.78
C SER A 73 8.88 -55.54 7.59
N TYR A 74 10.04 -54.97 7.88
CA TYR A 74 10.96 -54.51 6.84
C TYR A 74 11.30 -55.60 5.81
N ASP A 75 11.31 -56.84 6.27
CA ASP A 75 11.67 -57.96 5.41
C ASP A 75 10.98 -57.94 4.06
N TRP A 76 9.71 -57.56 4.07
CA TRP A 76 8.91 -57.48 2.86
C TRP A 76 9.64 -56.73 1.74
N VAL A 77 10.46 -55.76 2.11
CA VAL A 77 11.17 -54.96 1.11
C VAL A 77 12.42 -55.67 0.61
N LEU A 78 12.92 -56.63 1.40
CA LEU A 78 14.17 -57.31 1.03
C LEU A 78 13.90 -58.44 0.06
N TRP A 79 12.78 -59.14 0.26
CA TRP A 79 12.37 -60.17 -0.66
C TRP A 79 11.84 -59.57 -1.95
N SER A 80 11.21 -58.40 -1.87
CA SER A 80 10.65 -57.76 -3.06
C SER A 80 11.75 -57.31 -4.00
N LEU A 81 12.85 -56.85 -3.44
CA LEU A 81 14.00 -56.44 -4.23
C LEU A 81 14.63 -57.61 -4.97
N GLU A 82 14.70 -58.76 -4.32
CA GLU A 82 15.34 -59.91 -4.91
C GLU A 82 14.49 -60.59 -5.96
N LEU A 83 13.18 -60.60 -5.76
CA LEU A 83 12.26 -61.16 -6.73
C LEU A 83 11.88 -60.18 -7.83
N GLY A 84 12.30 -58.93 -7.70
CA GLY A 84 12.12 -57.96 -8.75
C GLY A 84 10.73 -57.39 -8.84
N HIS A 85 9.90 -57.65 -7.84
CA HIS A 85 8.57 -57.05 -7.81
C HIS A 85 7.95 -57.12 -6.40
N TRP A 86 6.93 -56.31 -6.16
CA TRP A 86 6.25 -56.37 -4.88
C TRP A 86 5.56 -57.71 -4.72
N ILE A 87 5.89 -58.40 -3.63
CA ILE A 87 5.40 -59.74 -3.32
C ILE A 87 4.28 -59.72 -2.30
N SER A 88 3.87 -60.90 -1.87
CA SER A 88 2.78 -61.04 -0.92
C SER A 88 3.10 -60.34 0.39
N GLU A 89 2.19 -59.49 0.83
CA GLU A 89 2.42 -58.72 2.03
C GLU A 89 2.06 -59.56 3.26
N GLU A 90 1.10 -60.45 3.12
CA GLU A 90 0.51 -61.10 4.29
C GLU A 90 1.51 -61.89 5.15
N PRO A 91 2.52 -62.49 4.51
CA PRO A 91 3.57 -63.20 5.26
C PRO A 91 4.37 -62.29 6.20
N PHE A 92 4.43 -61.00 5.90
CA PHE A 92 5.18 -60.06 6.72
C PHE A 92 4.27 -59.16 7.56
N GLU A 93 2.99 -59.51 7.63
CA GLU A 93 2.01 -58.75 8.41
C GLU A 93 2.14 -58.98 9.91
N LEU A 94 2.23 -57.90 10.67
CA LEU A 94 2.43 -57.95 12.12
C LEU A 94 1.16 -58.31 12.91
N SER A 95 0.60 -59.48 12.63
CA SER A 95 -0.67 -59.88 13.21
CA SER A 95 -0.66 -59.92 13.19
C SER A 95 -0.56 -60.20 14.70
N HIS A 96 0.59 -60.74 15.11
CA HIS A 96 0.81 -61.13 16.50
C HIS A 96 0.89 -59.95 17.46
N HIS A 97 1.61 -58.91 17.07
CA HIS A 97 1.73 -57.70 17.89
C HIS A 97 0.53 -56.79 17.75
N PHE A 98 -0.10 -56.81 16.57
CA PHE A 98 -1.28 -55.99 16.32
C PHE A 98 -2.37 -56.79 15.61
N PRO A 99 -3.16 -57.55 16.39
CA PRO A 99 -4.25 -58.41 15.91
C PRO A 99 -5.23 -57.68 15.01
N ALA A 100 -5.36 -56.37 15.18
CA ALA A 100 -6.34 -55.61 14.41
C ALA A 100 -5.86 -55.40 12.97
N ALA A 101 -4.54 -55.34 12.78
CA ALA A 101 -3.99 -55.12 11.43
C ALA A 101 -4.67 -55.98 10.32
N PRO A 102 -4.49 -57.31 10.41
CA PRO A 102 -5.12 -58.21 9.44
C PRO A 102 -6.65 -58.01 9.33
N LEU A 103 -7.35 -57.92 10.46
CA LEU A 103 -8.81 -57.76 10.49
C LEU A 103 -9.25 -56.50 9.74
N CYS A 104 -8.75 -55.35 10.17
CA CYS A 104 -9.07 -54.08 9.55
C CYS A 104 -8.72 -54.06 8.08
N ARG A 105 -7.53 -54.55 7.74
CA ARG A 105 -7.15 -54.69 6.33
C ARG A 105 -8.19 -55.50 5.54
N SER A 106 -8.53 -56.69 6.05
CA SER A 106 -9.59 -57.52 5.46
C SER A 106 -10.87 -56.71 5.28
N GLU A 107 -11.34 -56.06 6.33
CA GLU A 107 -12.53 -55.21 6.18
C GLU A 107 -12.37 -54.18 5.07
N CYS A 108 -11.22 -53.52 5.06
CA CYS A 108 -10.95 -52.45 4.10
C CYS A 108 -11.00 -53.01 2.68
N HIS A 109 -10.36 -54.15 2.45
CA HIS A 109 -10.40 -54.73 1.12
C HIS A 109 -11.81 -55.25 0.76
N LEU A 110 -12.42 -56.00 1.66
CA LEU A 110 -13.76 -56.54 1.40
C LEU A 110 -14.80 -55.44 1.33
N SER A 111 -14.43 -54.24 1.76
CA SER A 111 -15.38 -53.12 1.78
C SER A 111 -15.90 -52.72 0.40
N ALA A 112 -17.22 -52.60 0.27
CA ALA A 112 -17.83 -52.15 -0.98
C ALA A 112 -17.90 -50.63 -1.00
N GLY A 113 -16.94 -50.00 -1.69
CA GLY A 113 -16.82 -48.55 -1.65
C GLY A 113 -15.91 -48.08 -0.54
N PRO A 114 -15.76 -46.75 -0.42
CA PRO A 114 -14.86 -46.19 0.58
C PRO A 114 -15.02 -46.85 1.93
N TYR A 115 -13.92 -47.31 2.51
CA TYR A 115 -13.96 -47.98 3.80
C TYR A 115 -13.86 -46.96 4.94
N ARG A 116 -14.55 -47.26 6.04
CA ARG A 116 -14.44 -46.48 7.27
C ARG A 116 -14.80 -47.38 8.45
N GLY A 117 -13.92 -47.43 9.44
CA GLY A 117 -14.09 -48.28 10.61
C GLY A 117 -15.37 -48.04 11.39
N THR A 118 -15.82 -49.08 12.09
CA THR A 118 -17.06 -49.02 12.86
C THR A 118 -16.82 -49.62 14.25
N LEU A 119 -15.59 -49.49 14.72
CA LEU A 119 -15.20 -50.01 16.02
C LEU A 119 -15.88 -49.28 17.19
N PHE A 120 -16.07 -47.98 17.05
CA PHE A 120 -16.68 -47.13 18.09
C PHE A 120 -18.08 -46.68 17.70
N ALA A 121 -18.77 -47.51 16.94
CA ALA A 121 -20.11 -47.16 16.47
C ALA A 121 -21.15 -47.13 17.60
N ASP A 122 -21.11 -48.14 18.46
CA ASP A 122 -22.03 -48.25 19.58
C ASP A 122 -21.62 -47.35 20.73
N GLN A 123 -20.45 -46.70 20.62
CA GLN A 123 -19.99 -45.84 21.70
C GLN A 123 -20.71 -44.50 21.67
N PRO A 124 -20.89 -43.89 22.85
CA PRO A 124 -21.42 -42.53 22.97
C PRO A 124 -20.37 -41.48 22.64
N VAL A 125 -20.80 -40.23 22.54
CA VAL A 125 -19.90 -39.15 22.21
C VAL A 125 -18.78 -39.01 23.23
N MET A 126 -17.56 -38.78 22.75
CA MET A 126 -16.39 -38.67 23.61
C MET A 126 -15.84 -37.26 23.58
N PHE A 127 -15.31 -36.81 24.70
CA PHE A 127 -14.54 -35.59 24.70
C PHE A 127 -13.10 -36.02 24.93
N VAL A 128 -12.22 -35.61 24.03
CA VAL A 128 -10.78 -35.91 24.14
C VAL A 128 -10.03 -34.71 24.67
N SER A 129 -9.31 -34.91 25.77
CA SER A 129 -8.56 -33.84 26.41
C SER A 129 -7.54 -33.25 25.45
N PRO A 130 -7.49 -31.91 25.35
CA PRO A 130 -6.49 -31.23 24.51
C PRO A 130 -5.08 -31.38 25.07
N ALA A 131 -4.95 -31.99 26.24
CA ALA A 131 -3.63 -32.28 26.82
C ALA A 131 -3.33 -33.76 26.77
N SER A 132 -4.05 -34.47 25.92
CA SER A 132 -3.90 -35.89 25.85
C SER A 132 -2.62 -36.26 25.14
N SER A 133 -2.18 -37.49 25.39
CA SER A 133 -1.10 -38.10 24.63
C SER A 133 -1.58 -39.44 24.05
N PRO A 134 -1.46 -39.64 22.73
CA PRO A 134 -0.90 -38.74 21.70
C PRO A 134 -1.65 -37.42 21.60
N PRO A 135 -1.14 -36.47 20.78
CA PRO A 135 -1.79 -35.16 20.59
C PRO A 135 -3.26 -35.23 20.19
N VAL A 136 -4.09 -34.46 20.90
CA VAL A 136 -5.55 -34.49 20.77
C VAL A 136 -6.06 -34.57 19.32
N ALA A 137 -5.38 -33.86 18.41
CA ALA A 137 -5.74 -33.91 16.99
C ALA A 137 -5.69 -35.34 16.47
N LYS A 138 -4.51 -35.95 16.59
CA LYS A 138 -4.25 -37.26 16.00
C LYS A 138 -5.04 -38.35 16.73
N LEU A 139 -5.22 -38.16 18.03
CA LEU A 139 -6.04 -39.09 18.80
C LEU A 139 -7.50 -39.00 18.33
N CYS A 140 -7.97 -37.77 18.07
CA CYS A 140 -9.31 -37.60 17.51
C CYS A 140 -9.43 -38.19 16.12
N GLU A 141 -8.44 -37.93 15.27
CA GLU A 141 -8.34 -38.62 14.01
C GLU A 141 -8.57 -40.12 14.24
N LEU A 142 -7.70 -40.74 15.04
CA LEU A 142 -7.93 -42.15 15.42
C LEU A 142 -9.38 -42.42 15.79
N VAL A 143 -9.96 -41.65 16.69
CA VAL A 143 -11.36 -41.89 17.02
C VAL A 143 -12.31 -41.86 15.79
N HIS A 144 -12.17 -40.84 14.94
CA HIS A 144 -13.06 -40.69 13.78
C HIS A 144 -12.87 -41.77 12.72
N LEU A 145 -11.63 -42.21 12.54
CA LEU A 145 -11.39 -43.32 11.63
C LEU A 145 -11.96 -44.63 12.13
N CYS A 146 -12.35 -44.70 13.40
CA CYS A 146 -12.96 -45.91 13.93
C CYS A 146 -14.42 -45.71 14.23
N GLY A 147 -15.04 -44.78 13.54
CA GLY A 147 -16.48 -44.57 13.62
C GLY A 147 -16.93 -43.95 14.92
N GLY A 148 -16.02 -43.22 15.56
CA GLY A 148 -16.33 -42.57 16.82
C GLY A 148 -16.82 -41.16 16.60
N ARG A 149 -17.42 -40.60 17.63
CA ARG A 149 -17.90 -39.23 17.60
C ARG A 149 -17.23 -38.39 18.70
N VAL A 150 -16.81 -37.18 18.35
CA VAL A 150 -16.08 -36.32 19.27
C VAL A 150 -16.65 -34.91 19.37
N SER A 151 -16.95 -34.48 20.58
CA SER A 151 -17.46 -33.14 20.81
C SER A 151 -16.37 -32.28 21.41
N GLN A 152 -16.44 -30.97 21.13
CA GLN A 152 -15.51 -30.02 21.72
C GLN A 152 -15.98 -29.65 23.12
N VAL A 153 -17.25 -29.97 23.43
CA VAL A 153 -17.87 -29.63 24.71
C VAL A 153 -17.97 -30.82 25.67
N PRO A 154 -17.29 -30.75 26.83
CA PRO A 154 -17.29 -31.91 27.76
C PRO A 154 -18.69 -32.28 28.25
N ARG A 155 -19.60 -31.32 28.16
CA ARG A 155 -20.93 -31.44 28.72
C ARG A 155 -21.77 -32.43 27.90
N GLN A 156 -21.45 -32.52 26.61
CA GLN A 156 -22.18 -33.44 25.72
C GLN A 156 -21.64 -34.86 25.77
N ALA A 157 -20.40 -35.00 26.25
CA ALA A 157 -19.73 -36.30 26.24
C ALA A 157 -20.20 -37.22 27.37
N SER A 158 -20.25 -38.52 27.07
CA SER A 158 -20.51 -39.53 28.08
C SER A 158 -19.21 -40.28 28.39
N ILE A 159 -18.17 -39.96 27.62
CA ILE A 159 -16.85 -40.51 27.82
C ILE A 159 -15.85 -39.38 27.64
N VAL A 160 -15.00 -39.17 28.64
CA VAL A 160 -13.92 -38.21 28.57
C VAL A 160 -12.57 -38.93 28.60
N ILE A 161 -11.74 -38.65 27.60
CA ILE A 161 -10.46 -39.33 27.46
C ILE A 161 -9.32 -38.38 27.75
N GLY A 162 -8.36 -38.81 28.55
CA GLY A 162 -7.18 -37.98 28.79
C GLY A 162 -7.30 -37.09 30.01
N PRO A 163 -6.21 -36.35 30.32
CA PRO A 163 -6.16 -35.46 31.50
C PRO A 163 -7.31 -34.48 31.64
N TYR A 164 -8.04 -34.53 32.75
CA TYR A 164 -9.24 -33.71 32.94
C TYR A 164 -9.45 -33.33 34.41
N SER A 165 -9.42 -32.03 34.71
CA SER A 165 -9.49 -31.58 36.10
C SER A 165 -10.80 -30.85 36.37
N GLY A 166 -11.79 -31.04 35.51
CA GLY A 166 -13.06 -30.40 35.71
C GLY A 166 -13.88 -31.19 36.73
N LYS A 167 -15.10 -30.73 36.95
CA LYS A 167 -16.04 -31.43 37.82
C LYS A 167 -16.35 -32.81 37.23
N LYS A 168 -16.23 -33.84 38.04
CA LYS A 168 -16.47 -35.19 37.55
C LYS A 168 -17.92 -35.59 37.74
N LYS A 169 -18.66 -35.70 36.65
CA LYS A 169 -20.03 -36.23 36.69
C LYS A 169 -20.05 -37.74 36.99
N ALA A 170 -21.01 -38.16 37.80
CA ALA A 170 -21.13 -39.56 38.18
C ALA A 170 -21.47 -40.45 36.99
N THR A 171 -22.21 -39.90 36.04
CA THR A 171 -22.63 -40.66 34.87
C THR A 171 -21.52 -40.82 33.84
N VAL A 172 -20.58 -39.87 33.81
CA VAL A 172 -19.52 -39.89 32.81
C VAL A 172 -18.38 -40.89 33.09
N LYS A 173 -17.73 -41.37 32.03
CA LYS A 173 -16.57 -42.25 32.15
C LYS A 173 -15.26 -41.50 31.89
N TYR A 174 -14.39 -41.44 32.88
CA TYR A 174 -13.12 -40.74 32.72
C TYR A 174 -12.01 -41.73 32.50
N LEU A 175 -11.52 -41.78 31.28
CA LEU A 175 -10.61 -42.84 30.86
C LEU A 175 -9.28 -42.30 30.34
N SER A 176 -8.28 -43.17 30.29
CA SER A 176 -7.00 -42.81 29.71
C SER A 176 -7.03 -43.03 28.20
N GLU A 177 -6.00 -42.55 27.52
CA GLU A 177 -5.89 -42.62 26.08
C GLU A 177 -5.66 -44.09 25.65
N LYS A 178 -5.12 -44.86 26.62
CA LYS A 178 -4.79 -46.28 26.44
C LYS A 178 -6.04 -47.11 26.18
N TRP A 179 -7.19 -46.61 26.61
CA TRP A 179 -8.46 -47.29 26.33
C TRP A 179 -8.72 -47.28 24.83
N VAL A 180 -8.64 -46.08 24.26
CA VAL A 180 -8.70 -45.94 22.80
C VAL A 180 -7.61 -46.79 22.14
N LEU A 181 -6.36 -46.49 22.45
CA LEU A 181 -5.23 -47.20 21.82
C LEU A 181 -5.33 -48.75 21.85
N ASP A 182 -5.52 -49.29 23.05
CA ASP A 182 -5.74 -50.72 23.20
C ASP A 182 -6.96 -51.18 22.40
N SER A 183 -8.08 -50.44 22.46
CA SER A 183 -9.23 -50.83 21.62
C SER A 183 -8.85 -50.94 20.13
N ILE A 184 -8.17 -49.93 19.61
CA ILE A 184 -7.72 -50.00 18.19
C ILE A 184 -6.77 -51.18 17.95
N THR A 185 -5.84 -51.40 18.87
CA THR A 185 -4.92 -52.52 18.74
C THR A 185 -5.63 -53.89 18.71
N GLN A 186 -6.51 -54.12 19.67
CA GLN A 186 -7.17 -55.41 19.83
C GLN A 186 -8.33 -55.54 18.87
N HIS A 187 -8.72 -54.42 18.27
CA HIS A 187 -9.93 -54.36 17.46
C HIS A 187 -11.19 -54.76 18.22
N LYS A 188 -11.06 -54.88 19.54
CA LYS A 188 -12.21 -55.09 20.40
C LYS A 188 -12.26 -53.91 21.35
N VAL A 189 -13.45 -53.33 21.54
CA VAL A 189 -13.61 -52.28 22.53
C VAL A 189 -13.30 -52.83 23.92
N CYS A 190 -12.22 -52.35 24.53
CA CYS A 190 -11.74 -52.84 25.83
C CYS A 190 -12.70 -52.44 26.96
N ALA A 191 -12.58 -53.13 28.10
CA ALA A 191 -13.40 -52.84 29.28
C ALA A 191 -12.84 -51.64 30.02
N PRO A 192 -13.65 -50.59 30.16
CA PRO A 192 -13.23 -49.31 30.73
C PRO A 192 -12.70 -49.43 32.17
N GLU A 193 -13.07 -50.52 32.82
CA GLU A 193 -12.81 -50.69 34.24
C GLU A 193 -11.33 -50.52 34.57
N ASN A 194 -10.45 -50.94 33.67
CA ASN A 194 -9.02 -50.85 33.93
C ASN A 194 -8.47 -49.47 33.65
N TYR A 195 -9.08 -48.79 32.69
CA TYR A 195 -8.58 -47.51 32.22
C TYR A 195 -9.17 -46.31 32.96
N LEU A 196 -9.74 -46.54 34.15
CA LEU A 196 -10.34 -45.46 34.92
C LEU A 196 -9.26 -44.54 35.50
N LEU A 197 -9.31 -43.27 35.11
CA LEU A 197 -8.43 -42.24 35.68
C LEU A 197 -8.93 -41.74 37.03
N SER A 198 -8.04 -41.10 37.78
CA SER A 198 -8.36 -40.61 39.12
C SER A 198 -8.90 -39.19 39.10
N PRO B 10 -18.12 -5.71 1.98
CA PRO B 10 -18.11 -4.31 1.51
C PRO B 10 -19.49 -3.85 1.05
N THR B 11 -20.50 -4.71 1.20
CA THR B 11 -21.86 -4.41 0.76
C THR B 11 -21.94 -4.35 -0.77
N ARG B 12 -23.05 -4.86 -1.30
CA ARG B 12 -23.31 -4.82 -2.74
C ARG B 12 -23.65 -3.39 -3.17
N THR B 13 -23.24 -3.02 -4.38
CA THR B 13 -23.57 -1.70 -4.90
C THR B 13 -24.59 -1.75 -6.04
N LEU B 14 -25.41 -0.72 -6.10
CA LEU B 14 -26.42 -0.58 -7.15
C LEU B 14 -26.09 0.62 -8.03
N VAL B 15 -26.09 0.41 -9.34
CA VAL B 15 -25.79 1.48 -10.28
C VAL B 15 -26.98 1.81 -11.20
N MET B 16 -27.38 3.08 -11.20
CA MET B 16 -28.42 3.56 -12.08
C MET B 16 -27.82 4.05 -13.38
N THR B 17 -28.56 3.88 -14.46
CA THR B 17 -28.12 4.34 -15.77
C THR B 17 -29.35 4.72 -16.57
N SER B 18 -29.18 5.68 -17.49
CA SER B 18 -30.26 6.24 -18.29
C SER B 18 -31.46 6.59 -17.46
N MET B 19 -31.20 7.23 -16.33
CA MET B 19 -32.22 7.41 -15.31
C MET B 19 -32.53 8.88 -15.12
N PRO B 20 -33.77 9.28 -15.40
CA PRO B 20 -34.26 10.65 -15.16
C PRO B 20 -34.11 11.02 -13.69
N SER B 21 -33.82 12.28 -13.43
CA SER B 21 -33.53 12.79 -12.09
C SER B 21 -34.57 12.27 -11.08
N GLU B 22 -35.83 12.52 -11.43
CA GLU B 22 -36.97 12.17 -10.59
C GLU B 22 -36.95 10.70 -10.14
N LYS B 23 -36.60 9.82 -11.06
CA LYS B 23 -36.55 8.41 -10.77
C LYS B 23 -35.33 8.10 -9.88
N GLN B 24 -34.22 8.78 -10.14
CA GLN B 24 -33.04 8.66 -9.27
C GLN B 24 -33.43 8.97 -7.84
N ASN B 25 -34.10 10.10 -7.65
CA ASN B 25 -34.56 10.43 -6.28
C ASN B 25 -35.31 9.29 -5.58
N VAL B 26 -36.31 8.75 -6.28
CA VAL B 26 -37.11 7.62 -5.82
C VAL B 26 -36.20 6.44 -5.49
N VAL B 27 -35.34 6.04 -6.41
CA VAL B 27 -34.38 4.98 -6.11
C VAL B 27 -33.63 5.27 -4.81
N ILE B 28 -33.11 6.49 -4.66
CA ILE B 28 -32.41 6.80 -3.41
C ILE B 28 -33.30 6.60 -2.19
N GLN B 29 -34.49 7.18 -2.21
CA GLN B 29 -35.46 6.89 -1.16
C GLN B 29 -35.59 5.39 -0.85
N VAL B 30 -35.94 4.63 -1.88
CA VAL B 30 -36.22 3.21 -1.67
C VAL B 30 -35.01 2.46 -1.14
N VAL B 31 -33.83 2.77 -1.68
CA VAL B 31 -32.61 2.10 -1.22
C VAL B 31 -32.36 2.44 0.22
N ASP B 32 -32.51 3.72 0.56
CA ASP B 32 -32.30 4.08 1.95
C ASP B 32 -33.38 3.51 2.84
N LYS B 33 -34.58 3.30 2.31
CA LYS B 33 -35.62 2.69 3.13
C LYS B 33 -35.41 1.18 3.33
N LEU B 34 -35.10 0.46 2.26
CA LEU B 34 -34.99 -0.99 2.31
C LEU B 34 -33.60 -1.45 2.70
N LYS B 35 -32.62 -0.55 2.58
CA LYS B 35 -31.25 -0.85 2.96
C LYS B 35 -30.73 -1.97 2.09
N GLY B 36 -29.56 -2.49 2.44
CA GLY B 36 -28.99 -3.64 1.76
C GLY B 36 -28.21 -3.27 0.52
N PHE B 37 -28.18 -1.97 0.21
CA PHE B 37 -27.46 -1.51 -0.97
C PHE B 37 -26.72 -0.22 -0.71
N SER B 38 -25.62 -0.05 -1.42
CA SER B 38 -25.00 1.25 -1.57
C SER B 38 -25.11 1.69 -3.03
N ILE B 39 -25.51 2.93 -3.27
CA ILE B 39 -25.55 3.43 -4.65
C ILE B 39 -24.16 3.84 -5.12
N ALA B 40 -23.85 3.52 -6.37
CA ALA B 40 -22.55 3.84 -6.95
C ALA B 40 -22.73 4.50 -8.30
N PRO B 41 -21.88 5.49 -8.61
CA PRO B 41 -21.88 6.19 -9.91
C PRO B 41 -21.61 5.27 -11.11
N ASP B 42 -20.66 4.34 -10.96
CA ASP B 42 -20.25 3.48 -12.07
C ASP B 42 -20.07 2.05 -11.61
N VAL B 43 -20.22 1.12 -12.55
CA VAL B 43 -20.11 -0.30 -12.24
C VAL B 43 -18.68 -0.69 -11.86
N CYS B 44 -18.53 -1.42 -10.76
CA CYS B 44 -17.23 -1.89 -10.28
C CYS B 44 -17.35 -3.30 -9.69
N GLU B 45 -16.29 -3.76 -9.01
CA GLU B 45 -16.25 -5.12 -8.51
C GLU B 45 -17.42 -5.45 -7.57
N THR B 46 -17.90 -4.45 -6.85
CA THR B 46 -18.91 -4.67 -5.82
C THR B 46 -20.35 -4.65 -6.35
N THR B 47 -20.53 -4.16 -7.58
CA THR B 47 -21.86 -4.00 -8.16
C THR B 47 -22.53 -5.36 -8.34
N THR B 48 -23.83 -5.42 -8.03
CA THR B 48 -24.59 -6.64 -8.21
C THR B 48 -25.86 -6.37 -9.02
N HIS B 49 -26.33 -5.13 -8.99
CA HIS B 49 -27.53 -4.75 -9.72
C HIS B 49 -27.33 -3.44 -10.47
N VAL B 50 -27.77 -3.40 -11.72
CA VAL B 50 -27.75 -2.18 -12.53
C VAL B 50 -29.14 -1.79 -13.02
N LEU B 51 -29.69 -0.72 -12.46
CA LEU B 51 -31.03 -0.27 -12.82
C LEU B 51 -31.02 0.72 -13.98
N SER B 52 -31.88 0.49 -14.95
CA SER B 52 -31.91 1.32 -16.14
C SER B 52 -33.28 1.91 -16.32
N GLY B 53 -33.34 3.24 -16.44
CA GLY B 53 -34.58 3.96 -16.70
C GLY B 53 -35.14 3.70 -18.08
N LYS B 54 -34.25 3.61 -19.04
CA LYS B 54 -34.63 3.28 -20.40
C LYS B 54 -33.58 2.30 -20.91
N PRO B 55 -33.99 1.30 -21.69
CA PRO B 55 -33.11 0.20 -22.10
C PRO B 55 -32.12 0.59 -23.16
N LEU B 56 -31.13 1.40 -22.78
CA LEU B 56 -30.13 1.85 -23.74
C LEU B 56 -28.81 1.20 -23.39
N ARG B 57 -28.02 0.87 -24.40
CA ARG B 57 -26.72 0.27 -24.15
C ARG B 57 -25.73 1.34 -23.75
N THR B 58 -25.66 1.60 -22.45
CA THR B 58 -24.68 2.52 -21.90
C THR B 58 -23.47 1.74 -21.42
N LEU B 59 -22.47 2.46 -20.96
CA LEU B 59 -21.24 1.85 -20.50
C LEU B 59 -21.60 0.94 -19.34
N ASN B 60 -22.35 1.49 -18.39
CA ASN B 60 -22.72 0.74 -17.20
C ASN B 60 -23.48 -0.54 -17.52
N VAL B 61 -24.37 -0.50 -18.49
CA VAL B 61 -25.08 -1.69 -18.95
C VAL B 61 -24.09 -2.74 -19.44
N LEU B 62 -23.19 -2.33 -20.33
CA LEU B 62 -22.16 -3.24 -20.79
C LEU B 62 -21.39 -3.84 -19.63
N LEU B 63 -20.93 -2.98 -18.72
CA LEU B 63 -20.11 -3.45 -17.60
C LEU B 63 -20.86 -4.47 -16.76
N GLY B 64 -22.13 -4.13 -16.50
CA GLY B 64 -23.02 -4.99 -15.76
C GLY B 64 -23.06 -6.34 -16.44
N ILE B 65 -23.39 -6.34 -17.72
CA ILE B 65 -23.39 -7.59 -18.45
C ILE B 65 -22.03 -8.30 -18.33
N ALA B 66 -20.95 -7.55 -18.38
CA ALA B 66 -19.63 -8.14 -18.30
C ALA B 66 -19.40 -8.84 -16.95
N ARG B 67 -19.78 -8.19 -15.85
CA ARG B 67 -19.61 -8.76 -14.52
C ARG B 67 -20.74 -9.71 -14.09
N GLY B 68 -21.70 -9.94 -14.98
CA GLY B 68 -22.82 -10.81 -14.68
C GLY B 68 -23.75 -10.24 -13.63
N CYS B 69 -23.97 -8.92 -13.66
CA CYS B 69 -24.87 -8.28 -12.73
C CYS B 69 -26.32 -8.51 -13.17
N TRP B 70 -27.25 -8.04 -12.35
CA TRP B 70 -28.64 -7.97 -12.71
C TRP B 70 -28.85 -6.66 -13.45
N VAL B 71 -29.27 -6.74 -14.70
CA VAL B 71 -29.63 -5.57 -15.47
C VAL B 71 -31.14 -5.42 -15.51
N LEU B 72 -31.68 -4.54 -14.69
CA LEU B 72 -33.12 -4.47 -14.51
C LEU B 72 -33.74 -3.14 -14.93
N SER B 73 -35.06 -3.12 -15.09
CA SER B 73 -35.79 -1.90 -15.42
C SER B 73 -36.15 -1.22 -14.12
N TYR B 74 -36.67 -0.01 -14.21
CA TYR B 74 -36.89 0.79 -13.02
C TYR B 74 -38.02 0.21 -12.17
N ASP B 75 -39.01 -0.34 -12.87
CA ASP B 75 -40.14 -0.95 -12.18
C ASP B 75 -39.76 -1.73 -10.90
N TRP B 76 -38.65 -2.49 -10.96
CA TRP B 76 -38.20 -3.33 -9.84
C TRP B 76 -38.23 -2.56 -8.51
N VAL B 77 -37.93 -1.26 -8.58
CA VAL B 77 -37.84 -0.42 -7.41
C VAL B 77 -39.22 -0.04 -6.90
N LEU B 78 -40.22 0.02 -7.78
CA LEU B 78 -41.53 0.50 -7.36
C LEU B 78 -42.28 -0.59 -6.60
N TRP B 79 -42.15 -1.81 -7.08
CA TRP B 79 -42.80 -2.93 -6.44
C TRP B 79 -42.11 -3.28 -5.13
N SER B 80 -40.78 -3.11 -5.06
CA SER B 80 -40.10 -3.37 -3.79
C SER B 80 -40.56 -2.40 -2.72
N LEU B 81 -40.79 -1.15 -3.11
CA LEU B 81 -41.23 -0.17 -2.14
C LEU B 81 -42.58 -0.56 -1.56
N GLU B 82 -43.49 -0.98 -2.42
CA GLU B 82 -44.85 -1.22 -2.00
C GLU B 82 -44.99 -2.52 -1.22
N LEU B 83 -44.10 -3.46 -1.50
CA LEU B 83 -44.11 -4.75 -0.84
C LEU B 83 -43.21 -4.77 0.38
N GLY B 84 -42.49 -3.68 0.59
CA GLY B 84 -41.72 -3.49 1.81
C GLY B 84 -40.37 -4.20 1.84
N HIS B 85 -39.98 -4.81 0.73
CA HIS B 85 -38.72 -5.52 0.67
C HIS B 85 -38.29 -5.67 -0.77
N TRP B 86 -37.02 -6.01 -1.01
CA TRP B 86 -36.54 -6.29 -2.36
C TRP B 86 -37.20 -7.54 -2.89
N ILE B 87 -37.86 -7.41 -4.03
CA ILE B 87 -38.58 -8.53 -4.61
C ILE B 87 -37.79 -9.22 -5.73
N SER B 88 -38.43 -10.18 -6.41
CA SER B 88 -37.76 -10.93 -7.46
C SER B 88 -37.24 -9.99 -8.50
N GLU B 89 -35.99 -10.21 -8.89
CA GLU B 89 -35.35 -9.35 -9.85
C GLU B 89 -35.65 -9.87 -11.26
N GLU B 90 -35.69 -11.18 -11.42
CA GLU B 90 -35.72 -11.79 -12.76
C GLU B 90 -36.89 -11.36 -13.65
N PRO B 91 -38.05 -11.06 -13.05
CA PRO B 91 -39.16 -10.57 -13.87
C PRO B 91 -38.86 -9.20 -14.50
N PHE B 92 -37.91 -8.46 -13.95
CA PHE B 92 -37.59 -7.15 -14.51
C PHE B 92 -36.24 -7.12 -15.23
N GLU B 93 -35.71 -8.29 -15.54
CA GLU B 93 -34.45 -8.41 -16.22
C GLU B 93 -34.66 -8.03 -17.69
N LEU B 94 -33.74 -7.24 -18.23
CA LEU B 94 -33.81 -6.80 -19.62
C LEU B 94 -33.21 -7.82 -20.61
N SER B 95 -33.86 -8.97 -20.76
CA SER B 95 -33.35 -10.05 -21.61
C SER B 95 -33.58 -9.79 -23.10
N HIS B 96 -34.66 -9.10 -23.42
CA HIS B 96 -35.01 -8.84 -24.81
C HIS B 96 -33.95 -7.96 -25.46
N HIS B 97 -33.69 -6.80 -24.86
CA HIS B 97 -32.72 -5.87 -25.41
C HIS B 97 -31.29 -6.35 -25.22
N PHE B 98 -31.05 -7.11 -24.16
CA PHE B 98 -29.71 -7.55 -23.87
C PHE B 98 -29.70 -9.03 -23.49
N PRO B 99 -29.70 -9.90 -24.50
CA PRO B 99 -29.79 -11.35 -24.30
C PRO B 99 -28.70 -11.88 -23.38
N ALA B 100 -27.58 -11.19 -23.30
CA ALA B 100 -26.43 -11.67 -22.55
C ALA B 100 -26.63 -11.47 -21.06
N ALA B 101 -27.55 -10.60 -20.70
CA ALA B 101 -27.76 -10.27 -19.30
C ALA B 101 -28.09 -11.51 -18.46
N PRO B 102 -29.20 -12.20 -18.79
CA PRO B 102 -29.56 -13.45 -18.11
C PRO B 102 -28.46 -14.51 -18.19
N LEU B 103 -27.85 -14.69 -19.37
CA LEU B 103 -26.81 -15.69 -19.53
C LEU B 103 -25.65 -15.44 -18.58
N CYS B 104 -25.09 -14.25 -18.62
CA CYS B 104 -23.93 -13.92 -17.80
C CYS B 104 -24.29 -13.88 -16.32
N ARG B 105 -25.46 -13.36 -15.98
CA ARG B 105 -25.93 -13.42 -14.61
C ARG B 105 -25.95 -14.88 -14.12
N SER B 106 -26.57 -15.77 -14.91
CA SER B 106 -26.59 -17.21 -14.65
C SER B 106 -25.17 -17.76 -14.45
N GLU B 107 -24.31 -17.57 -15.44
CA GLU B 107 -22.91 -18.02 -15.35
C GLU B 107 -22.26 -17.56 -14.05
N CYS B 108 -22.43 -16.28 -13.74
CA CYS B 108 -21.89 -15.73 -12.51
C CYS B 108 -22.45 -16.49 -11.31
N HIS B 109 -23.78 -16.64 -11.25
CA HIS B 109 -24.40 -17.34 -10.12
C HIS B 109 -23.85 -18.78 -9.99
N LEU B 110 -23.82 -19.53 -11.10
CA LEU B 110 -23.36 -20.92 -11.05
C LEU B 110 -21.84 -21.08 -10.99
N SER B 111 -21.12 -19.96 -11.06
CA SER B 111 -19.67 -20.02 -11.12
C SER B 111 -19.06 -20.65 -9.87
N ALA B 112 -18.07 -21.50 -10.08
CA ALA B 112 -17.28 -22.05 -8.98
C ALA B 112 -16.22 -21.02 -8.59
N GLY B 113 -16.41 -20.38 -7.44
CA GLY B 113 -15.55 -19.29 -7.04
C GLY B 113 -15.94 -18.02 -7.79
N PRO B 114 -14.99 -17.10 -7.96
CA PRO B 114 -15.27 -15.82 -8.61
C PRO B 114 -15.57 -15.98 -10.10
N TYR B 115 -16.50 -15.20 -10.61
CA TYR B 115 -16.85 -15.24 -12.02
C TYR B 115 -15.82 -14.50 -12.88
N ARG B 116 -15.46 -15.14 -14.00
CA ARG B 116 -14.65 -14.51 -15.04
C ARG B 116 -15.15 -14.97 -16.41
N GLY B 117 -15.56 -14.01 -17.23
CA GLY B 117 -16.16 -14.29 -18.52
C GLY B 117 -15.18 -14.95 -19.46
N THR B 118 -15.69 -15.74 -20.40
CA THR B 118 -14.86 -16.55 -21.27
C THR B 118 -15.31 -16.41 -22.71
N LEU B 119 -16.04 -15.35 -23.00
CA LEU B 119 -16.53 -15.07 -24.35
C LEU B 119 -15.38 -14.79 -25.33
N PHE B 120 -14.31 -14.16 -24.85
CA PHE B 120 -13.12 -13.88 -25.67
C PHE B 120 -11.90 -14.75 -25.32
N ALA B 121 -12.13 -15.83 -24.58
CA ALA B 121 -11.04 -16.68 -24.12
C ALA B 121 -10.31 -17.32 -25.31
N ASP B 122 -11.09 -17.72 -26.31
CA ASP B 122 -10.52 -18.31 -27.53
C ASP B 122 -9.89 -17.24 -28.43
N GLN B 123 -10.41 -16.03 -28.38
CA GLN B 123 -9.95 -14.96 -29.28
C GLN B 123 -8.46 -14.66 -29.12
N PRO B 124 -7.81 -14.34 -30.25
CA PRO B 124 -6.38 -14.00 -30.27
C PRO B 124 -6.13 -12.72 -29.48
N VAL B 125 -4.88 -12.27 -29.44
CA VAL B 125 -4.54 -11.02 -28.79
C VAL B 125 -5.00 -9.84 -29.66
N MET B 126 -5.61 -8.83 -29.05
CA MET B 126 -6.11 -7.67 -29.79
CA MET B 126 -6.12 -7.66 -29.76
C MET B 126 -5.51 -6.37 -29.25
N PHE B 127 -5.35 -5.38 -30.14
CA PHE B 127 -4.93 -4.07 -29.69
C PHE B 127 -6.09 -3.10 -29.85
N VAL B 128 -6.37 -2.36 -28.78
CA VAL B 128 -7.47 -1.42 -28.75
C VAL B 128 -6.95 -0.02 -28.89
N SER B 129 -7.47 0.66 -29.92
CA SER B 129 -7.03 1.99 -30.29
C SER B 129 -7.21 2.92 -29.11
N PRO B 130 -6.19 3.73 -28.82
CA PRO B 130 -6.25 4.72 -27.73
C PRO B 130 -7.29 5.82 -27.98
N ALA B 131 -7.80 5.90 -29.21
CA ALA B 131 -8.85 6.87 -29.55
C ALA B 131 -10.19 6.16 -29.74
N SER B 132 -10.37 5.04 -29.07
CA SER B 132 -11.55 4.25 -29.27
C SER B 132 -12.70 4.86 -28.51
N SER B 133 -13.91 4.52 -28.92
CA SER B 133 -15.11 4.93 -28.22
C SER B 133 -16.02 3.71 -28.12
N PRO B 134 -16.33 3.28 -26.88
CA PRO B 134 -15.99 3.89 -25.60
C PRO B 134 -14.48 4.08 -25.37
N PRO B 135 -14.10 4.85 -24.34
CA PRO B 135 -12.70 5.12 -23.98
C PRO B 135 -11.84 3.88 -23.85
N VAL B 136 -10.67 3.92 -24.47
CA VAL B 136 -9.80 2.77 -24.56
C VAL B 136 -9.71 1.98 -23.25
N ALA B 137 -9.62 2.67 -22.11
CA ALA B 137 -9.50 2.01 -20.81
C ALA B 137 -10.67 1.09 -20.55
N LYS B 138 -11.85 1.68 -20.52
CA LYS B 138 -13.07 0.97 -20.21
C LYS B 138 -13.35 -0.13 -21.23
N LEU B 139 -13.04 0.13 -22.50
CA LEU B 139 -13.21 -0.87 -23.52
C LEU B 139 -12.27 -2.07 -23.24
N CYS B 140 -11.01 -1.75 -22.94
CA CYS B 140 -10.07 -2.78 -22.56
C CYS B 140 -10.57 -3.54 -21.33
N GLU B 141 -11.14 -2.82 -20.37
CA GLU B 141 -11.77 -3.47 -19.24
C GLU B 141 -12.78 -4.48 -19.78
N LEU B 142 -13.73 -4.01 -20.60
CA LEU B 142 -14.70 -4.94 -21.20
C LEU B 142 -14.00 -6.17 -21.75
N VAL B 143 -12.97 -5.96 -22.56
CA VAL B 143 -12.27 -7.12 -23.14
C VAL B 143 -11.75 -8.06 -22.04
N HIS B 144 -11.08 -7.49 -21.05
CA HIS B 144 -10.52 -8.23 -19.93
C HIS B 144 -11.59 -9.05 -19.23
N LEU B 145 -12.72 -8.42 -18.91
CA LEU B 145 -13.77 -9.13 -18.19
C LEU B 145 -14.43 -10.23 -19.02
N CYS B 146 -14.13 -10.29 -20.30
CA CYS B 146 -14.65 -11.36 -21.13
C CYS B 146 -13.56 -12.37 -21.51
N GLY B 147 -12.43 -12.32 -20.81
CA GLY B 147 -11.38 -13.31 -20.99
C GLY B 147 -10.50 -13.04 -22.21
N GLY B 148 -10.61 -11.86 -22.77
CA GLY B 148 -9.79 -11.47 -23.90
C GLY B 148 -8.43 -10.97 -23.48
N ARG B 149 -7.48 -10.99 -24.42
CA ARG B 149 -6.12 -10.55 -24.14
C ARG B 149 -5.81 -9.27 -24.92
N VAL B 150 -5.27 -8.27 -24.22
CA VAL B 150 -4.91 -7.00 -24.85
C VAL B 150 -3.41 -6.82 -24.94
N SER B 151 -2.95 -6.43 -26.13
CA SER B 151 -1.55 -6.13 -26.38
C SER B 151 -1.35 -4.64 -26.36
N GLN B 152 -0.28 -4.17 -25.74
CA GLN B 152 0.11 -2.76 -25.84
C GLN B 152 0.66 -2.41 -27.23
N VAL B 153 1.01 -3.44 -27.99
CA VAL B 153 1.74 -3.28 -29.23
C VAL B 153 0.96 -3.88 -30.38
N PRO B 154 0.59 -3.06 -31.36
CA PRO B 154 -0.14 -3.47 -32.57
C PRO B 154 0.49 -4.64 -33.33
N ARG B 155 1.81 -4.69 -33.41
CA ARG B 155 2.51 -5.74 -34.16
C ARG B 155 2.31 -7.14 -33.55
N GLN B 156 2.17 -7.21 -32.23
CA GLN B 156 1.88 -8.47 -31.52
C GLN B 156 0.46 -8.98 -31.78
N ALA B 157 -0.49 -8.04 -31.92
CA ALA B 157 -1.92 -8.33 -32.02
C ALA B 157 -2.33 -8.82 -33.41
N SER B 158 -3.29 -9.73 -33.47
CA SER B 158 -3.84 -10.19 -34.75
C SER B 158 -5.20 -9.54 -35.01
N ILE B 159 -5.56 -8.59 -34.15
CA ILE B 159 -6.82 -7.89 -34.29
C ILE B 159 -6.69 -6.48 -33.72
N VAL B 160 -7.01 -5.49 -34.54
CA VAL B 160 -6.94 -4.11 -34.12
C VAL B 160 -8.35 -3.54 -34.09
N ILE B 161 -8.74 -3.09 -32.90
CA ILE B 161 -10.09 -2.57 -32.66
C ILE B 161 -10.04 -1.05 -32.53
N GLY B 162 -10.86 -0.37 -33.31
CA GLY B 162 -10.88 1.08 -33.26
C GLY B 162 -10.04 1.73 -34.33
N PRO B 163 -9.97 3.08 -34.33
CA PRO B 163 -9.26 3.92 -35.31
C PRO B 163 -7.75 3.65 -35.45
N TYR B 164 -7.34 3.13 -36.60
CA TYR B 164 -5.93 2.78 -36.84
C TYR B 164 -5.41 3.29 -38.18
N SER B 165 -4.59 4.32 -38.13
CA SER B 165 -4.04 4.93 -39.36
C SER B 165 -2.68 4.35 -39.72
N GLY B 166 -2.28 3.26 -39.08
CA GLY B 166 -0.99 2.66 -39.34
C GLY B 166 -1.01 1.75 -40.54
N LYS B 167 0.10 1.02 -40.72
CA LYS B 167 0.23 0.06 -41.80
C LYS B 167 -0.67 -1.15 -41.56
N LYS B 168 -1.34 -1.61 -42.63
CA LYS B 168 -2.27 -2.73 -42.54
C LYS B 168 -1.73 -4.01 -43.18
N LYS B 169 -1.72 -5.09 -42.41
CA LYS B 169 -1.28 -6.39 -42.91
C LYS B 169 -2.48 -7.25 -43.25
N ALA B 170 -2.34 -8.08 -44.29
CA ALA B 170 -3.41 -8.98 -44.68
C ALA B 170 -3.74 -9.95 -43.55
N THR B 171 -2.75 -10.28 -42.73
CA THR B 171 -2.93 -11.21 -41.63
C THR B 171 -3.79 -10.62 -40.52
N VAL B 172 -3.59 -9.33 -40.24
CA VAL B 172 -4.31 -8.66 -39.17
C VAL B 172 -5.75 -8.33 -39.56
N LYS B 173 -6.65 -8.33 -38.58
CA LYS B 173 -8.05 -7.95 -38.78
C LYS B 173 -8.36 -6.61 -38.13
N TYR B 174 -8.90 -5.67 -38.89
CA TYR B 174 -9.18 -4.33 -38.36
C TYR B 174 -10.66 -4.09 -38.20
N LEU B 175 -11.12 -4.01 -36.95
CA LEU B 175 -12.54 -4.00 -36.67
C LEU B 175 -12.97 -2.81 -35.83
N SER B 176 -14.26 -2.49 -35.90
CA SER B 176 -14.81 -1.36 -35.14
C SER B 176 -15.04 -1.78 -33.71
N GLU B 177 -15.19 -0.80 -32.85
CA GLU B 177 -15.34 -1.04 -31.43
C GLU B 177 -16.62 -1.88 -31.22
N LYS B 178 -17.63 -1.59 -32.03
CA LYS B 178 -18.93 -2.26 -31.89
C LYS B 178 -18.85 -3.77 -32.05
N TRP B 179 -17.75 -4.27 -32.58
CA TRP B 179 -17.57 -5.71 -32.66
C TRP B 179 -17.49 -6.27 -31.26
N VAL B 180 -16.84 -5.54 -30.35
CA VAL B 180 -16.67 -6.03 -28.99
C VAL B 180 -18.01 -5.90 -28.25
N LEU B 181 -18.66 -4.74 -28.42
CA LEU B 181 -19.95 -4.48 -27.76
C LEU B 181 -21.00 -5.53 -28.18
N ASP B 182 -21.31 -5.55 -29.48
CA ASP B 182 -22.30 -6.47 -30.01
C ASP B 182 -22.06 -7.91 -29.59
N SER B 183 -20.78 -8.31 -29.53
CA SER B 183 -20.45 -9.68 -29.14
C SER B 183 -20.74 -9.89 -27.66
N ILE B 184 -20.69 -8.82 -26.87
CA ILE B 184 -20.90 -8.91 -25.44
C ILE B 184 -22.40 -8.86 -25.20
N THR B 185 -23.10 -8.13 -26.07
CA THR B 185 -24.53 -7.92 -25.94
C THR B 185 -25.24 -9.19 -26.32
N GLN B 186 -24.68 -9.88 -27.31
CA GLN B 186 -25.26 -11.12 -27.81
C GLN B 186 -24.66 -12.31 -27.10
N HIS B 187 -23.54 -12.10 -26.42
CA HIS B 187 -22.81 -13.20 -25.80
C HIS B 187 -22.34 -14.21 -26.85
N LYS B 188 -22.37 -13.80 -28.11
CA LYS B 188 -22.01 -14.67 -29.21
C LYS B 188 -21.09 -13.86 -30.12
N VAL B 189 -19.84 -14.30 -30.25
CA VAL B 189 -18.85 -13.59 -31.06
C VAL B 189 -19.35 -13.43 -32.50
N CYS B 190 -19.46 -12.17 -32.95
CA CYS B 190 -20.04 -11.87 -34.25
C CYS B 190 -19.04 -12.03 -35.39
N ALA B 191 -19.55 -12.11 -36.61
CA ALA B 191 -18.70 -12.30 -37.79
C ALA B 191 -17.95 -11.02 -38.12
N PRO B 192 -16.61 -11.10 -38.15
CA PRO B 192 -15.75 -9.94 -38.40
C PRO B 192 -16.13 -9.21 -39.69
N GLU B 193 -16.53 -9.97 -40.70
CA GLU B 193 -16.77 -9.42 -42.04
C GLU B 193 -17.66 -8.19 -42.02
N ASN B 194 -18.61 -8.15 -41.09
CA ASN B 194 -19.56 -7.07 -41.00
C ASN B 194 -18.96 -5.83 -40.36
N TYR B 195 -17.97 -6.02 -39.48
CA TYR B 195 -17.40 -4.91 -38.71
C TYR B 195 -16.07 -4.44 -39.29
N LEU B 196 -15.77 -4.83 -40.52
CA LEU B 196 -14.50 -4.46 -41.13
C LEU B 196 -14.44 -2.95 -41.31
N LEU B 197 -13.28 -2.36 -41.07
CA LEU B 197 -13.07 -0.93 -41.26
C LEU B 197 -12.32 -0.68 -42.56
N SER B 198 -12.45 0.53 -43.08
CA SER B 198 -11.77 0.91 -44.32
C SER B 198 -11.28 2.36 -44.26
N LYS C 8 19.18 19.32 -7.46
CA LYS C 8 18.97 19.81 -6.11
C LYS C 8 19.15 18.70 -5.07
N LYS C 9 18.56 17.52 -5.31
CA LYS C 9 18.71 16.40 -4.37
C LYS C 9 20.19 16.11 -4.15
N PRO C 10 20.63 16.14 -2.88
CA PRO C 10 22.07 16.02 -2.64
C PRO C 10 22.56 14.59 -2.71
N THR C 11 23.85 14.44 -3.05
CA THR C 11 24.49 13.14 -3.13
C THR C 11 24.36 12.37 -1.84
N ARG C 12 23.85 11.14 -1.93
CA ARG C 12 23.60 10.36 -0.71
C ARG C 12 24.87 10.33 0.13
N THR C 13 24.70 10.22 1.45
CA THR C 13 25.85 10.07 2.32
C THR C 13 26.03 8.68 2.88
N LEU C 14 27.31 8.39 3.10
CA LEU C 14 27.78 7.22 3.78
C LEU C 14 28.37 7.74 5.09
N VAL C 15 28.12 7.03 6.19
CA VAL C 15 28.71 7.37 7.47
C VAL C 15 29.42 6.17 8.03
N MET C 16 30.68 6.34 8.42
CA MET C 16 31.45 5.26 9.02
C MET C 16 31.29 5.31 10.53
N THR C 17 31.23 4.15 11.17
CA THR C 17 31.17 4.08 12.62
C THR C 17 32.04 2.95 13.15
N SER C 18 32.72 3.20 14.28
CA SER C 18 33.67 2.25 14.89
C SER C 18 34.75 1.81 13.91
N MET C 19 35.18 2.74 13.10
CA MET C 19 36.07 2.43 12.01
C MET C 19 37.48 2.87 12.35
N PRO C 20 38.41 1.89 12.48
CA PRO C 20 39.83 2.18 12.71
C PRO C 20 40.34 3.11 11.62
N SER C 21 41.48 3.77 11.83
CA SER C 21 41.99 4.76 10.87
C SER C 21 42.24 4.16 9.49
N GLU C 22 42.97 3.05 9.47
CA GLU C 22 43.38 2.39 8.24
C GLU C 22 42.18 1.99 7.36
N LYS C 23 41.18 1.42 8.00
CA LYS C 23 39.96 1.05 7.31
C LYS C 23 39.29 2.29 6.73
N GLN C 24 39.24 3.38 7.50
CA GLN C 24 38.71 4.63 6.98
C GLN C 24 39.46 5.00 5.72
N ASN C 25 40.79 5.01 5.81
CA ASN C 25 41.63 5.27 4.63
C ASN C 25 41.13 4.45 3.42
N VAL C 26 41.10 3.14 3.60
CA VAL C 26 40.58 2.27 2.53
C VAL C 26 39.20 2.72 2.00
N VAL C 27 38.23 2.90 2.90
CA VAL C 27 36.89 3.35 2.50
C VAL C 27 36.98 4.63 1.66
N ILE C 28 37.82 5.56 2.09
CA ILE C 28 37.97 6.83 1.39
C ILE C 28 38.48 6.60 -0.03
N GLN C 29 39.55 5.82 -0.13
CA GLN C 29 40.06 5.48 -1.46
C GLN C 29 38.98 4.85 -2.34
N VAL C 30 38.26 3.87 -1.80
CA VAL C 30 37.26 3.19 -2.61
C VAL C 30 36.13 4.12 -3.06
N VAL C 31 35.69 4.97 -2.14
CA VAL C 31 34.67 5.94 -2.48
C VAL C 31 35.22 6.91 -3.52
N ASP C 32 36.50 7.24 -3.39
CA ASP C 32 37.14 8.13 -4.35
C ASP C 32 37.15 7.48 -5.73
N LYS C 33 37.51 6.20 -5.80
CA LYS C 33 37.50 5.51 -7.09
C LYS C 33 36.11 5.26 -7.69
N LEU C 34 35.16 4.77 -6.89
CA LEU C 34 33.86 4.40 -7.45
C LEU C 34 32.85 5.53 -7.51
N LYS C 35 33.09 6.58 -6.72
CA LYS C 35 32.22 7.77 -6.66
C LYS C 35 30.82 7.46 -6.16
N GLY C 36 29.87 8.36 -6.40
CA GLY C 36 28.48 8.13 -6.01
C GLY C 36 28.15 8.28 -4.53
N PHE C 37 29.09 8.84 -3.75
CA PHE C 37 28.89 8.98 -2.32
C PHE C 37 29.56 10.23 -1.78
N SER C 38 28.87 10.93 -0.89
CA SER C 38 29.54 11.87 -0.03
C SER C 38 29.76 11.20 1.32
N ILE C 39 30.72 11.69 2.08
CA ILE C 39 30.99 11.14 3.38
C ILE C 39 30.61 12.17 4.44
N ALA C 40 29.64 11.83 5.28
CA ALA C 40 29.26 12.68 6.40
C ALA C 40 29.83 12.20 7.76
N PRO C 41 30.10 13.16 8.67
CA PRO C 41 30.66 12.78 9.98
C PRO C 41 29.67 11.99 10.80
N ASP C 42 28.39 12.33 10.68
CA ASP C 42 27.37 11.61 11.43
C ASP C 42 26.11 11.46 10.60
N VAL C 43 25.23 10.59 11.05
CA VAL C 43 24.03 10.25 10.31
C VAL C 43 23.08 11.43 10.26
N CYS C 44 22.66 11.80 9.06
CA CYS C 44 21.70 12.89 8.86
C CYS C 44 20.63 12.40 7.90
N GLU C 45 19.86 13.31 7.31
CA GLU C 45 18.72 12.92 6.46
C GLU C 45 19.16 12.46 5.06
N THR C 46 20.35 12.87 4.66
CA THR C 46 20.84 12.46 3.35
C THR C 46 21.45 11.06 3.42
N THR C 47 21.78 10.61 4.63
CA THR C 47 22.51 9.37 4.81
C THR C 47 21.72 8.17 4.32
N THR C 48 22.38 7.30 3.56
CA THR C 48 21.71 6.07 3.15
C THR C 48 22.49 4.80 3.56
N HIS C 49 23.78 4.94 3.84
CA HIS C 49 24.62 3.78 4.10
C HIS C 49 25.50 4.04 5.29
N VAL C 50 25.41 3.16 6.27
CA VAL C 50 26.20 3.31 7.47
C VAL C 50 27.14 2.13 7.58
N LEU C 51 28.42 2.39 7.41
CA LEU C 51 29.39 1.34 7.54
C LEU C 51 29.91 1.25 8.97
N SER C 52 29.94 0.03 9.50
CA SER C 52 30.48 -0.26 10.82
C SER C 52 31.76 -1.12 10.72
N GLY C 53 32.84 -0.67 11.37
CA GLY C 53 34.08 -1.42 11.46
C GLY C 53 33.96 -2.56 12.46
N LYS C 54 33.31 -2.27 13.57
CA LYS C 54 33.01 -3.26 14.59
C LYS C 54 31.52 -3.15 14.96
N PRO C 55 30.87 -4.28 15.25
CA PRO C 55 29.43 -4.26 15.58
C PRO C 55 29.09 -3.67 16.96
N LEU C 56 29.25 -2.36 17.11
CA LEU C 56 28.95 -1.69 18.36
C LEU C 56 27.73 -0.80 18.18
N ARG C 57 26.82 -0.85 19.15
CA ARG C 57 25.65 0.01 19.10
C ARG C 57 26.03 1.42 19.50
N THR C 58 26.59 2.16 18.54
CA THR C 58 26.90 3.57 18.73
C THR C 58 25.72 4.42 18.32
N LEU C 59 25.85 5.72 18.48
CA LEU C 59 24.76 6.63 18.15
C LEU C 59 24.47 6.63 16.63
N ASN C 60 25.53 6.54 15.83
CA ASN C 60 25.35 6.50 14.38
C ASN C 60 24.59 5.24 13.90
N VAL C 61 24.86 4.12 14.52
CA VAL C 61 24.08 2.91 14.26
C VAL C 61 22.60 3.11 14.65
N LEU C 62 22.36 3.71 15.80
CA LEU C 62 20.98 3.90 16.23
C LEU C 62 20.22 4.83 15.28
N LEU C 63 20.84 5.96 14.94
CA LEU C 63 20.20 6.87 14.00
C LEU C 63 20.01 6.15 12.67
N GLY C 64 21.04 5.43 12.24
CA GLY C 64 20.98 4.69 10.99
C GLY C 64 19.73 3.84 11.00
N ILE C 65 19.60 2.97 12.00
CA ILE C 65 18.41 2.13 12.09
C ILE C 65 17.13 2.98 12.12
N ALA C 66 17.15 4.07 12.88
CA ALA C 66 15.97 4.93 12.95
C ALA C 66 15.54 5.49 11.59
N ARG C 67 16.51 5.88 10.76
CA ARG C 67 16.20 6.45 9.45
C ARG C 67 15.98 5.37 8.37
N GLY C 68 16.17 4.11 8.73
CA GLY C 68 15.96 3.03 7.78
C GLY C 68 17.14 2.72 6.86
N CYS C 69 18.35 3.17 7.21
CA CYS C 69 19.55 2.97 6.36
C CYS C 69 20.02 1.51 6.25
N TRP C 70 20.96 1.28 5.32
CA TRP C 70 21.75 0.06 5.32
C TRP C 70 22.79 0.11 6.42
N VAL C 71 22.84 -0.91 7.28
CA VAL C 71 23.89 -0.97 8.29
C VAL C 71 24.81 -2.15 8.01
N LEU C 72 25.95 -1.85 7.39
CA LEU C 72 26.73 -2.91 6.78
C LEU C 72 28.11 -3.00 7.34
N SER C 73 28.73 -4.15 7.14
CA SER C 73 30.09 -4.34 7.56
C SER C 73 31.05 -3.72 6.54
N TYR C 74 32.28 -3.57 6.98
CA TYR C 74 33.34 -3.01 6.18
C TYR C 74 33.47 -3.79 4.86
N ASP C 75 33.28 -5.10 4.95
CA ASP C 75 33.48 -6.01 3.82
C ASP C 75 32.84 -5.49 2.55
N TRP C 76 31.63 -4.97 2.68
CA TRP C 76 30.87 -4.45 1.55
C TRP C 76 31.75 -3.57 0.65
N VAL C 77 32.57 -2.75 1.28
CA VAL C 77 33.35 -1.75 0.56
C VAL C 77 34.46 -2.48 -0.17
N LEU C 78 34.93 -3.59 0.40
CA LEU C 78 36.09 -4.30 -0.16
C LEU C 78 35.68 -5.08 -1.41
N TRP C 79 34.46 -5.60 -1.42
CA TRP C 79 33.96 -6.42 -2.51
C TRP C 79 33.41 -5.53 -3.60
N SER C 80 33.01 -4.33 -3.24
CA SER C 80 32.63 -3.38 -4.26
C SER C 80 33.90 -3.06 -5.03
N LEU C 81 35.00 -2.85 -4.31
CA LEU C 81 36.26 -2.45 -4.95
C LEU C 81 36.80 -3.54 -5.86
N GLU C 82 36.58 -4.77 -5.45
CA GLU C 82 36.99 -5.92 -6.23
C GLU C 82 36.17 -6.02 -7.54
N LEU C 83 34.88 -5.73 -7.47
CA LEU C 83 33.98 -5.90 -8.61
C LEU C 83 33.83 -4.62 -9.46
N GLY C 84 34.46 -3.54 -9.00
CA GLY C 84 34.48 -2.30 -9.75
C GLY C 84 33.25 -1.43 -9.63
N HIS C 85 32.35 -1.79 -8.71
CA HIS C 85 31.13 -1.01 -8.51
C HIS C 85 30.42 -1.44 -7.23
N TRP C 86 29.49 -0.60 -6.79
CA TRP C 86 28.71 -0.89 -5.59
C TRP C 86 27.80 -2.06 -5.87
N ILE C 87 27.92 -3.09 -5.04
CA ILE C 87 27.16 -4.32 -5.18
C ILE C 87 26.02 -4.36 -4.19
N SER C 88 25.34 -5.49 -4.09
CA SER C 88 24.18 -5.64 -3.21
C SER C 88 24.58 -5.60 -1.74
N GLU C 89 23.82 -4.83 -0.96
CA GLU C 89 24.23 -4.53 0.39
C GLU C 89 23.82 -5.60 1.41
N GLU C 90 22.73 -6.31 1.16
CA GLU C 90 22.13 -7.22 2.14
C GLU C 90 23.08 -8.31 2.67
N PRO C 91 23.94 -8.87 1.82
CA PRO C 91 24.86 -9.89 2.30
C PRO C 91 25.84 -9.39 3.37
N PHE C 92 25.96 -8.08 3.52
CA PHE C 92 26.85 -7.48 4.53
C PHE C 92 26.05 -6.68 5.54
N GLU C 93 24.75 -6.94 5.61
CA GLU C 93 23.89 -6.24 6.55
C GLU C 93 23.98 -6.89 7.95
N LEU C 94 24.20 -6.07 8.98
CA LEU C 94 24.41 -6.59 10.33
C LEU C 94 23.09 -6.91 11.06
N SER C 95 22.45 -8.01 10.69
CA SER C 95 21.11 -8.31 11.17
C SER C 95 21.12 -8.96 12.54
N HIS C 96 22.07 -9.85 12.77
CA HIS C 96 22.18 -10.58 14.02
C HIS C 96 22.35 -9.62 15.20
N HIS C 97 23.26 -8.66 15.08
CA HIS C 97 23.47 -7.69 16.15
C HIS C 97 22.34 -6.68 16.26
N PHE C 98 21.74 -6.33 15.13
CA PHE C 98 20.69 -5.32 15.11
C PHE C 98 19.52 -5.76 14.27
N PRO C 99 18.60 -6.53 14.86
CA PRO C 99 17.45 -7.11 14.16
C PRO C 99 16.56 -6.05 13.51
N ALA C 100 16.62 -4.83 14.01
CA ALA C 100 15.80 -3.76 13.47
C ALA C 100 16.32 -3.19 12.15
N ALA C 101 17.63 -3.28 11.92
CA ALA C 101 18.23 -2.74 10.71
C ALA C 101 17.45 -3.18 9.46
N PRO C 102 17.38 -4.51 9.22
CA PRO C 102 16.62 -5.03 8.07
C PRO C 102 15.17 -4.54 8.08
N LEU C 103 14.45 -4.69 9.19
CA LEU C 103 13.05 -4.28 9.28
C LEU C 103 12.87 -2.82 8.81
N CYS C 104 13.54 -1.91 9.50
CA CYS C 104 13.40 -0.48 9.22
C CYS C 104 13.86 -0.15 7.81
N ARG C 105 14.93 -0.78 7.35
CA ARG C 105 15.33 -0.65 5.96
C ARG C 105 14.20 -1.01 4.97
N SER C 106 13.66 -2.22 5.14
CA SER C 106 12.53 -2.67 4.33
C SER C 106 11.43 -1.63 4.36
N GLU C 107 11.01 -1.23 5.57
CA GLU C 107 9.97 -0.21 5.66
C GLU C 107 10.34 1.06 4.87
N CYS C 108 11.57 1.52 5.06
CA CYS C 108 12.05 2.71 4.36
C CYS C 108 11.83 2.50 2.86
N HIS C 109 12.44 1.46 2.31
CA HIS C 109 12.34 1.23 0.85
C HIS C 109 10.88 1.13 0.40
N LEU C 110 10.09 0.36 1.15
CA LEU C 110 8.67 0.12 0.87
C LEU C 110 7.74 1.30 1.16
N SER C 111 8.23 2.33 1.82
CA SER C 111 7.38 3.44 2.22
C SER C 111 6.84 4.23 1.01
N ALA C 112 5.55 4.58 1.09
CA ALA C 112 4.93 5.47 0.12
C ALA C 112 5.09 6.89 0.60
N GLY C 113 5.82 7.71 -0.15
CA GLY C 113 6.23 9.00 0.36
C GLY C 113 7.44 8.82 1.28
N PRO C 114 7.93 9.93 1.88
CA PRO C 114 9.03 9.83 2.84
C PRO C 114 8.74 8.99 4.07
N TYR C 115 9.70 8.16 4.42
CA TYR C 115 9.57 7.23 5.53
C TYR C 115 9.55 7.95 6.88
N ARG C 116 8.60 7.54 7.73
CA ARG C 116 8.52 8.01 9.10
C ARG C 116 8.24 6.84 10.04
N GLY C 117 9.18 6.59 10.95
CA GLY C 117 9.07 5.49 11.90
C GLY C 117 7.79 5.54 12.70
N THR C 118 7.26 4.38 13.07
CA THR C 118 5.98 4.30 13.75
C THR C 118 6.08 3.43 15.01
N LEU C 119 7.31 3.20 15.45
CA LEU C 119 7.56 2.32 16.59
C LEU C 119 6.96 2.87 17.88
N PHE C 120 7.01 4.19 18.06
CA PHE C 120 6.54 4.83 19.30
C PHE C 120 5.21 5.56 19.11
N ALA C 121 4.50 5.25 18.03
CA ALA C 121 3.25 5.93 17.70
C ALA C 121 2.16 5.68 18.75
N ASP C 122 2.11 4.46 19.25
CA ASP C 122 1.11 4.09 20.25
C ASP C 122 1.44 4.67 21.62
N GLN C 123 2.71 5.00 21.85
CA GLN C 123 3.18 5.46 23.15
C GLN C 123 2.72 6.87 23.44
N PRO C 124 2.49 7.17 24.74
CA PRO C 124 2.12 8.50 25.24
C PRO C 124 3.30 9.45 25.24
N VAL C 125 3.01 10.74 25.43
CA VAL C 125 4.05 11.76 25.43
C VAL C 125 5.10 11.43 26.46
N MET C 126 6.34 11.78 26.14
CA MET C 126 7.48 11.48 26.99
C MET C 126 8.24 12.75 27.26
N PHE C 127 8.89 12.80 28.40
CA PHE C 127 9.85 13.85 28.65
C PHE C 127 11.20 13.22 28.86
N VAL C 128 12.19 13.70 28.11
CA VAL C 128 13.55 13.19 28.19
C VAL C 128 14.41 14.14 29.00
N SER C 129 15.18 13.58 29.92
CA SER C 129 16.00 14.35 30.83
C SER C 129 17.05 15.15 30.07
N PRO C 130 17.23 16.42 30.43
CA PRO C 130 18.29 17.24 29.83
C PRO C 130 19.68 16.76 30.26
N ALA C 131 19.71 15.80 31.18
CA ALA C 131 20.98 15.21 31.60
C ALA C 131 21.03 13.73 31.21
N SER C 132 20.43 13.39 30.08
CA SER C 132 20.45 12.01 29.64
C SER C 132 21.73 11.63 28.90
N SER C 133 21.93 10.32 28.83
CA SER C 133 22.99 9.73 28.04
C SER C 133 22.39 8.58 27.19
N PRO C 134 22.44 8.70 25.86
CA PRO C 134 23.14 9.75 25.11
C PRO C 134 22.51 11.12 25.26
N PRO C 135 23.19 12.16 24.77
CA PRO C 135 22.74 13.54 24.87
C PRO C 135 21.30 13.71 24.49
N VAL C 136 20.58 14.50 25.27
CA VAL C 136 19.15 14.67 25.12
C VAL C 136 18.76 14.91 23.68
N ALA C 137 19.45 15.84 23.01
CA ALA C 137 19.10 16.19 21.63
C ALA C 137 19.03 14.94 20.73
N LYS C 138 20.08 14.14 20.78
CA LYS C 138 20.16 12.96 19.95
C LYS C 138 19.12 11.90 20.34
N LEU C 139 18.86 11.79 21.64
CA LEU C 139 17.89 10.83 22.15
C LEU C 139 16.46 11.23 21.77
N CYS C 140 16.22 12.53 21.76
CA CYS C 140 14.95 13.08 21.31
C CYS C 140 14.83 12.92 19.81
N GLU C 141 15.92 13.12 19.10
CA GLU C 141 15.92 12.80 17.69
C GLU C 141 15.50 11.33 17.51
N LEU C 142 16.19 10.40 18.18
CA LEU C 142 15.79 8.99 18.09
C LEU C 142 14.30 8.85 18.33
N VAL C 143 13.83 9.32 19.48
CA VAL C 143 12.40 9.15 19.79
C VAL C 143 11.50 9.70 18.67
N HIS C 144 11.77 10.95 18.27
CA HIS C 144 10.95 11.66 17.30
C HIS C 144 10.98 10.98 15.93
N LEU C 145 12.12 10.39 15.58
CA LEU C 145 12.23 9.68 14.31
C LEU C 145 11.39 8.40 14.28
N CYS C 146 10.90 8.00 15.44
CA CYS C 146 10.09 6.80 15.55
C CYS C 146 8.69 7.15 15.98
N GLY C 147 8.22 8.31 15.52
CA GLY C 147 6.85 8.72 15.77
C GLY C 147 6.57 9.03 17.23
N GLY C 148 7.62 9.17 18.02
CA GLY C 148 7.48 9.50 19.43
C GLY C 148 7.24 10.98 19.63
N ARG C 149 6.49 11.30 20.68
CA ARG C 149 6.21 12.68 21.05
C ARG C 149 7.05 13.07 22.25
N VAL C 150 7.69 14.22 22.18
CA VAL C 150 8.51 14.71 23.27
C VAL C 150 8.01 16.06 23.76
N SER C 151 7.59 16.11 25.02
CA SER C 151 7.17 17.35 25.63
C SER C 151 8.39 18.01 26.26
N GLN C 152 8.50 19.34 26.15
CA GLN C 152 9.50 20.09 26.89
C GLN C 152 9.08 20.41 28.33
N VAL C 153 7.86 20.03 28.69
CA VAL C 153 7.36 20.20 30.06
C VAL C 153 7.17 18.83 30.69
N PRO C 154 7.85 18.56 31.80
CA PRO C 154 7.85 17.23 32.43
C PRO C 154 6.47 16.83 32.95
N ARG C 155 5.66 17.83 33.27
CA ARG C 155 4.33 17.60 33.80
C ARG C 155 3.43 16.95 32.75
N GLN C 156 3.55 17.41 31.50
CA GLN C 156 2.71 16.90 30.42
C GLN C 156 3.04 15.48 30.00
N ALA C 157 4.23 15.02 30.35
CA ALA C 157 4.67 13.70 29.93
C ALA C 157 4.15 12.62 30.88
N SER C 158 3.71 11.49 30.31
CA SER C 158 3.32 10.32 31.10
C SER C 158 4.54 9.48 31.42
N ILE C 159 5.55 9.57 30.55
CA ILE C 159 6.78 8.82 30.74
C ILE C 159 7.98 9.76 30.79
N VAL C 160 8.89 9.50 31.72
CA VAL C 160 10.11 10.29 31.84
C VAL C 160 11.30 9.40 31.55
N ILE C 161 12.21 9.87 30.71
CA ILE C 161 13.39 9.11 30.35
C ILE C 161 14.62 9.82 30.87
N GLY C 162 15.54 9.06 31.48
CA GLY C 162 16.77 9.64 32.00
C GLY C 162 16.63 10.18 33.41
N PRO C 163 17.74 10.73 33.96
CA PRO C 163 17.83 11.21 35.36
C PRO C 163 16.72 12.16 35.79
N TYR C 164 16.10 11.91 36.94
CA TYR C 164 15.00 12.74 37.43
C TYR C 164 15.13 12.96 38.93
N SER C 165 15.37 14.22 39.32
CA SER C 165 15.58 14.59 40.72
C SER C 165 14.27 14.93 41.45
N GLY C 166 13.19 15.07 40.70
CA GLY C 166 11.90 15.41 41.30
C GLY C 166 11.24 14.25 42.05
N LYS C 167 10.13 14.55 42.71
CA LYS C 167 9.33 13.53 43.37
C LYS C 167 8.66 12.64 42.35
N LYS C 168 8.72 11.33 42.58
CA LYS C 168 8.09 10.38 41.68
C LYS C 168 6.58 10.52 41.78
N LYS C 169 5.88 10.08 40.74
CA LYS C 169 4.43 10.01 40.77
C LYS C 169 4.01 8.61 40.35
N ALA C 170 2.88 8.14 40.89
CA ALA C 170 2.39 6.80 40.60
C ALA C 170 1.92 6.66 39.15
N THR C 171 1.27 7.69 38.63
CA THR C 171 0.81 7.68 37.24
C THR C 171 1.98 7.54 36.28
N VAL C 172 2.99 8.37 36.51
CA VAL C 172 4.10 8.51 35.58
C VAL C 172 5.00 7.28 35.65
N LYS C 173 5.61 6.97 34.51
CA LYS C 173 6.59 5.91 34.43
C LYS C 173 7.98 6.53 34.29
N TYR C 174 8.89 6.16 35.19
CA TYR C 174 10.25 6.68 35.16
C TYR C 174 11.23 5.64 34.67
N LEU C 175 11.72 5.83 33.45
CA LEU C 175 12.48 4.81 32.75
C LEU C 175 13.89 5.28 32.37
N SER C 176 14.77 4.32 32.17
CA SER C 176 16.15 4.63 31.78
C SER C 176 16.21 4.79 30.27
N GLU C 177 17.27 5.42 29.79
CA GLU C 177 17.45 5.69 28.38
C GLU C 177 17.52 4.39 27.59
N LYS C 178 18.09 3.36 28.21
CA LYS C 178 18.21 2.07 27.55
C LYS C 178 16.86 1.48 27.20
N TRP C 179 15.80 2.01 27.78
CA TRP C 179 14.48 1.57 27.35
C TRP C 179 14.27 1.96 25.91
N VAL C 180 14.72 3.14 25.52
CA VAL C 180 14.42 3.61 24.17
C VAL C 180 15.35 2.89 23.20
N LEU C 181 16.61 2.79 23.61
CA LEU C 181 17.63 2.23 22.76
C LEU C 181 17.31 0.79 22.40
N ASP C 182 17.00 -0.01 23.42
CA ASP C 182 16.70 -1.42 23.28
C ASP C 182 15.42 -1.61 22.44
N SER C 183 14.46 -0.72 22.61
CA SER C 183 13.23 -0.78 21.82
C SER C 183 13.56 -0.63 20.32
N ILE C 184 14.41 0.34 20.02
CA ILE C 184 14.83 0.67 18.65
C ILE C 184 15.65 -0.46 18.03
N THR C 185 16.47 -1.12 18.85
CA THR C 185 17.31 -2.21 18.36
C THR C 185 16.48 -3.46 18.04
N GLN C 186 15.46 -3.72 18.85
CA GLN C 186 14.64 -4.92 18.70
C GLN C 186 13.42 -4.65 17.84
N HIS C 187 13.18 -3.38 17.58
CA HIS C 187 11.98 -2.98 16.84
C HIS C 187 10.70 -3.42 17.56
N LYS C 188 10.82 -3.68 18.86
CA LYS C 188 9.67 -3.99 19.70
C LYS C 188 9.73 -3.09 20.91
N VAL C 189 8.62 -2.46 21.27
CA VAL C 189 8.58 -1.67 22.49
C VAL C 189 8.72 -2.60 23.68
N CYS C 190 9.70 -2.31 24.53
CA CYS C 190 9.97 -3.16 25.68
C CYS C 190 9.01 -2.85 26.81
N ALA C 191 8.90 -3.78 27.76
CA ALA C 191 8.09 -3.56 28.95
C ALA C 191 8.83 -2.65 29.90
N PRO C 192 8.25 -1.47 30.18
CA PRO C 192 8.80 -0.50 31.13
C PRO C 192 9.27 -1.09 32.48
N GLU C 193 8.57 -2.09 33.02
CA GLU C 193 8.93 -2.64 34.34
C GLU C 193 10.37 -3.13 34.43
N ASN C 194 10.89 -3.61 33.29
CA ASN C 194 12.28 -4.05 33.22
C ASN C 194 13.29 -2.91 33.17
N TYR C 195 12.81 -1.69 32.91
CA TYR C 195 13.70 -0.55 32.70
C TYR C 195 13.50 0.61 33.68
N LEU C 196 12.86 0.36 34.81
CA LEU C 196 12.62 1.44 35.77
C LEU C 196 13.94 2.02 36.31
N LEU C 197 13.94 3.33 36.56
CA LEU C 197 15.16 4.07 36.95
C LEU C 197 15.03 4.74 38.34
N SER C 198 15.98 4.41 39.22
CA SER C 198 16.06 4.94 40.59
C SER C 198 15.58 6.38 40.75
N PRO D 10 5.08 -18.62 -0.65
CA PRO D 10 6.15 -17.99 -1.43
C PRO D 10 7.55 -18.30 -0.90
N THR D 11 8.09 -19.44 -1.30
CA THR D 11 9.46 -19.80 -0.99
C THR D 11 10.21 -19.65 -2.28
N ARG D 12 11.29 -18.88 -2.29
CA ARG D 12 12.10 -18.78 -3.50
C ARG D 12 12.81 -20.10 -3.73
N THR D 13 13.12 -20.38 -4.98
CA THR D 13 13.77 -21.65 -5.29
C THR D 13 15.09 -21.47 -6.01
N LEU D 14 15.89 -22.50 -5.88
CA LEU D 14 17.21 -22.57 -6.46
C LEU D 14 17.16 -23.77 -7.39
N VAL D 15 17.83 -23.66 -8.53
CA VAL D 15 17.88 -24.74 -9.49
C VAL D 15 19.35 -24.97 -9.84
N MET D 16 19.72 -26.25 -9.90
CA MET D 16 21.04 -26.68 -10.33
C MET D 16 20.98 -27.03 -11.81
N THR D 17 22.13 -27.01 -12.46
CA THR D 17 22.22 -27.32 -13.88
C THR D 17 23.66 -27.79 -14.12
N SER D 18 23.86 -28.71 -15.05
CA SER D 18 25.19 -29.27 -15.37
C SER D 18 25.96 -29.76 -14.13
N MET D 19 25.22 -30.27 -13.14
CA MET D 19 25.78 -30.50 -11.83
C MET D 19 26.09 -31.97 -11.62
N PRO D 20 27.37 -32.32 -11.40
CA PRO D 20 27.73 -33.69 -11.00
C PRO D 20 27.01 -34.13 -9.71
N SER D 21 26.63 -35.40 -9.61
CA SER D 21 25.87 -35.98 -8.48
C SER D 21 26.38 -35.54 -7.09
N GLU D 22 27.68 -35.71 -6.93
CA GLU D 22 28.33 -35.45 -5.67
C GLU D 22 28.11 -33.99 -5.23
N LYS D 23 28.23 -33.08 -6.18
CA LYS D 23 28.01 -31.67 -5.93
C LYS D 23 26.54 -31.38 -5.66
N GLN D 24 25.66 -32.13 -6.31
CA GLN D 24 24.23 -32.01 -6.02
C GLN D 24 23.99 -32.33 -4.56
N ASN D 25 24.52 -33.46 -4.12
CA ASN D 25 24.35 -33.79 -2.68
C ASN D 25 24.83 -32.67 -1.74
N VAL D 26 25.99 -32.11 -2.07
CA VAL D 26 26.52 -31.00 -1.28
C VAL D 26 25.50 -29.88 -1.30
N VAL D 27 25.09 -29.43 -2.49
CA VAL D 27 24.10 -28.36 -2.55
C VAL D 27 22.91 -28.69 -1.66
N ILE D 28 22.34 -29.88 -1.81
CA ILE D 28 21.24 -30.29 -0.91
C ILE D 28 21.56 -30.09 0.58
N GLN D 29 22.70 -30.59 1.02
CA GLN D 29 23.11 -30.38 2.42
C GLN D 29 23.27 -28.92 2.83
N VAL D 30 23.89 -28.12 1.97
CA VAL D 30 24.09 -26.70 2.27
C VAL D 30 22.76 -25.98 2.34
N VAL D 31 21.88 -26.23 1.37
CA VAL D 31 20.55 -25.61 1.37
C VAL D 31 19.82 -26.07 2.62
N ASP D 32 19.98 -27.33 2.97
CA ASP D 32 19.39 -27.81 4.20
C ASP D 32 19.99 -27.10 5.41
N LYS D 33 21.29 -26.86 5.41
CA LYS D 33 21.95 -26.25 6.56
C LYS D 33 21.65 -24.76 6.72
N LEU D 34 21.59 -24.04 5.61
CA LEU D 34 21.43 -22.58 5.65
C LEU D 34 19.97 -22.19 5.45
N LYS D 35 19.16 -23.09 4.92
CA LYS D 35 17.75 -22.81 4.70
C LYS D 35 17.56 -21.68 3.69
N GLY D 36 16.33 -21.18 3.60
CA GLY D 36 16.03 -20.00 2.79
C GLY D 36 15.75 -20.30 1.32
N PHE D 37 15.91 -21.57 0.94
CA PHE D 37 15.75 -21.97 -0.45
C PHE D 37 15.03 -23.29 -0.50
N SER D 38 14.27 -23.51 -1.57
CA SER D 38 13.72 -24.82 -1.87
C SER D 38 14.28 -25.25 -3.22
N ILE D 39 14.68 -26.51 -3.35
CA ILE D 39 15.29 -26.96 -4.61
C ILE D 39 14.27 -27.49 -5.61
N ALA D 40 14.36 -27.00 -6.84
CA ALA D 40 13.41 -27.40 -7.89
C ALA D 40 14.12 -27.96 -9.12
N PRO D 41 13.47 -28.90 -9.83
CA PRO D 41 14.07 -29.54 -11.00
C PRO D 41 14.32 -28.57 -12.14
N ASP D 42 13.42 -27.61 -12.29
CA ASP D 42 13.51 -26.71 -13.40
C ASP D 42 13.17 -25.31 -12.91
N VAL D 43 13.65 -24.32 -13.66
CA VAL D 43 13.40 -22.94 -13.34
C VAL D 43 11.92 -22.59 -13.48
N CYS D 44 11.39 -21.86 -12.51
CA CYS D 44 10.00 -21.39 -12.57
C CYS D 44 9.86 -19.99 -11.93
N GLU D 45 8.62 -19.57 -11.68
CA GLU D 45 8.35 -18.24 -11.15
C GLU D 45 9.12 -17.99 -9.87
N THR D 46 9.23 -19.03 -9.05
CA THR D 46 9.85 -18.94 -7.74
C THR D 46 11.36 -18.91 -7.82
N THR D 47 11.92 -19.42 -8.90
CA THR D 47 13.36 -19.56 -8.96
C THR D 47 14.04 -18.20 -8.92
N THR D 48 15.05 -18.07 -8.08
CA THR D 48 15.81 -16.82 -8.04
C THR D 48 17.30 -17.04 -8.23
N HIS D 49 17.74 -18.28 -8.00
CA HIS D 49 19.14 -18.61 -8.13
C HIS D 49 19.28 -19.88 -8.93
N VAL D 50 20.23 -19.85 -9.84
CA VAL D 50 20.53 -20.99 -10.69
C VAL D 50 22.02 -21.31 -10.55
N LEU D 51 22.32 -22.49 -10.02
CA LEU D 51 23.70 -22.95 -9.86
C LEU D 51 24.14 -23.88 -10.96
N SER D 52 25.29 -23.57 -11.51
CA SER D 52 25.88 -24.37 -12.56
C SER D 52 27.13 -25.05 -12.02
N GLY D 53 27.25 -26.33 -12.32
CA GLY D 53 28.46 -27.09 -12.10
C GLY D 53 29.50 -26.83 -13.19
N LYS D 54 29.06 -26.70 -14.43
CA LYS D 54 29.96 -26.36 -15.52
C LYS D 54 29.27 -25.35 -16.44
N PRO D 55 30.02 -24.35 -16.93
CA PRO D 55 29.45 -23.21 -17.67
C PRO D 55 28.87 -23.56 -19.04
N LEU D 56 27.74 -24.25 -19.04
CA LEU D 56 27.16 -24.78 -20.27
C LEU D 56 25.79 -24.13 -20.47
N ARG D 57 25.45 -23.82 -21.71
CA ARG D 57 24.19 -23.19 -21.98
C ARG D 57 23.08 -24.24 -22.03
N THR D 58 22.60 -24.66 -20.86
CA THR D 58 21.49 -25.59 -20.80
C THR D 58 20.17 -24.83 -20.89
N LEU D 59 19.05 -25.55 -20.84
CA LEU D 59 17.75 -24.91 -20.88
C LEU D 59 17.46 -24.09 -19.63
N ASN D 60 17.81 -24.63 -18.46
CA ASN D 60 17.64 -23.93 -17.19
C ASN D 60 18.44 -22.61 -17.12
N VAL D 61 19.65 -22.61 -17.69
CA VAL D 61 20.43 -21.39 -17.74
C VAL D 61 19.69 -20.36 -18.58
N LEU D 62 19.23 -20.76 -19.76
CA LEU D 62 18.46 -19.86 -20.64
C LEU D 62 17.22 -19.31 -19.95
N LEU D 63 16.42 -20.21 -19.39
CA LEU D 63 15.27 -19.78 -18.64
C LEU D 63 15.70 -18.83 -17.51
N GLY D 64 16.83 -19.14 -16.87
CA GLY D 64 17.29 -18.33 -15.77
C GLY D 64 17.53 -16.93 -16.28
N ILE D 65 18.29 -16.81 -17.36
CA ILE D 65 18.51 -15.49 -17.92
C ILE D 65 17.19 -14.82 -18.28
N ALA D 66 16.28 -15.56 -18.90
CA ALA D 66 15.00 -14.96 -19.25
C ALA D 66 14.29 -14.29 -18.03
N ARG D 67 14.39 -14.90 -16.86
CA ARG D 67 13.73 -14.38 -15.67
C ARG D 67 14.61 -13.45 -14.82
N GLY D 68 15.81 -13.18 -15.29
CA GLY D 68 16.78 -12.36 -14.58
C GLY D 68 17.23 -12.91 -13.23
N CYS D 69 17.44 -14.23 -13.16
CA CYS D 69 17.89 -14.86 -11.91
C CYS D 69 19.39 -14.64 -11.74
N TRP D 70 19.92 -15.13 -10.63
CA TRP D 70 21.36 -15.21 -10.46
C TRP D 70 21.84 -16.48 -11.16
N VAL D 71 22.75 -16.35 -12.11
CA VAL D 71 23.36 -17.51 -12.72
C VAL D 71 24.77 -17.62 -12.19
N LEU D 72 24.99 -18.53 -11.25
CA LEU D 72 26.25 -18.60 -10.51
C LEU D 72 26.93 -19.93 -10.62
N SER D 73 28.22 -19.93 -10.31
CA SER D 73 29.01 -21.15 -10.26
C SER D 73 28.85 -21.84 -8.90
N TYR D 74 29.11 -23.13 -8.88
CA TYR D 74 28.89 -23.96 -7.70
C TYR D 74 29.64 -23.41 -6.50
N ASP D 75 30.84 -22.89 -6.74
CA ASP D 75 31.67 -22.34 -5.67
C ASP D 75 30.91 -21.48 -4.66
N TRP D 76 29.84 -20.82 -5.12
CA TRP D 76 29.09 -19.91 -4.29
C TRP D 76 28.47 -20.63 -3.09
N VAL D 77 28.19 -21.91 -3.27
CA VAL D 77 27.64 -22.77 -2.23
C VAL D 77 28.70 -23.18 -1.21
N LEU D 78 29.94 -23.42 -1.65
CA LEU D 78 31.02 -23.79 -0.74
C LEU D 78 31.34 -22.63 0.21
N TRP D 79 31.56 -21.44 -0.34
CA TRP D 79 31.89 -20.31 0.49
C TRP D 79 30.75 -19.99 1.47
N SER D 80 29.50 -20.10 1.03
CA SER D 80 28.38 -19.84 1.91
C SER D 80 28.40 -20.80 3.10
N LEU D 81 28.72 -22.05 2.84
CA LEU D 81 28.70 -23.08 3.85
C LEU D 81 29.65 -22.75 5.01
N GLU D 82 30.85 -22.32 4.65
CA GLU D 82 31.88 -22.04 5.62
C GLU D 82 31.65 -20.73 6.33
N LEU D 83 31.09 -19.74 5.63
CA LEU D 83 30.81 -18.46 6.24
C LEU D 83 29.50 -18.45 6.99
N GLY D 84 28.78 -19.57 6.93
CA GLY D 84 27.60 -19.78 7.72
C GLY D 84 26.36 -19.03 7.27
N HIS D 85 26.35 -18.53 6.03
CA HIS D 85 25.18 -17.83 5.50
C HIS D 85 25.38 -17.49 4.03
N TRP D 86 24.28 -17.28 3.31
CA TRP D 86 24.35 -16.98 1.89
C TRP D 86 25.09 -15.68 1.63
N ILE D 87 26.19 -15.78 0.88
CA ILE D 87 27.07 -14.65 0.65
C ILE D 87 26.73 -14.03 -0.69
N SER D 88 27.47 -12.98 -1.05
CA SER D 88 27.29 -12.25 -2.31
C SER D 88 27.34 -13.16 -3.53
N GLU D 89 26.44 -12.90 -4.47
CA GLU D 89 26.35 -13.72 -5.67
C GLU D 89 27.24 -13.17 -6.78
N GLU D 90 27.30 -11.85 -6.88
CA GLU D 90 27.99 -11.16 -7.98
CA GLU D 90 27.99 -11.17 -7.98
C GLU D 90 29.41 -11.69 -8.26
N PRO D 91 30.18 -11.98 -7.21
CA PRO D 91 31.51 -12.55 -7.49
C PRO D 91 31.44 -13.85 -8.31
N PHE D 92 30.37 -14.62 -8.16
CA PHE D 92 30.29 -15.94 -8.78
C PHE D 92 29.41 -15.95 -10.01
N GLU D 93 28.99 -14.78 -10.45
CA GLU D 93 28.10 -14.69 -11.60
C GLU D 93 28.85 -15.06 -12.87
N LEU D 94 28.20 -15.86 -13.74
CA LEU D 94 28.79 -16.30 -15.00
C LEU D 94 28.64 -15.29 -16.17
N SER D 95 29.19 -14.09 -15.97
CA SER D 95 29.04 -12.95 -16.88
C SER D 95 29.80 -13.14 -18.18
N HIS D 96 30.98 -13.70 -18.10
CA HIS D 96 31.79 -13.95 -19.29
C HIS D 96 31.16 -15.00 -20.21
N HIS D 97 30.65 -16.09 -19.63
CA HIS D 97 29.98 -17.10 -20.45
C HIS D 97 28.58 -16.69 -20.89
N PHE D 98 27.90 -15.90 -20.06
CA PHE D 98 26.56 -15.39 -20.40
C PHE D 98 26.41 -13.92 -20.04
N PRO D 99 26.79 -13.03 -20.96
CA PRO D 99 26.74 -11.58 -20.78
C PRO D 99 25.36 -11.04 -20.43
N ALA D 100 24.31 -11.78 -20.76
CA ALA D 100 22.97 -11.29 -20.50
C ALA D 100 22.56 -11.50 -19.05
N ALA D 101 23.17 -12.47 -18.37
CA ALA D 101 22.84 -12.79 -16.97
C ALA D 101 22.91 -11.57 -16.03
N PRO D 102 24.08 -10.92 -15.96
CA PRO D 102 24.17 -9.70 -15.15
C PRO D 102 23.16 -8.61 -15.58
N LEU D 103 23.03 -8.34 -16.89
CA LEU D 103 22.13 -7.29 -17.38
C LEU D 103 20.69 -7.54 -16.97
N CYS D 104 20.20 -8.74 -17.28
CA CYS D 104 18.85 -9.12 -16.93
C CYS D 104 18.63 -9.18 -15.43
N ARG D 105 19.62 -9.68 -14.68
CA ARG D 105 19.53 -9.69 -13.21
C ARG D 105 19.41 -8.27 -12.60
N SER D 106 20.28 -7.37 -13.05
CA SER D 106 20.16 -5.94 -12.76
C SER D 106 18.76 -5.37 -13.10
N GLU D 107 18.36 -5.50 -14.35
CA GLU D 107 17.03 -5.02 -14.75
C GLU D 107 15.93 -5.59 -13.89
N CYS D 108 16.00 -6.89 -13.64
CA CYS D 108 15.02 -7.57 -12.80
C CYS D 108 15.00 -6.89 -11.46
N HIS D 109 16.18 -6.73 -10.85
CA HIS D 109 16.25 -6.00 -9.58
C HIS D 109 15.53 -4.65 -9.71
N LEU D 110 15.98 -3.80 -10.64
CA LEU D 110 15.41 -2.44 -10.72
C LEU D 110 13.89 -2.39 -10.97
N SER D 111 13.35 -3.42 -11.59
CA SER D 111 11.93 -3.42 -11.95
C SER D 111 11.02 -3.12 -10.77
N ALA D 112 10.14 -2.15 -10.96
CA ALA D 112 9.04 -1.93 -10.02
C ALA D 112 7.87 -2.77 -10.50
N GLY D 113 7.29 -3.54 -9.59
CA GLY D 113 6.32 -4.54 -9.97
C GLY D 113 7.06 -5.70 -10.59
N PRO D 114 6.37 -6.83 -10.80
CA PRO D 114 6.92 -7.98 -11.52
C PRO D 114 7.74 -7.63 -12.76
N TYR D 115 8.82 -8.39 -12.96
CA TYR D 115 9.69 -8.26 -14.11
C TYR D 115 9.12 -8.97 -15.33
N ARG D 116 9.44 -8.45 -16.51
CA ARG D 116 9.15 -9.11 -17.76
C ARG D 116 10.04 -8.52 -18.84
N GLY D 117 10.94 -9.36 -19.37
CA GLY D 117 11.92 -8.96 -20.36
C GLY D 117 11.30 -8.29 -21.58
N THR D 118 12.04 -7.37 -22.18
CA THR D 118 11.53 -6.58 -23.31
C THR D 118 12.45 -6.69 -24.52
N LEU D 119 13.26 -7.74 -24.54
CA LEU D 119 14.23 -7.96 -25.60
C LEU D 119 13.55 -8.16 -26.95
N PHE D 120 12.45 -8.91 -26.96
CA PHE D 120 11.70 -9.19 -28.18
C PHE D 120 10.41 -8.36 -28.24
N ALA D 121 10.40 -7.21 -27.59
CA ALA D 121 9.20 -6.38 -27.59
C ALA D 121 8.87 -5.82 -28.97
N ASP D 122 9.89 -5.38 -29.71
CA ASP D 122 9.71 -4.77 -31.02
C ASP D 122 9.58 -5.82 -32.13
N GLN D 123 9.65 -7.08 -31.74
CA GLN D 123 9.58 -8.15 -32.70
C GLN D 123 8.14 -8.40 -33.11
N PRO D 124 7.96 -8.88 -34.35
CA PRO D 124 6.65 -9.31 -34.84
C PRO D 124 6.24 -10.66 -34.25
N VAL D 125 5.06 -11.14 -34.65
CA VAL D 125 4.58 -12.45 -34.20
C VAL D 125 5.50 -13.56 -34.71
N MET D 126 5.71 -14.59 -33.89
CA MET D 126 6.63 -15.66 -34.21
CA MET D 126 6.64 -15.67 -34.23
C MET D 126 5.92 -17.00 -34.17
N PHE D 127 6.38 -17.93 -35.00
CA PHE D 127 5.87 -19.29 -34.99
C PHE D 127 7.01 -20.27 -34.77
N VAL D 128 6.83 -21.17 -33.82
CA VAL D 128 7.88 -22.12 -33.47
C VAL D 128 7.49 -23.51 -33.95
N SER D 129 8.41 -24.11 -34.69
CA SER D 129 8.26 -25.46 -35.22
C SER D 129 8.14 -26.50 -34.12
N PRO D 130 7.25 -27.48 -34.31
CA PRO D 130 7.04 -28.57 -33.33
C PRO D 130 8.14 -29.61 -33.37
N ALA D 131 9.11 -29.44 -34.26
CA ALA D 131 10.27 -30.32 -34.33
C ALA D 131 11.52 -29.56 -33.95
N SER D 132 11.37 -28.54 -33.12
CA SER D 132 12.48 -27.67 -32.79
C SER D 132 13.27 -28.23 -31.63
N SER D 133 14.55 -27.86 -31.58
CA SER D 133 15.41 -28.17 -30.46
C SER D 133 16.06 -26.88 -29.92
N PRO D 134 15.76 -26.51 -28.66
CA PRO D 134 14.99 -27.27 -27.67
C PRO D 134 13.52 -27.35 -28.00
N PRO D 135 12.76 -28.12 -27.20
CA PRO D 135 11.33 -28.35 -27.41
C PRO D 135 10.45 -27.12 -27.51
N VAL D 136 9.52 -27.12 -28.46
CA VAL D 136 8.73 -25.95 -28.82
C VAL D 136 8.09 -25.27 -27.63
N ALA D 137 7.56 -26.03 -26.69
CA ALA D 137 6.95 -25.46 -25.50
C ALA D 137 7.94 -24.54 -24.74
N LYS D 138 9.10 -25.11 -24.42
CA LYS D 138 10.14 -24.41 -23.67
C LYS D 138 10.71 -23.23 -24.44
N LEU D 139 10.89 -23.42 -25.74
CA LEU D 139 11.35 -22.34 -26.58
C LEU D 139 10.33 -21.20 -26.62
N CYS D 140 9.05 -21.54 -26.77
CA CYS D 140 7.99 -20.54 -26.75
C CYS D 140 8.00 -19.83 -25.41
N GLU D 141 8.12 -20.59 -24.33
CA GLU D 141 8.32 -20.00 -23.00
C GLU D 141 9.46 -18.98 -23.01
N LEU D 142 10.64 -19.38 -23.46
CA LEU D 142 11.72 -18.40 -23.64
C LEU D 142 11.24 -17.15 -24.39
N VAL D 143 10.64 -17.34 -25.56
CA VAL D 143 10.17 -16.15 -26.29
C VAL D 143 9.17 -15.27 -25.50
N HIS D 144 8.14 -15.87 -24.91
CA HIS D 144 7.18 -15.10 -24.13
C HIS D 144 7.80 -14.38 -22.94
N LEU D 145 8.74 -15.04 -22.27
CA LEU D 145 9.40 -14.39 -21.13
C LEU D 145 10.24 -13.19 -21.57
N CYS D 146 10.62 -13.12 -22.83
CA CYS D 146 11.42 -12.00 -23.31
C CYS D 146 10.60 -10.99 -24.12
N GLY D 147 9.29 -10.96 -23.87
CA GLY D 147 8.42 -9.96 -24.46
C GLY D 147 8.04 -10.22 -25.91
N GLY D 148 8.10 -11.48 -26.30
CA GLY D 148 7.83 -11.84 -27.66
C GLY D 148 6.44 -12.40 -27.75
N ARG D 149 5.95 -12.54 -28.97
CA ARG D 149 4.63 -13.09 -29.18
C ARG D 149 4.71 -14.37 -30.00
N VAL D 150 3.94 -15.36 -29.59
CA VAL D 150 3.90 -16.65 -30.29
C VAL D 150 2.50 -16.96 -30.81
N SER D 151 2.46 -17.47 -32.03
CA SER D 151 1.22 -17.87 -32.66
C SER D 151 1.30 -19.33 -33.08
N GLN D 152 0.15 -20.00 -33.06
CA GLN D 152 0.04 -21.37 -33.52
C GLN D 152 -0.09 -21.45 -35.05
N VAL D 153 -0.49 -20.35 -35.68
CA VAL D 153 -0.63 -20.33 -37.14
C VAL D 153 0.60 -19.73 -37.83
N PRO D 154 1.33 -20.54 -38.60
CA PRO D 154 2.48 -20.11 -39.40
C PRO D 154 2.26 -18.85 -40.27
N ARG D 155 1.09 -18.70 -40.89
CA ARG D 155 0.88 -17.57 -41.79
C ARG D 155 0.92 -16.23 -41.05
N GLN D 156 0.43 -16.23 -39.83
CA GLN D 156 0.37 -15.02 -39.03
C GLN D 156 1.75 -14.51 -38.71
N ALA D 157 2.67 -15.44 -38.51
CA ALA D 157 4.01 -15.10 -38.09
C ALA D 157 4.80 -14.54 -39.26
N SER D 158 5.66 -13.57 -38.97
CA SER D 158 6.66 -13.08 -39.91
C SER D 158 8.00 -13.77 -39.62
N ILE D 159 8.04 -14.55 -38.54
CA ILE D 159 9.25 -15.23 -38.09
C ILE D 159 8.96 -16.70 -37.85
N VAL D 160 9.69 -17.58 -38.54
CA VAL D 160 9.52 -19.02 -38.31
C VAL D 160 10.78 -19.62 -37.73
N ILE D 161 10.64 -20.24 -36.58
CA ILE D 161 11.79 -20.81 -35.87
C ILE D 161 11.79 -22.32 -35.98
N GLY D 162 12.95 -22.86 -36.34
CA GLY D 162 13.11 -24.31 -36.41
C GLY D 162 12.87 -24.93 -37.79
N PRO D 163 13.27 -26.20 -37.95
CA PRO D 163 13.12 -26.89 -39.25
C PRO D 163 11.71 -26.79 -39.80
N TYR D 164 11.57 -26.29 -41.02
CA TYR D 164 10.25 -26.04 -41.59
C TYR D 164 10.14 -26.66 -42.98
N SER D 165 9.11 -27.45 -43.19
CA SER D 165 8.89 -28.11 -44.50
C SER D 165 7.77 -27.42 -45.28
N GLY D 166 7.00 -26.58 -44.59
CA GLY D 166 5.95 -25.82 -45.22
C GLY D 166 6.51 -24.89 -46.28
N LYS D 167 5.62 -24.20 -46.99
CA LYS D 167 6.04 -23.32 -48.08
C LYS D 167 6.66 -22.05 -47.54
N LYS D 168 7.87 -21.74 -48.01
CA LYS D 168 8.57 -20.52 -47.60
C LYS D 168 8.12 -19.28 -48.39
N LYS D 169 7.42 -18.37 -47.71
CA LYS D 169 6.95 -17.13 -48.32
C LYS D 169 8.00 -16.02 -48.20
N ALA D 170 8.03 -15.13 -49.18
CA ALA D 170 9.09 -14.13 -49.32
C ALA D 170 9.20 -13.19 -48.12
N THR D 171 8.06 -12.85 -47.53
CA THR D 171 8.03 -11.93 -46.40
C THR D 171 8.61 -12.55 -45.12
N VAL D 172 8.20 -13.78 -44.83
CA VAL D 172 8.58 -14.44 -43.58
C VAL D 172 10.08 -14.73 -43.54
N LYS D 173 10.68 -14.53 -42.37
CA LYS D 173 12.06 -14.88 -42.11
C LYS D 173 12.15 -16.26 -41.42
N TYR D 174 12.88 -17.18 -42.04
CA TYR D 174 13.02 -18.52 -41.48
C TYR D 174 14.34 -18.68 -40.73
N LEU D 175 14.25 -18.67 -39.40
CA LEU D 175 15.45 -18.68 -38.55
C LEU D 175 15.59 -19.95 -37.72
N SER D 176 16.84 -20.30 -37.40
CA SER D 176 17.12 -21.41 -36.48
C SER D 176 16.85 -21.00 -35.03
N GLU D 177 16.74 -22.02 -34.18
CA GLU D 177 16.49 -21.83 -32.74
C GLU D 177 17.62 -21.00 -32.10
N LYS D 178 18.83 -21.21 -32.65
CA LYS D 178 20.01 -20.51 -32.17
C LYS D 178 19.89 -19.02 -32.27
N TRP D 179 19.01 -18.54 -33.13
CA TRP D 179 18.79 -17.10 -33.24
C TRP D 179 18.27 -16.60 -31.91
N VAL D 180 17.18 -17.23 -31.47
CA VAL D 180 16.59 -16.93 -30.18
C VAL D 180 17.65 -17.15 -29.13
N LEU D 181 18.21 -18.36 -29.11
CA LEU D 181 19.16 -18.68 -28.05
C LEU D 181 20.30 -17.66 -27.86
N ASP D 182 20.96 -17.33 -28.97
CA ASP D 182 22.02 -16.34 -28.97
C ASP D 182 21.50 -14.97 -28.61
N SER D 183 20.34 -14.58 -29.13
CA SER D 183 19.75 -13.30 -28.72
C SER D 183 19.58 -13.21 -27.20
N ILE D 184 19.06 -14.27 -26.61
CA ILE D 184 18.90 -14.29 -25.16
C ILE D 184 20.26 -14.33 -24.45
N THR D 185 21.20 -15.10 -24.98
CA THR D 185 22.55 -15.10 -24.42
C THR D 185 23.19 -13.71 -24.39
N GLN D 186 23.16 -13.00 -25.51
CA GLN D 186 23.86 -11.72 -25.59
C GLN D 186 23.00 -10.55 -25.14
N HIS D 187 21.74 -10.83 -24.81
CA HIS D 187 20.82 -9.77 -24.43
C HIS D 187 20.59 -8.74 -25.55
N LYS D 188 21.08 -9.01 -26.75
CA LYS D 188 20.78 -8.16 -27.89
C LYS D 188 20.10 -9.03 -28.92
N VAL D 189 19.14 -8.46 -29.64
CA VAL D 189 18.49 -9.15 -30.76
C VAL D 189 19.51 -9.31 -31.88
N CYS D 190 19.76 -10.55 -32.26
CA CYS D 190 20.75 -10.87 -33.29
C CYS D 190 20.26 -10.61 -34.72
N ALA D 191 21.23 -10.54 -35.63
CA ALA D 191 20.94 -10.26 -37.01
C ALA D 191 20.65 -11.58 -37.70
N PRO D 192 19.45 -11.71 -38.30
CA PRO D 192 18.97 -12.93 -38.93
C PRO D 192 19.96 -13.54 -39.92
N GLU D 193 20.75 -12.69 -40.56
CA GLU D 193 21.63 -13.10 -41.64
C GLU D 193 22.42 -14.37 -41.32
N ASN D 194 23.01 -14.41 -40.14
CA ASN D 194 23.83 -15.55 -39.75
C ASN D 194 23.05 -16.79 -39.33
N TYR D 195 21.76 -16.65 -39.05
CA TYR D 195 20.95 -17.77 -38.56
C TYR D 195 19.92 -18.24 -39.59
N LEU D 196 20.14 -17.87 -40.85
CA LEU D 196 19.20 -18.17 -41.94
C LEU D 196 19.08 -19.66 -42.17
N LEU D 197 17.85 -20.13 -42.28
CA LEU D 197 17.58 -21.52 -42.58
C LEU D 197 17.26 -21.67 -44.05
N SER D 198 18.02 -22.52 -44.75
CA SER D 198 17.79 -22.76 -46.16
C SER D 198 17.23 -24.16 -46.39
N PRO E 10 -8.18 15.64 2.38
CA PRO E 10 -7.99 15.89 0.95
C PRO E 10 -8.40 17.30 0.60
N THR E 11 -9.64 17.64 0.94
CA THR E 11 -10.21 18.95 0.66
C THR E 11 -10.38 19.63 2.01
N ARG E 12 -11.37 20.52 2.11
CA ARG E 12 -11.74 21.07 3.42
C ARG E 12 -13.22 20.80 3.69
N THR E 13 -13.56 20.60 4.96
CA THR E 13 -14.92 20.21 5.31
C THR E 13 -15.67 21.30 6.07
N LEU E 14 -16.96 21.36 5.77
CA LEU E 14 -17.91 22.23 6.44
C LEU E 14 -18.95 21.39 7.16
N VAL E 15 -19.17 21.67 8.43
CA VAL E 15 -20.15 20.92 9.22
C VAL E 15 -21.31 21.82 9.69
N MET E 16 -22.53 21.38 9.43
CA MET E 16 -23.72 22.06 9.92
C MET E 16 -24.19 21.51 11.26
N THR E 17 -24.71 22.39 12.10
CA THR E 17 -25.15 22.04 13.44
C THR E 17 -26.40 22.85 13.77
N SER E 18 -27.34 22.23 14.51
CA SER E 18 -28.65 22.81 14.83
C SER E 18 -29.36 23.42 13.61
N MET E 19 -29.20 22.76 12.46
CA MET E 19 -29.63 23.33 11.20
C MET E 19 -30.96 22.72 10.75
N PRO E 20 -31.97 23.57 10.56
CA PRO E 20 -33.25 23.12 10.00
C PRO E 20 -33.06 22.53 8.61
N SER E 21 -33.85 21.51 8.28
CA SER E 21 -33.79 20.81 6.99
C SER E 21 -33.70 21.82 5.83
N GLU E 22 -34.66 22.75 5.86
CA GLU E 22 -34.85 23.71 4.77
C GLU E 22 -33.58 24.49 4.54
N LYS E 23 -32.91 24.87 5.62
CA LYS E 23 -31.65 25.59 5.51
C LYS E 23 -30.50 24.66 5.08
N GLN E 24 -30.54 23.42 5.55
CA GLN E 24 -29.56 22.40 5.13
C GLN E 24 -29.54 22.32 3.61
N ASN E 25 -30.71 22.11 3.04
CA ASN E 25 -30.80 22.09 1.58
C ASN E 25 -30.06 23.29 0.96
N VAL E 26 -30.36 24.47 1.48
CA VAL E 26 -29.77 25.73 0.99
C VAL E 26 -28.26 25.70 1.08
N VAL E 27 -27.74 25.31 2.24
CA VAL E 27 -26.29 25.19 2.38
C VAL E 27 -25.73 24.23 1.33
N ILE E 28 -26.37 23.09 1.17
CA ILE E 28 -25.89 22.14 0.16
C ILE E 28 -25.78 22.90 -1.16
N GLN E 29 -26.90 23.47 -1.58
CA GLN E 29 -26.94 24.20 -2.86
C GLN E 29 -25.80 25.20 -3.00
N VAL E 30 -25.64 26.02 -1.97
CA VAL E 30 -24.62 27.05 -2.00
C VAL E 30 -23.23 26.44 -2.16
N VAL E 31 -22.93 25.44 -1.34
CA VAL E 31 -21.62 24.79 -1.44
C VAL E 31 -21.44 24.19 -2.82
N ASP E 32 -22.51 23.65 -3.39
CA ASP E 32 -22.45 23.20 -4.78
C ASP E 32 -22.11 24.35 -5.74
N LYS E 33 -22.81 25.48 -5.64
CA LYS E 33 -22.53 26.60 -6.55
C LYS E 33 -21.13 27.20 -6.37
N LEU E 34 -20.68 27.36 -5.13
CA LEU E 34 -19.42 28.06 -4.88
C LEU E 34 -18.25 27.13 -4.88
N LYS E 35 -18.51 25.86 -4.59
CA LYS E 35 -17.46 24.85 -4.52
C LYS E 35 -16.44 25.21 -3.44
N GLY E 36 -15.38 24.42 -3.37
CA GLY E 36 -14.33 24.63 -2.39
C GLY E 36 -14.64 24.02 -1.04
N PHE E 37 -15.72 23.26 -0.94
CA PHE E 37 -16.11 22.66 0.33
C PHE E 37 -16.79 21.31 0.16
N SER E 38 -16.58 20.44 1.12
CA SER E 38 -17.26 19.16 1.19
C SER E 38 -17.95 19.14 2.53
N ILE E 39 -19.25 18.86 2.51
CA ILE E 39 -20.04 18.81 3.73
C ILE E 39 -19.84 17.49 4.46
N ALA E 40 -19.49 17.56 5.74
CA ALA E 40 -19.31 16.36 6.55
C ALA E 40 -20.29 16.33 7.73
N PRO E 41 -20.88 15.16 8.01
CA PRO E 41 -21.86 14.96 9.09
C PRO E 41 -21.41 15.49 10.44
N ASP E 42 -20.23 15.08 10.86
CA ASP E 42 -19.71 15.55 12.12
C ASP E 42 -18.37 16.18 11.88
N VAL E 43 -17.92 16.96 12.85
CA VAL E 43 -16.63 17.59 12.78
C VAL E 43 -15.55 16.54 12.73
N CYS E 44 -14.57 16.79 11.88
CA CYS E 44 -13.44 15.91 11.73
C CYS E 44 -12.21 16.75 11.38
N GLU E 45 -11.10 16.08 11.11
CA GLU E 45 -9.81 16.76 10.87
C GLU E 45 -9.76 17.66 9.65
N THR E 46 -10.51 17.30 8.60
CA THR E 46 -10.59 18.13 7.40
C THR E 46 -11.28 19.47 7.69
N THR E 47 -12.23 19.45 8.62
CA THR E 47 -13.20 20.53 8.78
C THR E 47 -12.57 21.84 9.18
N THR E 48 -13.06 22.94 8.60
CA THR E 48 -12.59 24.28 8.99
C THR E 48 -13.71 25.23 9.40
N HIS E 49 -14.89 25.03 8.84
CA HIS E 49 -16.03 25.88 9.13
C HIS E 49 -17.19 25.08 9.70
N VAL E 50 -17.69 25.55 10.85
CA VAL E 50 -18.86 24.97 11.51
C VAL E 50 -20.03 25.97 11.54
N LEU E 51 -21.09 25.69 10.78
CA LEU E 51 -22.25 26.56 10.68
C LEU E 51 -23.37 26.17 11.60
N SER E 52 -23.85 27.13 12.38
CA SER E 52 -24.89 26.88 13.33
C SER E 52 -26.16 27.60 12.88
N GLY E 53 -27.24 26.85 12.76
CA GLY E 53 -28.54 27.43 12.49
C GLY E 53 -29.07 28.17 13.69
N LYS E 54 -28.77 27.66 14.87
CA LYS E 54 -29.18 28.31 16.10
C LYS E 54 -28.08 28.12 17.11
N PRO E 55 -27.77 29.18 17.88
CA PRO E 55 -26.60 29.23 18.78
C PRO E 55 -26.67 28.26 19.96
N LEU E 56 -26.68 26.96 19.69
CA LEU E 56 -26.85 25.99 20.75
C LEU E 56 -25.50 25.30 20.90
N ARG E 57 -25.13 24.98 22.13
CA ARG E 57 -23.87 24.31 22.38
C ARG E 57 -23.97 22.79 22.12
N THR E 58 -23.90 22.41 20.85
CA THR E 58 -23.90 21.01 20.46
C THR E 58 -22.48 20.47 20.40
N LEU E 59 -22.38 19.16 20.24
CA LEU E 59 -21.08 18.51 20.23
C LEU E 59 -20.22 19.05 19.09
N ASN E 60 -20.80 19.23 17.91
CA ASN E 60 -20.06 19.75 16.76
C ASN E 60 -19.52 21.17 16.97
N VAL E 61 -20.27 21.98 17.70
CA VAL E 61 -19.82 23.30 18.07
C VAL E 61 -18.57 23.18 18.93
N LEU E 62 -18.66 22.40 20.00
CA LEU E 62 -17.55 22.22 20.92
C LEU E 62 -16.30 21.65 20.22
N LEU E 63 -16.50 20.58 19.46
CA LEU E 63 -15.42 19.99 18.70
C LEU E 63 -14.84 21.05 17.79
N GLY E 64 -15.71 21.82 17.14
CA GLY E 64 -15.25 22.88 16.27
C GLY E 64 -14.35 23.85 17.02
N ILE E 65 -14.81 24.32 18.17
CA ILE E 65 -13.98 25.18 19.02
C ILE E 65 -12.67 24.52 19.41
N ALA E 66 -12.72 23.24 19.77
CA ALA E 66 -11.51 22.54 20.17
C ALA E 66 -10.49 22.53 19.04
N ARG E 67 -10.97 22.45 17.80
CA ARG E 67 -10.08 22.39 16.65
C ARG E 67 -9.71 23.78 16.14
N GLY E 68 -10.22 24.80 16.80
CA GLY E 68 -10.03 26.17 16.37
C GLY E 68 -10.66 26.48 15.02
N CYS E 69 -11.86 25.95 14.80
CA CYS E 69 -12.57 26.22 13.55
C CYS E 69 -13.28 27.56 13.62
N TRP E 70 -13.87 27.96 12.50
CA TRP E 70 -14.79 29.10 12.48
C TRP E 70 -16.20 28.66 12.90
N VAL E 71 -16.72 29.25 13.96
CA VAL E 71 -18.05 28.90 14.43
C VAL E 71 -19.02 29.99 14.01
N LEU E 72 -19.62 29.84 12.84
CA LEU E 72 -20.39 30.91 12.22
C LEU E 72 -21.88 30.65 12.21
N SER E 73 -22.65 31.73 12.03
CA SER E 73 -24.09 31.64 11.89
C SER E 73 -24.49 31.42 10.42
N TYR E 74 -25.68 30.89 10.20
CA TYR E 74 -26.13 30.49 8.87
C TYR E 74 -26.01 31.62 7.87
N ASP E 75 -26.26 32.83 8.35
CA ASP E 75 -26.23 34.01 7.52
C ASP E 75 -25.00 34.02 6.60
N TRP E 76 -23.84 33.64 7.14
CA TRP E 76 -22.59 33.65 6.38
C TRP E 76 -22.75 33.02 5.00
N VAL E 77 -23.66 32.06 4.90
CA VAL E 77 -23.89 31.35 3.64
C VAL E 77 -24.80 32.13 2.68
N LEU E 78 -25.66 33.00 3.20
CA LEU E 78 -26.59 33.70 2.31
C LEU E 78 -25.90 34.86 1.61
N TRP E 79 -25.04 35.55 2.34
CA TRP E 79 -24.28 36.66 1.81
C TRP E 79 -23.21 36.13 0.86
N SER E 80 -22.63 34.97 1.17
CA SER E 80 -21.63 34.38 0.28
C SER E 80 -22.25 34.02 -1.07
N LEU E 81 -23.49 33.53 -1.04
CA LEU E 81 -24.21 33.19 -2.26
C LEU E 81 -24.39 34.37 -3.21
N GLU E 82 -24.83 35.49 -2.66
CA GLU E 82 -25.12 36.66 -3.47
C GLU E 82 -23.84 37.36 -3.94
N LEU E 83 -22.82 37.36 -3.09
CA LEU E 83 -21.57 38.01 -3.47
C LEU E 83 -20.81 37.14 -4.44
N GLY E 84 -21.24 35.89 -4.56
CA GLY E 84 -20.69 34.98 -5.54
C GLY E 84 -19.45 34.25 -5.07
N HIS E 85 -19.04 34.47 -3.82
CA HIS E 85 -17.84 33.84 -3.28
C HIS E 85 -17.88 33.82 -1.76
N TRP E 86 -17.11 32.94 -1.14
CA TRP E 86 -17.04 32.91 0.31
C TRP E 86 -16.51 34.23 0.81
N ILE E 87 -17.26 34.85 1.72
CA ILE E 87 -16.92 36.16 2.28
C ILE E 87 -16.28 36.03 3.65
N SER E 88 -15.95 37.16 4.24
CA SER E 88 -15.30 37.19 5.55
CA SER E 88 -15.32 37.20 5.56
C SER E 88 -16.17 36.48 6.62
N GLU E 89 -15.50 35.75 7.51
CA GLU E 89 -16.17 34.94 8.52
C GLU E 89 -16.36 35.71 9.84
N GLU E 90 -15.41 36.58 10.15
CA GLU E 90 -15.37 37.27 11.43
CA GLU E 90 -15.38 37.25 11.45
C GLU E 90 -16.72 37.89 11.84
N PRO E 91 -17.39 38.57 10.90
CA PRO E 91 -18.64 39.23 11.26
C PRO E 91 -19.80 38.25 11.58
N PHE E 92 -19.62 36.96 11.32
CA PHE E 92 -20.69 35.99 11.60
C PHE E 92 -20.28 35.00 12.67
N GLU E 93 -19.24 35.35 13.42
CA GLU E 93 -18.71 34.50 14.46
C GLU E 93 -19.58 34.63 15.71
N LEU E 94 -19.80 33.52 16.39
CA LEU E 94 -20.69 33.49 17.55
C LEU E 94 -19.93 33.75 18.85
N SER E 95 -19.38 34.97 18.97
CA SER E 95 -18.51 35.33 20.08
C SER E 95 -19.23 35.49 21.42
N HIS E 96 -20.44 36.04 21.40
CA HIS E 96 -21.19 36.23 22.64
C HIS E 96 -21.62 34.91 23.28
N HIS E 97 -22.09 33.97 22.48
CA HIS E 97 -22.56 32.71 23.01
C HIS E 97 -21.38 31.82 23.39
N PHE E 98 -20.31 31.93 22.62
CA PHE E 98 -19.11 31.13 22.86
C PHE E 98 -17.83 31.97 22.74
N PRO E 99 -17.45 32.67 23.83
CA PRO E 99 -16.23 33.48 23.90
C PRO E 99 -14.94 32.87 23.32
N ALA E 100 -14.77 31.56 23.39
CA ALA E 100 -13.51 30.90 23.02
C ALA E 100 -13.26 30.77 21.52
N ALA E 101 -14.32 30.74 20.71
CA ALA E 101 -14.22 30.43 19.27
C ALA E 101 -13.23 31.35 18.51
N PRO E 102 -13.33 32.67 18.74
CA PRO E 102 -12.35 33.55 18.11
C PRO E 102 -10.93 33.26 18.59
N LEU E 103 -10.79 32.98 19.87
CA LEU E 103 -9.47 32.73 20.44
C LEU E 103 -8.87 31.51 19.74
N CYS E 104 -9.60 30.41 19.79
CA CYS E 104 -9.12 29.19 19.17
C CYS E 104 -8.84 29.37 17.67
N ARG E 105 -9.77 29.98 16.91
CA ARG E 105 -9.49 30.21 15.48
C ARG E 105 -8.20 31.04 15.26
N SER E 106 -8.05 32.13 16.03
CA SER E 106 -6.83 32.94 16.02
C SER E 106 -5.60 32.08 16.20
N GLU E 107 -5.63 31.29 17.27
CA GLU E 107 -4.55 30.34 17.55
C GLU E 107 -4.30 29.33 16.42
N CYS E 108 -5.36 28.74 15.87
CA CYS E 108 -5.21 27.74 14.82
C CYS E 108 -4.55 28.41 13.63
N HIS E 109 -5.00 29.62 13.28
CA HIS E 109 -4.35 30.38 12.20
C HIS E 109 -2.87 30.69 12.51
N LEU E 110 -2.62 31.33 13.65
CA LEU E 110 -1.27 31.75 14.04
C LEU E 110 -0.26 30.60 14.16
N SER E 111 -0.71 29.44 14.61
CA SER E 111 0.19 28.34 14.93
C SER E 111 1.11 27.94 13.76
N ALA E 112 2.35 27.57 14.09
CA ALA E 112 3.29 27.04 13.10
C ALA E 112 2.99 25.58 12.81
N GLY E 113 2.80 25.27 11.53
CA GLY E 113 2.42 23.93 11.13
C GLY E 113 1.09 23.53 11.76
N PRO E 114 0.97 22.24 12.12
CA PRO E 114 -0.23 21.74 12.80
C PRO E 114 -0.59 22.49 14.09
N TYR E 115 -1.89 22.71 14.27
CA TYR E 115 -2.41 23.31 15.50
C TYR E 115 -2.92 22.24 16.44
N ARG E 116 -2.43 22.27 17.67
CA ARG E 116 -2.86 21.36 18.70
C ARG E 116 -3.28 22.22 19.89
N GLY E 117 -4.45 21.90 20.43
CA GLY E 117 -5.01 22.69 21.51
C GLY E 117 -4.25 22.47 22.80
N THR E 118 -4.10 23.52 23.58
CA THR E 118 -3.34 23.44 24.83
C THR E 118 -4.16 24.00 25.98
N LEU E 119 -5.18 23.25 26.36
CA LEU E 119 -6.06 23.69 27.44
C LEU E 119 -5.90 22.79 28.65
N PHE E 120 -5.80 21.49 28.41
CA PHE E 120 -5.73 20.50 29.47
C PHE E 120 -4.33 19.90 29.59
N ALA E 121 -3.38 20.42 28.83
CA ALA E 121 -1.99 19.94 28.87
C ALA E 121 -1.38 20.14 30.25
N ASP E 122 -1.76 21.24 30.90
CA ASP E 122 -1.31 21.57 32.25
C ASP E 122 -2.03 20.73 33.32
N GLN E 123 -3.24 20.28 32.99
CA GLN E 123 -4.01 19.47 33.93
C GLN E 123 -3.46 18.05 33.94
N PRO E 124 -3.78 17.29 35.01
CA PRO E 124 -3.39 15.88 35.11
C PRO E 124 -4.22 14.95 34.21
N VAL E 125 -3.81 13.68 34.20
CA VAL E 125 -4.47 12.66 33.39
C VAL E 125 -5.94 12.56 33.80
N MET E 126 -6.78 12.19 32.84
CA MET E 126 -8.22 12.15 33.07
CA MET E 126 -8.21 12.14 33.08
C MET E 126 -8.79 10.79 32.67
N PHE E 127 -9.86 10.38 33.33
CA PHE E 127 -10.56 9.15 32.98
C PHE E 127 -12.03 9.53 32.85
N VAL E 128 -12.62 9.20 31.70
CA VAL E 128 -13.99 9.63 31.44
C VAL E 128 -14.95 8.50 31.77
N SER E 129 -16.04 8.86 32.46
CA SER E 129 -17.05 7.89 32.87
C SER E 129 -17.66 7.22 31.66
N PRO E 130 -17.99 5.93 31.80
CA PRO E 130 -18.66 5.16 30.74
C PRO E 130 -20.12 5.58 30.55
N ALA E 131 -20.69 6.29 31.51
CA ALA E 131 -22.07 6.74 31.41
C ALA E 131 -22.14 8.26 31.30
N SER E 132 -21.11 8.86 30.72
CA SER E 132 -20.99 10.31 30.69
C SER E 132 -21.90 10.87 29.62
N SER E 133 -22.19 12.16 29.71
CA SER E 133 -22.93 12.84 28.65
C SER E 133 -22.35 14.24 28.44
N PRO E 134 -21.84 14.52 27.24
CA PRO E 134 -21.82 13.70 26.01
C PRO E 134 -21.14 12.35 26.18
N PRO E 135 -21.29 11.44 25.20
CA PRO E 135 -20.65 10.13 25.18
C PRO E 135 -19.15 10.17 25.48
N VAL E 136 -18.67 9.12 26.15
CA VAL E 136 -17.29 9.06 26.65
C VAL E 136 -16.26 9.19 25.53
N ALA E 137 -16.49 8.52 24.42
CA ALA E 137 -15.60 8.58 23.27
C ALA E 137 -15.39 10.04 22.82
N LYS E 138 -16.48 10.72 22.49
CA LYS E 138 -16.42 12.07 21.96
C LYS E 138 -15.86 13.07 22.99
N LEU E 139 -16.14 12.80 24.26
CA LEU E 139 -15.60 13.62 25.33
C LEU E 139 -14.09 13.40 25.45
N CYS E 140 -13.66 12.15 25.31
CA CYS E 140 -12.23 11.89 25.28
C CYS E 140 -11.66 12.63 24.11
N GLU E 141 -12.28 12.53 22.94
CA GLU E 141 -11.85 13.32 21.78
C GLU E 141 -11.71 14.80 22.18
N LEU E 142 -12.71 15.33 22.87
CA LEU E 142 -12.57 16.72 23.34
C LEU E 142 -11.32 16.89 24.17
N VAL E 143 -11.11 15.99 25.12
CA VAL E 143 -9.91 16.08 25.95
C VAL E 143 -8.59 16.03 25.14
N HIS E 144 -8.49 15.05 24.26
CA HIS E 144 -7.32 14.89 23.39
C HIS E 144 -7.07 16.12 22.55
N LEU E 145 -8.12 16.68 21.94
CA LEU E 145 -7.95 17.90 21.14
C LEU E 145 -7.54 19.12 21.96
N CYS E 146 -7.84 19.13 23.26
CA CYS E 146 -7.44 20.25 24.09
C CYS E 146 -6.16 19.93 24.85
N GLY E 147 -5.36 19.03 24.30
CA GLY E 147 -4.04 18.73 24.84
C GLY E 147 -4.05 17.92 26.12
N GLY E 148 -5.20 17.35 26.46
CA GLY E 148 -5.35 16.57 27.68
C GLY E 148 -5.09 15.10 27.42
N ARG E 149 -4.86 14.34 28.49
CA ARG E 149 -4.51 12.93 28.38
C ARG E 149 -5.55 12.06 29.04
N VAL E 150 -5.94 10.98 28.38
CA VAL E 150 -7.01 10.10 28.86
C VAL E 150 -6.52 8.67 29.03
N SER E 151 -6.86 8.07 30.17
CA SER E 151 -6.49 6.69 30.42
C SER E 151 -7.74 5.82 30.56
N GLN E 152 -7.65 4.59 30.06
CA GLN E 152 -8.79 3.67 30.09
C GLN E 152 -9.05 3.16 31.50
N VAL E 153 -8.01 3.20 32.34
CA VAL E 153 -8.13 2.76 33.73
C VAL E 153 -8.30 3.98 34.65
N PRO E 154 -9.25 3.90 35.60
CA PRO E 154 -9.55 4.96 36.57
C PRO E 154 -8.47 5.20 37.62
N ARG E 155 -7.77 4.14 38.01
CA ARG E 155 -6.74 4.26 39.04
C ARG E 155 -5.63 5.22 38.60
N GLN E 156 -5.17 5.08 37.36
CA GLN E 156 -4.06 5.91 36.87
C GLN E 156 -4.46 7.38 36.82
N ALA E 157 -5.64 7.65 36.27
CA ALA E 157 -6.11 9.03 36.09
C ALA E 157 -6.28 9.79 37.43
N SER E 158 -5.77 11.03 37.45
CA SER E 158 -5.92 11.93 38.61
C SER E 158 -7.05 12.93 38.40
N ILE E 159 -7.91 12.64 37.44
CA ILE E 159 -9.19 13.32 37.31
C ILE E 159 -10.20 12.36 36.70
N VAL E 160 -11.41 12.31 37.23
CA VAL E 160 -12.44 11.41 36.68
C VAL E 160 -13.74 12.14 36.36
N ILE E 161 -14.16 12.02 35.09
CA ILE E 161 -15.29 12.77 34.61
C ILE E 161 -16.57 11.95 34.66
N GLY E 162 -17.71 12.63 34.71
CA GLY E 162 -19.01 11.97 34.65
C GLY E 162 -19.43 11.34 35.95
N PRO E 163 -20.64 10.76 35.99
CA PRO E 163 -21.17 10.09 37.18
C PRO E 163 -20.35 8.84 37.53
N TYR E 164 -20.01 8.65 38.80
CA TYR E 164 -19.12 7.56 39.19
C TYR E 164 -19.63 6.86 40.45
N SER E 165 -19.62 5.52 40.42
CA SER E 165 -20.20 4.73 41.52
C SER E 165 -19.11 4.10 42.37
N GLY E 166 -17.85 4.32 41.99
CA GLY E 166 -16.73 3.82 42.74
C GLY E 166 -16.58 4.59 44.05
N LYS E 167 -15.69 4.11 44.91
CA LYS E 167 -15.52 4.73 46.22
C LYS E 167 -14.83 6.08 46.11
N LYS E 168 -15.17 6.98 47.02
CA LYS E 168 -14.60 8.33 47.05
C LYS E 168 -13.13 8.30 47.44
N LYS E 169 -12.36 9.24 46.91
CA LYS E 169 -10.96 9.44 47.31
C LYS E 169 -10.62 10.92 47.29
N ALA E 170 -9.92 11.38 48.33
CA ALA E 170 -9.56 12.78 48.45
C ALA E 170 -8.62 13.23 47.33
N THR E 171 -7.75 12.31 46.88
CA THR E 171 -6.69 12.63 45.93
C THR E 171 -7.24 13.10 44.57
N VAL E 172 -8.20 12.36 44.03
CA VAL E 172 -8.69 12.68 42.69
C VAL E 172 -9.88 13.63 42.67
N LYS E 173 -10.01 14.35 41.56
CA LYS E 173 -11.13 15.25 41.35
C LYS E 173 -12.21 14.56 40.47
N TYR E 174 -13.44 14.49 41.00
CA TYR E 174 -14.57 13.88 40.28
C TYR E 174 -15.52 14.89 39.70
N LEU E 175 -15.41 15.07 38.39
CA LEU E 175 -16.00 16.23 37.75
C LEU E 175 -17.21 15.81 36.92
N SER E 176 -18.20 16.71 36.86
CA SER E 176 -19.32 16.57 35.95
C SER E 176 -18.80 16.92 34.57
N GLU E 177 -19.55 16.54 33.55
CA GLU E 177 -19.15 16.78 32.16
C GLU E 177 -19.03 18.30 31.87
N LYS E 178 -19.85 19.05 32.60
CA LYS E 178 -19.93 20.49 32.43
C LYS E 178 -18.55 21.11 32.57
N TRP E 179 -17.76 20.63 33.51
CA TRP E 179 -16.43 21.20 33.72
C TRP E 179 -15.74 21.27 32.36
N VAL E 180 -15.56 20.09 31.76
CA VAL E 180 -14.88 20.00 30.48
C VAL E 180 -15.57 20.88 29.46
N LEU E 181 -16.90 20.82 29.42
CA LEU E 181 -17.61 21.65 28.42
C LEU E 181 -17.40 23.18 28.53
N ASP E 182 -17.75 23.73 29.69
CA ASP E 182 -17.59 25.14 29.98
C ASP E 182 -16.15 25.58 29.88
N SER E 183 -15.22 24.72 30.31
CA SER E 183 -13.81 25.05 30.17
C SER E 183 -13.50 25.38 28.70
N ILE E 184 -14.10 24.64 27.79
CA ILE E 184 -13.83 24.85 26.37
C ILE E 184 -14.64 26.03 25.88
N THR E 185 -15.86 26.16 26.36
CA THR E 185 -16.67 27.30 25.93
C THR E 185 -16.10 28.70 26.25
N GLN E 186 -15.41 28.87 27.37
CA GLN E 186 -14.87 30.20 27.66
C GLN E 186 -13.36 30.25 27.55
N HIS E 187 -12.80 29.21 26.94
CA HIS E 187 -11.36 29.13 26.73
C HIS E 187 -10.57 29.40 28.01
N LYS E 188 -11.00 28.77 29.09
CA LYS E 188 -10.32 28.88 30.37
C LYS E 188 -10.65 27.64 31.21
N VAL E 189 -9.77 27.31 32.14
CA VAL E 189 -9.99 26.16 33.02
C VAL E 189 -10.84 26.59 34.21
N CYS E 190 -12.14 26.32 34.10
CA CYS E 190 -13.12 26.74 35.09
C CYS E 190 -12.76 26.22 36.49
N ALA E 191 -13.34 26.83 37.52
CA ALA E 191 -13.09 26.41 38.89
C ALA E 191 -13.88 25.14 39.21
N PRO E 192 -13.18 24.08 39.67
CA PRO E 192 -13.83 22.82 40.05
C PRO E 192 -14.79 22.94 41.26
N GLU E 193 -14.97 24.14 41.79
CA GLU E 193 -15.85 24.36 42.93
C GLU E 193 -17.29 23.96 42.61
N ASN E 194 -17.76 24.33 41.42
CA ASN E 194 -19.15 24.12 41.08
C ASN E 194 -19.42 22.92 40.15
N TYR E 195 -18.41 22.07 39.94
CA TYR E 195 -18.55 20.92 39.04
C TYR E 195 -18.47 19.53 39.72
N LEU E 196 -18.17 19.47 41.03
CA LEU E 196 -18.02 18.17 41.70
C LEU E 196 -19.37 17.56 42.08
N PRO F 10 20.75 22.69 4.27
CA PRO F 10 21.29 22.15 3.01
C PRO F 10 22.62 21.45 3.21
N THR F 11 23.40 21.91 4.18
CA THR F 11 24.72 21.37 4.52
C THR F 11 25.78 21.69 3.49
N ARG F 12 26.93 22.15 3.96
CA ARG F 12 28.01 22.50 3.06
C ARG F 12 28.87 21.27 2.77
N THR F 13 29.61 21.34 1.67
CA THR F 13 30.52 20.28 1.32
C THR F 13 31.93 20.80 1.14
N LEU F 14 32.87 19.86 1.26
CA LEU F 14 34.26 20.09 0.99
C LEU F 14 34.67 19.12 -0.13
N VAL F 15 35.54 19.54 -1.05
CA VAL F 15 36.07 18.64 -2.06
C VAL F 15 37.58 18.65 -2.03
N MET F 16 38.18 17.47 -2.09
CA MET F 16 39.63 17.33 -2.20
C MET F 16 40.01 17.12 -3.67
N THR F 17 41.13 17.69 -4.07
CA THR F 17 41.64 17.55 -5.43
C THR F 17 43.16 17.42 -5.42
N SER F 18 43.69 16.65 -6.37
CA SER F 18 45.11 16.33 -6.42
C SER F 18 45.65 15.90 -5.05
N MET F 19 44.84 15.19 -4.29
CA MET F 19 45.19 14.86 -2.93
C MET F 19 45.64 13.40 -2.84
N PRO F 20 46.87 13.16 -2.37
CA PRO F 20 47.38 11.80 -2.12
C PRO F 20 46.52 11.06 -1.10
N SER F 21 46.47 9.73 -1.21
CA SER F 21 45.61 8.91 -0.35
CA SER F 21 45.63 8.88 -0.35
C SER F 21 45.80 9.14 1.18
N GLU F 22 47.05 9.17 1.62
CA GLU F 22 47.38 9.42 3.03
C GLU F 22 46.80 10.77 3.55
N LYS F 23 46.98 11.81 2.74
CA LYS F 23 46.50 13.13 3.09
C LYS F 23 44.97 13.12 3.14
N GLN F 24 44.32 12.45 2.19
CA GLN F 24 42.87 12.29 2.27
C GLN F 24 42.52 11.65 3.59
N ASN F 25 43.17 10.52 3.90
CA ASN F 25 42.98 9.92 5.21
C ASN F 25 42.98 11.03 6.28
N VAL F 26 44.10 11.75 6.38
CA VAL F 26 44.19 12.83 7.38
C VAL F 26 42.97 13.80 7.33
N VAL F 27 42.70 14.38 6.18
CA VAL F 27 41.53 15.26 6.02
C VAL F 27 40.26 14.62 6.59
N ILE F 28 40.02 13.35 6.29
CA ILE F 28 38.89 12.63 6.87
C ILE F 28 38.94 12.60 8.38
N GLN F 29 40.08 12.21 8.94
CA GLN F 29 40.21 12.28 10.40
C GLN F 29 39.85 13.69 10.94
N VAL F 30 40.55 14.72 10.45
CA VAL F 30 40.35 16.05 10.97
C VAL F 30 38.90 16.48 10.85
N VAL F 31 38.32 16.23 9.69
CA VAL F 31 36.93 16.61 9.48
C VAL F 31 36.04 15.83 10.45
N ASP F 32 36.35 14.56 10.67
CA ASP F 32 35.57 13.77 11.60
C ASP F 32 35.70 14.30 13.01
N LYS F 33 36.87 14.79 13.36
CA LYS F 33 37.05 15.38 14.68
C LYS F 33 36.38 16.77 14.85
N LEU F 34 36.55 17.66 13.87
CA LEU F 34 36.08 19.05 14.01
C LEU F 34 34.65 19.23 13.54
N LYS F 35 34.16 18.23 12.82
CA LYS F 35 32.79 18.21 12.31
C LYS F 35 32.51 19.38 11.37
N GLY F 36 31.28 19.48 10.90
CA GLY F 36 30.88 20.64 10.14
C GLY F 36 31.11 20.54 8.65
N PHE F 37 31.55 19.38 8.18
CA PHE F 37 31.80 19.20 6.75
C PHE F 37 31.34 17.84 6.27
N SER F 38 30.65 17.80 5.16
CA SER F 38 30.48 16.55 4.42
C SER F 38 31.46 16.61 3.26
N ILE F 39 32.05 15.48 2.91
CA ILE F 39 33.00 15.43 1.80
C ILE F 39 32.42 14.78 0.54
N ALA F 40 32.32 15.57 -0.53
CA ALA F 40 31.76 15.12 -1.80
C ALA F 40 32.91 14.80 -2.72
N PRO F 41 32.64 13.99 -3.77
CA PRO F 41 33.65 13.59 -4.75
C PRO F 41 34.10 14.72 -5.65
N ASP F 42 33.15 15.54 -6.07
CA ASP F 42 33.46 16.65 -6.95
C ASP F 42 32.65 17.87 -6.52
N VAL F 43 33.04 19.02 -7.05
CA VAL F 43 32.49 20.30 -6.64
C VAL F 43 31.08 20.49 -7.14
N CYS F 44 30.16 20.87 -6.26
CA CYS F 44 28.77 21.10 -6.67
C CYS F 44 28.26 22.38 -6.02
N GLU F 45 26.95 22.60 -6.08
CA GLU F 45 26.38 23.84 -5.59
CA GLU F 45 26.34 23.82 -5.57
C GLU F 45 26.62 24.06 -4.10
N THR F 46 26.75 22.98 -3.33
CA THR F 46 26.88 23.10 -1.88
C THR F 46 28.32 23.14 -1.40
N THR F 47 29.25 22.99 -2.32
CA THR F 47 30.66 22.94 -1.98
C THR F 47 31.08 24.32 -1.51
N THR F 48 31.77 24.44 -0.39
CA THR F 48 32.30 25.73 -0.02
C THR F 48 33.84 25.75 0.03
N HIS F 49 34.43 24.59 0.33
CA HIS F 49 35.86 24.47 0.53
C HIS F 49 36.42 23.42 -0.41
N VAL F 50 37.50 23.76 -1.08
CA VAL F 50 38.18 22.84 -1.97
C VAL F 50 39.63 22.77 -1.52
N LEU F 51 40.03 21.64 -0.98
CA LEU F 51 41.42 21.47 -0.55
C LEU F 51 42.23 20.78 -1.63
N SER F 52 43.35 21.39 -1.99
CA SER F 52 44.21 20.85 -3.01
C SER F 52 45.49 20.36 -2.35
N GLY F 53 45.82 19.10 -2.59
CA GLY F 53 47.10 18.55 -2.17
C GLY F 53 48.29 19.09 -2.95
N LYS F 54 48.07 19.51 -4.19
CA LYS F 54 49.14 20.10 -5.00
C LYS F 54 48.54 21.10 -5.98
N PRO F 55 49.16 22.28 -6.11
CA PRO F 55 48.65 23.39 -6.94
C PRO F 55 48.51 23.04 -8.42
N LEU F 56 47.50 22.26 -8.76
CA LEU F 56 47.28 21.83 -10.13
C LEU F 56 45.89 22.23 -10.58
N ARG F 57 45.80 22.71 -11.82
CA ARG F 57 44.55 23.19 -12.32
C ARG F 57 43.67 22.00 -12.73
N THR F 58 43.04 21.36 -11.75
CA THR F 58 42.08 20.31 -12.06
C THR F 58 40.73 20.97 -12.32
N LEU F 59 39.77 20.15 -12.74
CA LEU F 59 38.39 20.61 -12.95
C LEU F 59 37.70 21.03 -11.63
N ASN F 60 38.08 20.39 -10.53
CA ASN F 60 37.55 20.77 -9.23
C ASN F 60 38.04 22.15 -8.77
N VAL F 61 39.28 22.49 -9.11
CA VAL F 61 39.85 23.82 -8.84
C VAL F 61 39.13 24.86 -9.69
N LEU F 62 38.96 24.56 -10.97
CA LEU F 62 38.30 25.52 -11.85
C LEU F 62 36.85 25.77 -11.43
N LEU F 63 36.13 24.67 -11.16
CA LEU F 63 34.75 24.77 -10.73
C LEU F 63 34.68 25.48 -9.37
N GLY F 64 35.62 25.18 -8.48
CA GLY F 64 35.71 25.85 -7.20
C GLY F 64 35.86 27.35 -7.39
N ILE F 65 36.77 27.77 -8.25
CA ILE F 65 36.87 29.19 -8.58
C ILE F 65 35.55 29.71 -9.12
N ALA F 66 34.98 29.00 -10.09
CA ALA F 66 33.75 29.44 -10.73
C ALA F 66 32.63 29.73 -9.71
N ARG F 67 32.58 28.95 -8.66
CA ARG F 67 31.50 29.06 -7.67
C ARG F 67 31.85 30.02 -6.54
N GLY F 68 33.07 30.54 -6.55
CA GLY F 68 33.54 31.44 -5.52
C GLY F 68 33.95 30.76 -4.24
N CYS F 69 34.39 29.50 -4.33
CA CYS F 69 34.75 28.68 -3.16
C CYS F 69 36.09 29.10 -2.58
N TRP F 70 36.38 28.61 -1.37
CA TRP F 70 37.73 28.69 -0.82
C TRP F 70 38.63 27.62 -1.48
N VAL F 71 39.76 28.01 -2.06
CA VAL F 71 40.66 27.03 -2.66
C VAL F 71 42.01 27.00 -1.96
N LEU F 72 42.19 26.01 -1.10
CA LEU F 72 43.23 26.06 -0.09
C LEU F 72 44.25 24.98 -0.21
N SER F 73 45.36 25.17 0.48
CA SER F 73 46.35 24.13 0.63
C SER F 73 45.90 23.21 1.74
N TYR F 74 46.45 22.00 1.70
CA TYR F 74 46.17 20.95 2.67
C TYR F 74 46.44 21.47 4.10
N ASP F 75 47.45 22.31 4.20
CA ASP F 75 47.92 22.85 5.47
C ASP F 75 46.79 23.42 6.33
N TRP F 76 45.79 24.02 5.69
CA TRP F 76 44.62 24.58 6.36
C TRP F 76 43.99 23.59 7.33
N VAL F 77 44.06 22.30 6.95
CA VAL F 77 43.49 21.23 7.75
C VAL F 77 44.42 20.91 8.89
N LEU F 78 45.72 21.14 8.70
CA LEU F 78 46.70 20.70 9.68
C LEU F 78 46.62 21.67 10.86
N TRP F 79 46.64 22.98 10.55
CA TRP F 79 46.57 23.99 11.57
C TRP F 79 45.23 24.03 12.26
N SER F 80 44.17 23.63 11.56
CA SER F 80 42.88 23.53 12.20
C SER F 80 42.92 22.44 13.25
N LEU F 81 43.55 21.32 12.92
CA LEU F 81 43.67 20.20 13.85
C LEU F 81 44.42 20.68 15.07
N GLU F 82 45.48 21.45 14.83
CA GLU F 82 46.34 21.94 15.87
C GLU F 82 45.56 22.76 16.91
N LEU F 83 44.74 23.70 16.44
CA LEU F 83 43.95 24.57 17.32
C LEU F 83 42.58 23.99 17.72
N GLY F 84 42.22 22.82 17.19
CA GLY F 84 41.01 22.11 17.62
C GLY F 84 39.70 22.63 17.04
N HIS F 85 39.81 23.52 16.06
CA HIS F 85 38.66 24.06 15.35
C HIS F 85 39.14 24.64 14.02
N TRP F 86 38.20 24.83 13.08
CA TRP F 86 38.50 25.45 11.78
C TRP F 86 38.93 26.89 11.96
N ILE F 87 40.13 27.18 11.50
CA ILE F 87 40.66 28.53 11.55
C ILE F 87 40.46 29.31 10.23
N SER F 88 40.96 30.54 10.22
CA SER F 88 40.87 31.40 9.05
C SER F 88 41.43 30.78 7.76
N GLU F 89 40.62 30.80 6.72
CA GLU F 89 40.95 30.14 5.48
C GLU F 89 41.95 30.94 4.65
N GLU F 90 41.90 32.26 4.75
CA GLU F 90 42.60 33.15 3.81
C GLU F 90 44.11 33.00 3.73
N PRO F 91 44.76 32.75 4.87
CA PRO F 91 46.23 32.54 4.84
C PRO F 91 46.66 31.31 4.04
N PHE F 92 45.75 30.38 3.79
CA PHE F 92 46.05 29.16 3.03
C PHE F 92 45.38 29.14 1.67
N GLU F 93 44.84 30.27 1.24
CA GLU F 93 44.23 30.37 -0.08
C GLU F 93 45.34 30.38 -1.13
N LEU F 94 45.12 29.72 -2.28
CA LEU F 94 46.15 29.58 -3.33
C LEU F 94 46.12 30.73 -4.32
N SER F 95 46.34 31.95 -3.84
CA SER F 95 46.20 33.15 -4.65
C SER F 95 47.32 33.31 -5.67
N HIS F 96 48.50 32.80 -5.34
CA HIS F 96 49.62 32.86 -6.24
CA HIS F 96 49.61 32.86 -6.26
C HIS F 96 49.33 32.03 -7.51
N HIS F 97 49.04 30.75 -7.33
CA HIS F 97 48.77 29.88 -8.47
C HIS F 97 47.44 30.12 -9.15
N PHE F 98 46.47 30.61 -8.40
CA PHE F 98 45.16 30.93 -8.95
C PHE F 98 44.66 32.29 -8.44
N PRO F 99 45.08 33.38 -9.12
CA PRO F 99 44.72 34.76 -8.75
C PRO F 99 43.20 35.03 -8.67
N ALA F 100 42.39 34.24 -9.38
CA ALA F 100 40.94 34.42 -9.39
C ALA F 100 40.25 33.81 -8.16
N ALA F 101 40.95 32.95 -7.42
CA ALA F 101 40.37 32.34 -6.24
C ALA F 101 39.87 33.40 -5.25
N PRO F 102 40.80 34.18 -4.68
CA PRO F 102 40.40 35.18 -3.69
C PRO F 102 39.39 36.20 -4.24
N LEU F 103 39.55 36.61 -5.51
CA LEU F 103 38.64 37.55 -6.15
C LEU F 103 37.21 37.00 -6.19
N CYS F 104 37.07 35.82 -6.82
CA CYS F 104 35.75 35.20 -6.91
C CYS F 104 35.18 34.94 -5.54
N ARG F 105 35.98 34.39 -4.63
CA ARG F 105 35.55 34.11 -3.27
C ARG F 105 34.99 35.37 -2.62
N SER F 106 35.77 36.45 -2.70
CA SER F 106 35.36 37.76 -2.18
C SER F 106 34.02 38.15 -2.77
N GLU F 107 33.91 38.10 -4.10
CA GLU F 107 32.64 38.43 -4.75
C GLU F 107 31.47 37.57 -4.27
N CYS F 108 31.72 36.28 -4.11
CA CYS F 108 30.69 35.38 -3.62
C CYS F 108 30.27 35.78 -2.22
N HIS F 109 31.25 36.05 -1.34
CA HIS F 109 30.95 36.48 0.02
C HIS F 109 30.18 37.82 0.07
N LEU F 110 30.69 38.86 -0.59
CA LEU F 110 30.03 40.16 -0.57
C LEU F 110 28.74 40.23 -1.39
N SER F 111 28.47 39.20 -2.18
CA SER F 111 27.33 39.21 -3.08
C SER F 111 25.98 39.30 -2.37
N ALA F 112 25.11 40.18 -2.86
CA ALA F 112 23.75 40.30 -2.34
C ALA F 112 22.84 39.33 -3.09
N GLY F 113 22.37 38.31 -2.39
CA GLY F 113 21.64 37.23 -3.04
C GLY F 113 22.59 36.19 -3.62
N PRO F 114 22.04 35.13 -4.23
CA PRO F 114 22.81 34.03 -4.82
C PRO F 114 23.92 34.51 -5.75
N TYR F 115 25.15 34.11 -5.47
CA TYR F 115 26.29 34.57 -6.26
C TYR F 115 26.27 34.03 -7.68
N ARG F 116 26.55 34.92 -8.62
CA ARG F 116 26.51 34.59 -10.03
C ARG F 116 27.62 35.36 -10.75
N GLY F 117 28.62 34.63 -11.23
CA GLY F 117 29.78 35.19 -11.90
C GLY F 117 29.41 35.92 -13.18
N THR F 118 30.20 36.94 -13.51
CA THR F 118 29.95 37.81 -14.66
C THR F 118 31.21 38.04 -15.48
N LEU F 119 32.15 37.11 -15.39
CA LEU F 119 33.38 37.20 -16.17
C LEU F 119 33.08 37.29 -17.69
N PHE F 120 32.26 36.39 -18.18
CA PHE F 120 31.97 36.30 -19.60
C PHE F 120 30.72 37.08 -19.99
N ALA F 121 30.31 37.99 -19.10
CA ALA F 121 29.07 38.74 -19.27
C ALA F 121 29.08 39.59 -20.54
N ASP F 122 30.24 40.18 -20.82
CA ASP F 122 30.41 41.03 -22.01
C ASP F 122 30.75 40.20 -23.26
N GLN F 123 30.97 38.91 -23.10
CA GLN F 123 31.28 38.05 -24.24
C GLN F 123 30.03 37.61 -24.96
N PRO F 124 30.14 37.40 -26.28
CA PRO F 124 29.04 36.95 -27.13
C PRO F 124 28.76 35.49 -26.93
N VAL F 125 27.72 34.99 -27.60
CA VAL F 125 27.34 33.59 -27.47
C VAL F 125 28.46 32.68 -27.97
N MET F 126 28.63 31.53 -27.30
CA MET F 126 29.72 30.62 -27.60
C MET F 126 29.18 29.25 -27.95
N PHE F 127 29.88 28.54 -28.83
CA PHE F 127 29.56 27.13 -29.07
C PHE F 127 30.71 26.24 -28.67
N VAL F 128 30.45 25.26 -27.81
CA VAL F 128 31.50 24.38 -27.33
C VAL F 128 31.48 23.07 -28.11
N SER F 129 32.68 22.63 -28.51
CA SER F 129 32.88 21.46 -29.32
C SER F 129 32.46 20.23 -28.54
N PRO F 130 31.75 19.29 -29.18
CA PRO F 130 31.40 17.99 -28.58
C PRO F 130 32.63 17.11 -28.35
N ALA F 131 33.81 17.56 -28.79
CA ALA F 131 35.02 16.77 -28.55
C ALA F 131 36.03 17.56 -27.76
N SER F 132 35.54 18.54 -27.01
CA SER F 132 36.45 19.40 -26.28
C SER F 132 37.04 18.66 -25.09
N SER F 133 38.12 19.21 -24.57
CA SER F 133 38.68 18.74 -23.33
C SER F 133 38.98 20.01 -22.54
N PRO F 134 38.46 20.13 -21.32
CA PRO F 134 37.64 19.16 -20.59
C PRO F 134 36.36 18.85 -21.32
N PRO F 135 35.57 17.90 -20.79
CA PRO F 135 34.33 17.49 -21.46
C PRO F 135 33.35 18.64 -21.64
N VAL F 136 32.62 18.67 -22.75
CA VAL F 136 31.76 19.80 -23.08
C VAL F 136 30.79 20.18 -21.95
N ALA F 137 30.26 19.21 -21.21
CA ALA F 137 29.32 19.54 -20.14
C ALA F 137 29.95 20.39 -19.02
N LYS F 138 31.11 19.95 -18.53
CA LYS F 138 31.89 20.66 -17.52
C LYS F 138 32.36 22.04 -18.00
N LEU F 139 32.70 22.11 -19.28
CA LEU F 139 33.22 23.35 -19.85
C LEU F 139 32.07 24.33 -19.99
N CYS F 140 30.94 23.83 -20.49
CA CYS F 140 29.77 24.66 -20.60
C CYS F 140 29.34 25.13 -19.23
N GLU F 141 29.41 24.24 -18.24
CA GLU F 141 29.19 24.63 -16.85
C GLU F 141 30.12 25.78 -16.43
N LEU F 142 31.42 25.61 -16.64
CA LEU F 142 32.37 26.70 -16.38
C LEU F 142 31.99 28.01 -17.06
N VAL F 143 31.61 27.93 -18.34
CA VAL F 143 31.17 29.14 -19.02
C VAL F 143 29.91 29.73 -18.35
N HIS F 144 28.92 28.89 -18.08
CA HIS F 144 27.67 29.39 -17.52
C HIS F 144 27.88 30.04 -16.19
N LEU F 145 28.71 29.41 -15.35
CA LEU F 145 28.93 29.97 -14.02
C LEU F 145 29.66 31.31 -14.09
N CYS F 146 30.15 31.68 -15.25
CA CYS F 146 30.93 32.90 -15.34
C CYS F 146 30.19 33.94 -16.16
N GLY F 147 28.93 33.66 -16.45
CA GLY F 147 28.08 34.61 -17.12
C GLY F 147 28.22 34.54 -18.63
N GLY F 148 28.74 33.42 -19.10
CA GLY F 148 28.80 33.15 -20.52
C GLY F 148 27.52 32.51 -21.03
N ARG F 149 27.21 32.77 -22.30
CA ARG F 149 26.02 32.22 -22.93
C ARG F 149 26.40 31.16 -23.96
N VAL F 150 25.86 29.97 -23.82
CA VAL F 150 26.20 28.85 -24.69
C VAL F 150 25.00 28.39 -25.51
N SER F 151 25.26 28.05 -26.77
CA SER F 151 24.23 27.56 -27.68
C SER F 151 24.63 26.23 -28.28
N GLN F 152 23.65 25.38 -28.53
CA GLN F 152 23.86 24.06 -29.13
C GLN F 152 23.94 24.14 -30.65
N VAL F 153 23.79 25.34 -31.20
CA VAL F 153 23.85 25.57 -32.64
C VAL F 153 25.01 26.47 -33.00
N PRO F 154 26.02 25.89 -33.65
CA PRO F 154 27.26 26.61 -33.96
C PRO F 154 27.00 27.89 -34.76
N ARG F 155 25.99 27.87 -35.61
CA ARG F 155 25.71 29.01 -36.49
C ARG F 155 25.43 30.31 -35.73
N GLN F 156 24.87 30.19 -34.53
CA GLN F 156 24.48 31.37 -33.77
C GLN F 156 25.62 31.97 -32.96
N ALA F 157 26.63 31.15 -32.66
CA ALA F 157 27.73 31.58 -31.82
C ALA F 157 28.67 32.49 -32.61
N SER F 158 29.22 33.48 -31.94
CA SER F 158 30.27 34.30 -32.52
C SER F 158 31.62 33.77 -32.10
N ILE F 159 31.63 32.82 -31.18
CA ILE F 159 32.86 32.22 -30.71
C ILE F 159 32.66 30.73 -30.62
N VAL F 160 33.59 29.99 -31.23
CA VAL F 160 33.57 28.54 -31.15
C VAL F 160 34.80 28.04 -30.40
N ILE F 161 34.55 27.15 -29.44
CA ILE F 161 35.58 26.60 -28.58
C ILE F 161 35.81 25.14 -28.91
N GLY F 162 37.09 24.75 -29.01
CA GLY F 162 37.45 23.37 -29.25
C GLY F 162 37.46 23.01 -30.73
N PRO F 163 37.89 21.78 -31.04
CA PRO F 163 37.97 21.35 -32.45
C PRO F 163 36.65 21.53 -33.18
N TYR F 164 36.70 22.18 -34.33
CA TYR F 164 35.50 22.42 -35.13
C TYR F 164 35.78 22.06 -36.59
N SER F 165 34.89 21.30 -37.21
CA SER F 165 35.07 20.93 -38.61
C SER F 165 34.23 21.78 -39.58
N GLY F 166 33.32 22.58 -39.03
CA GLY F 166 32.39 23.36 -39.86
C GLY F 166 33.06 24.49 -40.64
N LYS F 167 32.25 25.25 -41.39
CA LYS F 167 32.76 26.35 -42.20
C LYS F 167 33.38 27.43 -41.31
N LYS F 168 34.52 27.96 -41.72
CA LYS F 168 35.20 29.00 -40.96
C LYS F 168 34.83 30.40 -41.45
N LYS F 169 34.28 31.23 -40.57
CA LYS F 169 33.91 32.58 -40.89
C LYS F 169 34.87 33.61 -40.29
N ALA F 170 35.16 34.66 -41.04
CA ALA F 170 36.05 35.74 -40.59
C ALA F 170 35.48 36.39 -39.32
N THR F 171 34.17 36.57 -39.28
CA THR F 171 33.51 37.12 -38.11
C THR F 171 33.74 36.28 -36.86
N VAL F 172 33.58 34.96 -36.99
CA VAL F 172 33.65 34.07 -35.82
C VAL F 172 35.06 33.88 -35.32
N LYS F 173 35.23 33.84 -34.01
CA LYS F 173 36.52 33.54 -33.39
C LYS F 173 36.57 32.06 -32.94
N TYR F 174 37.61 31.37 -33.38
CA TYR F 174 37.80 29.96 -33.05
C TYR F 174 38.89 29.78 -32.02
N LEU F 175 38.48 29.55 -30.78
CA LEU F 175 39.46 29.57 -29.69
C LEU F 175 39.56 28.21 -29.01
N SER F 176 40.76 27.89 -28.53
CA SER F 176 40.96 26.67 -27.80
C SER F 176 40.23 26.73 -26.46
N GLU F 177 39.89 25.55 -25.95
CA GLU F 177 39.32 25.38 -24.64
C GLU F 177 40.13 26.16 -23.59
N LYS F 178 41.43 26.30 -23.83
CA LYS F 178 42.32 26.96 -22.88
C LYS F 178 42.07 28.45 -22.68
N TRP F 179 41.47 29.11 -23.67
CA TRP F 179 41.08 30.51 -23.52
C TRP F 179 40.08 30.73 -22.36
N VAL F 180 39.08 29.86 -22.30
CA VAL F 180 38.12 29.84 -21.20
C VAL F 180 38.81 29.59 -19.86
N LEU F 181 39.60 28.51 -19.81
CA LEU F 181 40.29 28.13 -18.58
C LEU F 181 41.26 29.17 -18.05
N ASP F 182 42.09 29.70 -18.95
CA ASP F 182 43.01 30.77 -18.59
C ASP F 182 42.22 32.02 -18.19
N SER F 183 41.19 32.38 -18.96
CA SER F 183 40.38 33.53 -18.56
C SER F 183 39.86 33.32 -17.13
N ILE F 184 39.33 32.13 -16.85
CA ILE F 184 38.80 31.80 -15.51
C ILE F 184 39.89 31.83 -14.44
N THR F 185 41.06 31.29 -14.76
CA THR F 185 42.19 31.28 -13.84
C THR F 185 42.72 32.69 -13.53
N GLN F 186 42.70 33.57 -14.53
CA GLN F 186 43.24 34.92 -14.33
C GLN F 186 42.18 35.89 -13.82
N HIS F 187 40.92 35.53 -14.01
CA HIS F 187 39.79 36.44 -13.78
C HIS F 187 39.80 37.65 -14.73
N LYS F 188 40.51 37.52 -15.85
CA LYS F 188 40.46 38.53 -16.91
C LYS F 188 40.26 37.79 -18.21
N VAL F 189 39.40 38.31 -19.08
CA VAL F 189 39.21 37.70 -20.38
C VAL F 189 40.50 37.88 -21.16
N CYS F 190 41.16 36.76 -21.41
CA CYS F 190 42.43 36.77 -22.10
C CYS F 190 42.22 37.20 -23.54
N ALA F 191 43.32 37.56 -24.18
CA ALA F 191 43.34 37.98 -25.57
C ALA F 191 43.23 36.74 -26.44
N PRO F 192 42.41 36.81 -27.48
CA PRO F 192 42.16 35.69 -28.38
C PRO F 192 43.38 35.23 -29.17
N GLU F 193 44.23 36.15 -29.62
CA GLU F 193 45.31 35.88 -30.58
C GLU F 193 46.20 34.71 -30.22
N ASN F 194 46.51 34.58 -28.93
CA ASN F 194 47.34 33.49 -28.43
C ASN F 194 46.63 32.14 -28.26
N TYR F 195 45.30 32.12 -28.39
CA TYR F 195 44.52 30.88 -28.22
C TYR F 195 43.83 30.48 -29.53
N LEU F 196 44.19 31.12 -30.62
CA LEU F 196 43.56 30.82 -31.91
C LEU F 196 43.86 29.42 -32.43
N LEU F 197 42.82 28.72 -32.84
CA LEU F 197 42.98 27.37 -33.37
C LEU F 197 43.20 27.40 -34.87
N SER F 198 44.22 26.69 -35.32
CA SER F 198 44.56 26.64 -36.74
C SER F 198 45.53 25.51 -37.04
N LYS G 8 -26.36 -41.83 -8.58
CA LYS G 8 -27.31 -42.55 -7.74
C LYS G 8 -28.06 -41.61 -6.79
N LYS G 9 -27.54 -40.38 -6.62
CA LYS G 9 -28.13 -39.43 -5.67
C LYS G 9 -29.58 -39.10 -5.99
N PRO G 10 -30.46 -39.16 -4.97
CA PRO G 10 -31.91 -38.97 -5.12
C PRO G 10 -32.30 -37.56 -5.57
N THR G 11 -33.33 -37.47 -6.39
CA THR G 11 -33.85 -36.17 -6.82
C THR G 11 -34.33 -35.33 -5.64
N ARG G 12 -33.78 -34.13 -5.51
CA ARG G 12 -34.15 -33.27 -4.39
C ARG G 12 -35.66 -33.30 -4.20
N THR G 13 -36.09 -33.39 -2.96
CA THR G 13 -37.53 -33.45 -2.69
C THR G 13 -38.01 -32.08 -2.26
N LEU G 14 -39.30 -31.87 -2.48
CA LEU G 14 -40.01 -30.68 -2.07
C LEU G 14 -41.13 -31.15 -1.14
N VAL G 15 -41.39 -30.40 -0.08
CA VAL G 15 -42.48 -30.71 0.84
C VAL G 15 -43.40 -29.51 1.02
N MET G 16 -44.70 -29.74 0.93
CA MET G 16 -45.69 -28.71 1.18
C MET G 16 -46.24 -28.86 2.57
N THR G 17 -46.58 -27.75 3.20
CA THR G 17 -47.08 -27.77 4.56
C THR G 17 -48.14 -26.66 4.68
N SER G 18 -49.16 -26.89 5.48
CA SER G 18 -50.25 -25.93 5.65
C SER G 18 -50.79 -25.45 4.31
N MET G 19 -50.75 -26.34 3.34
CA MET G 19 -51.11 -25.99 1.98
C MET G 19 -52.50 -26.48 1.64
N PRO G 20 -53.42 -25.55 1.32
CA PRO G 20 -54.78 -25.89 0.90
C PRO G 20 -54.81 -26.74 -0.38
N SER G 21 -55.86 -27.53 -0.55
CA SER G 21 -55.99 -28.44 -1.68
C SER G 21 -55.76 -27.77 -3.08
N GLU G 22 -56.43 -26.65 -3.32
CA GLU G 22 -56.33 -25.94 -4.59
C GLU G 22 -54.87 -25.53 -4.92
N LYS G 23 -54.19 -24.97 -3.91
CA LYS G 23 -52.79 -24.54 -4.04
C LYS G 23 -51.84 -25.74 -4.25
N GLN G 24 -52.11 -26.86 -3.57
CA GLN G 24 -51.38 -28.08 -3.83
C GLN G 24 -51.57 -28.52 -5.26
N ASN G 25 -52.82 -28.54 -5.71
CA ASN G 25 -53.11 -28.76 -7.11
C ASN G 25 -52.14 -27.94 -7.96
N VAL G 26 -52.28 -26.61 -7.87
CA VAL G 26 -51.42 -25.73 -8.67
C VAL G 26 -49.92 -26.12 -8.60
N VAL G 27 -49.41 -26.30 -7.37
CA VAL G 27 -48.01 -26.68 -7.16
C VAL G 27 -47.65 -27.96 -7.91
N ILE G 28 -48.52 -28.95 -7.80
CA ILE G 28 -48.34 -30.17 -8.56
C ILE G 28 -48.23 -29.84 -10.04
N GLN G 29 -49.23 -29.14 -10.58
CA GLN G 29 -49.16 -28.74 -12.00
C GLN G 29 -47.81 -28.12 -12.36
N VAL G 30 -47.42 -27.09 -11.62
CA VAL G 30 -46.17 -26.41 -11.91
C VAL G 30 -44.96 -27.33 -11.87
N VAL G 31 -44.82 -28.13 -10.81
CA VAL G 31 -43.71 -29.09 -10.77
C VAL G 31 -43.75 -30.08 -11.92
N ASP G 32 -44.96 -30.46 -12.31
CA ASP G 32 -45.17 -31.31 -13.48
C ASP G 32 -44.58 -30.62 -14.69
N LYS G 33 -44.91 -29.35 -14.85
CA LYS G 33 -44.36 -28.59 -15.97
C LYS G 33 -42.82 -28.41 -15.91
N LEU G 34 -42.27 -27.91 -14.80
CA LEU G 34 -40.83 -27.58 -14.79
C LEU G 34 -39.91 -28.75 -14.50
N LYS G 35 -40.43 -29.76 -13.81
CA LYS G 35 -39.66 -30.94 -13.44
C LYS G 35 -38.58 -30.57 -12.42
N GLY G 36 -37.63 -31.46 -12.23
CA GLY G 36 -36.50 -31.21 -11.35
C GLY G 36 -36.88 -31.29 -9.89
N PHE G 37 -38.05 -31.83 -9.60
CA PHE G 37 -38.49 -31.98 -8.21
C PHE G 37 -39.30 -33.23 -7.95
N SER G 38 -39.02 -33.85 -6.81
CA SER G 38 -39.85 -34.94 -6.33
C SER G 38 -40.64 -34.37 -5.18
N ILE G 39 -41.86 -34.85 -5.01
CA ILE G 39 -42.70 -34.39 -3.93
C ILE G 39 -42.82 -35.47 -2.85
N ALA G 40 -42.38 -35.11 -1.66
CA ALA G 40 -42.43 -35.97 -0.49
C ALA G 40 -43.55 -35.48 0.41
N PRO G 41 -44.06 -36.37 1.27
CA PRO G 41 -45.14 -36.08 2.21
C PRO G 41 -44.64 -35.26 3.38
N ASP G 42 -43.47 -35.61 3.87
CA ASP G 42 -42.86 -34.90 4.98
C ASP G 42 -41.37 -34.73 4.74
N VAL G 43 -40.79 -33.77 5.45
CA VAL G 43 -39.40 -33.41 5.29
C VAL G 43 -38.45 -34.59 5.62
N CYS G 44 -37.48 -34.83 4.74
CA CYS G 44 -36.52 -35.90 4.97
C CYS G 44 -35.17 -35.42 4.48
N GLU G 45 -34.22 -36.34 4.51
CA GLU G 45 -32.81 -36.01 4.27
CA GLU G 45 -32.82 -36.02 4.26
C GLU G 45 -32.56 -35.49 2.85
N THR G 46 -33.54 -35.64 1.96
CA THR G 46 -33.35 -35.19 0.58
C THR G 46 -34.04 -33.85 0.29
N THR G 47 -34.79 -33.36 1.25
CA THR G 47 -35.57 -32.14 1.10
C THR G 47 -34.69 -30.89 1.07
N THR G 48 -34.97 -30.03 0.09
CA THR G 48 -34.27 -28.78 -0.02
C THR G 48 -35.28 -27.64 -0.02
N HIS G 49 -36.52 -27.93 -0.41
CA HIS G 49 -37.55 -26.90 -0.45
C HIS G 49 -38.81 -27.24 0.35
N VAL G 50 -39.20 -26.34 1.22
CA VAL G 50 -40.42 -26.50 1.98
C VAL G 50 -41.35 -25.36 1.64
N LEU G 51 -42.37 -25.64 0.84
CA LEU G 51 -43.38 -24.64 0.56
C LEU G 51 -44.50 -24.64 1.60
N SER G 52 -44.81 -23.46 2.11
CA SER G 52 -45.80 -23.31 3.14
C SER G 52 -46.96 -22.48 2.62
N GLY G 53 -48.17 -23.00 2.78
CA GLY G 53 -49.36 -22.26 2.41
C GLY G 53 -49.71 -21.16 3.41
N LYS G 54 -49.40 -21.38 4.68
CA LYS G 54 -49.67 -20.40 5.73
C LYS G 54 -48.47 -20.42 6.65
N PRO G 55 -48.13 -19.29 7.25
CA PRO G 55 -46.98 -19.14 8.14
C PRO G 55 -47.19 -19.76 9.53
N LEU G 56 -47.52 -21.05 9.57
CA LEU G 56 -47.74 -21.76 10.81
C LEU G 56 -46.56 -22.66 11.12
N ARG G 57 -46.22 -22.76 12.40
CA ARG G 57 -45.08 -23.54 12.83
C ARG G 57 -45.49 -25.00 12.92
N THR G 58 -45.43 -25.68 11.78
CA THR G 58 -45.68 -27.12 11.72
C THR G 58 -44.37 -27.89 11.88
N LEU G 59 -44.49 -29.20 12.05
CA LEU G 59 -43.33 -30.08 12.21
C LEU G 59 -42.45 -30.07 10.98
N ASN G 60 -43.08 -29.99 9.81
CA ASN G 60 -42.34 -29.86 8.57
C ASN G 60 -41.53 -28.57 8.46
N VAL G 61 -42.08 -27.49 8.99
CA VAL G 61 -41.37 -26.25 8.99
C VAL G 61 -40.14 -26.41 9.89
N LEU G 62 -40.37 -26.90 11.09
CA LEU G 62 -39.31 -27.06 12.07
C LEU G 62 -38.16 -27.92 11.54
N LEU G 63 -38.53 -29.08 10.99
CA LEU G 63 -37.56 -29.93 10.35
C LEU G 63 -36.89 -29.25 9.17
N GLY G 64 -37.66 -28.48 8.38
CA GLY G 64 -37.09 -27.76 7.26
C GLY G 64 -36.00 -26.79 7.68
N ILE G 65 -36.29 -26.02 8.72
CA ILE G 65 -35.32 -25.10 9.32
C ILE G 65 -34.12 -25.85 9.87
N ALA G 66 -34.40 -26.88 10.67
CA ALA G 66 -33.35 -27.71 11.23
C ALA G 66 -32.37 -28.21 10.16
N ARG G 67 -32.89 -28.53 8.97
CA ARG G 67 -32.08 -29.09 7.89
C ARG G 67 -31.44 -28.04 6.97
N GLY G 68 -31.70 -26.76 7.21
CA GLY G 68 -31.17 -25.71 6.38
C GLY G 68 -31.90 -25.58 5.04
N CYS G 69 -33.16 -26.02 5.00
CA CYS G 69 -34.00 -25.92 3.79
C CYS G 69 -34.39 -24.49 3.42
N TRP G 70 -34.85 -24.31 2.18
CA TRP G 70 -35.58 -23.11 1.80
C TRP G 70 -36.99 -23.21 2.32
N VAL G 71 -37.41 -22.27 3.16
CA VAL G 71 -38.78 -22.28 3.66
C VAL G 71 -39.56 -21.13 3.04
N LEU G 72 -40.29 -21.44 1.98
CA LEU G 72 -40.80 -20.44 1.07
C LEU G 72 -42.31 -20.27 1.09
N SER G 73 -42.76 -19.23 0.43
CA SER G 73 -44.18 -19.07 0.23
C SER G 73 -44.60 -19.74 -1.08
N TYR G 74 -45.91 -19.90 -1.19
CA TYR G 74 -46.53 -20.36 -2.41
C TYR G 74 -46.14 -19.48 -3.62
N ASP G 75 -46.00 -18.18 -3.38
CA ASP G 75 -45.71 -17.19 -4.43
C ASP G 75 -44.51 -17.58 -5.34
N TRP G 76 -43.53 -18.24 -4.74
CA TRP G 76 -42.32 -18.68 -5.45
C TRP G 76 -42.61 -19.65 -6.57
N VAL G 77 -43.58 -20.51 -6.31
CA VAL G 77 -44.10 -21.44 -7.31
C VAL G 77 -44.80 -20.72 -8.47
N LEU G 78 -45.65 -19.77 -8.12
CA LEU G 78 -46.40 -19.02 -9.11
C LEU G 78 -45.43 -18.28 -10.00
N TRP G 79 -44.49 -17.56 -9.38
CA TRP G 79 -43.57 -16.76 -10.19
C TRP G 79 -42.60 -17.64 -10.96
N SER G 80 -42.20 -18.76 -10.36
CA SER G 80 -41.42 -19.69 -11.17
C SER G 80 -42.23 -20.11 -12.38
N LEU G 81 -43.52 -20.38 -12.19
CA LEU G 81 -44.38 -20.71 -13.31
C LEU G 81 -44.41 -19.56 -14.33
N GLU G 82 -44.60 -18.35 -13.85
CA GLU G 82 -44.66 -17.20 -14.75
C GLU G 82 -43.39 -17.07 -15.58
N LEU G 83 -42.23 -17.29 -14.97
CA LEU G 83 -40.98 -17.21 -15.75
C LEU G 83 -40.58 -18.50 -16.50
N GLY G 84 -41.41 -19.54 -16.40
CA GLY G 84 -41.14 -20.80 -17.05
C GLY G 84 -39.95 -21.60 -16.51
N HIS G 85 -39.48 -21.30 -15.31
CA HIS G 85 -38.41 -22.06 -14.68
C HIS G 85 -38.20 -21.60 -13.25
N TRP G 86 -37.60 -22.45 -12.43
CA TRP G 86 -37.40 -22.15 -11.03
C TRP G 86 -36.49 -20.93 -10.90
N ILE G 87 -36.87 -20.00 -10.03
CA ILE G 87 -36.10 -18.78 -9.81
C ILE G 87 -35.57 -18.69 -8.38
N SER G 88 -34.82 -17.63 -8.12
CA SER G 88 -34.22 -17.41 -6.82
C SER G 88 -35.25 -17.46 -5.70
N GLU G 89 -34.88 -18.09 -4.59
CA GLU G 89 -35.81 -18.38 -3.52
C GLU G 89 -35.86 -17.27 -2.47
N GLU G 90 -34.78 -16.51 -2.29
CA GLU G 90 -34.69 -15.58 -1.16
C GLU G 90 -35.82 -14.56 -1.03
N PRO G 91 -36.31 -14.02 -2.16
CA PRO G 91 -37.40 -13.05 -2.11
C PRO G 91 -38.72 -13.63 -1.56
N PHE G 92 -38.82 -14.96 -1.51
CA PHE G 92 -40.03 -15.63 -1.01
C PHE G 92 -39.81 -16.37 0.31
N GLU G 93 -38.70 -16.08 0.97
CA GLU G 93 -38.32 -16.76 2.21
C GLU G 93 -39.09 -16.20 3.41
N LEU G 94 -39.67 -17.07 4.21
CA LEU G 94 -40.49 -16.63 5.33
C LEU G 94 -39.67 -16.22 6.56
N SER G 95 -38.80 -15.23 6.41
CA SER G 95 -37.81 -14.94 7.44
C SER G 95 -38.39 -14.12 8.58
N HIS G 96 -39.54 -13.50 8.34
CA HIS G 96 -40.18 -12.66 9.35
C HIS G 96 -40.94 -13.52 10.37
N HIS G 97 -41.54 -14.62 9.93
CA HIS G 97 -42.25 -15.50 10.85
C HIS G 97 -41.32 -16.51 11.43
N PHE G 98 -40.36 -16.90 10.63
CA PHE G 98 -39.36 -17.82 11.08
C PHE G 98 -38.00 -17.21 10.74
N PRO G 99 -37.40 -16.50 11.69
CA PRO G 99 -36.10 -15.82 11.56
C PRO G 99 -34.91 -16.77 11.39
N ALA G 100 -35.08 -18.02 11.84
CA ALA G 100 -34.03 -19.02 11.73
C ALA G 100 -33.88 -19.59 10.32
N ALA G 101 -34.92 -19.48 9.50
CA ALA G 101 -34.88 -20.04 8.17
C ALA G 101 -33.71 -19.53 7.32
N PRO G 102 -33.65 -18.21 7.09
CA PRO G 102 -32.50 -17.68 6.33
C PRO G 102 -31.11 -18.00 6.98
N LEU G 103 -31.04 -17.97 8.31
CA LEU G 103 -29.79 -18.26 9.01
C LEU G 103 -29.34 -19.69 8.76
N CYS G 104 -30.21 -20.65 9.03
CA CYS G 104 -29.89 -22.05 8.80
C CYS G 104 -29.68 -22.38 7.33
N ARG G 105 -30.51 -21.82 6.46
CA ARG G 105 -30.33 -22.03 5.03
C ARG G 105 -28.96 -21.52 4.56
N SER G 106 -28.59 -20.31 5.01
CA SER G 106 -27.26 -19.80 4.73
C SER G 106 -26.17 -20.71 5.29
N GLU G 107 -26.30 -21.10 6.56
CA GLU G 107 -25.30 -22.01 7.14
C GLU G 107 -25.19 -23.33 6.36
N CYS G 108 -26.33 -23.81 5.86
CA CYS G 108 -26.33 -25.03 5.08
C CYS G 108 -25.68 -24.83 3.71
N HIS G 109 -25.92 -23.68 3.11
CA HIS G 109 -25.24 -23.29 1.88
C HIS G 109 -23.71 -23.16 2.06
N LEU G 110 -23.26 -22.39 3.06
CA LEU G 110 -21.81 -22.13 3.19
C LEU G 110 -21.04 -23.33 3.74
N SER G 111 -21.75 -24.27 4.35
CA SER G 111 -21.13 -25.42 4.99
C SER G 111 -20.22 -26.20 4.05
N ALA G 112 -19.05 -26.58 4.55
CA ALA G 112 -18.15 -27.49 3.85
C ALA G 112 -18.49 -28.92 4.23
N GLY G 113 -18.99 -29.69 3.27
CA GLY G 113 -19.45 -31.04 3.54
C GLY G 113 -20.88 -31.02 4.07
N PRO G 114 -21.42 -32.20 4.37
CA PRO G 114 -22.78 -32.30 4.90
C PRO G 114 -23.02 -31.32 6.02
N TYR G 115 -24.13 -30.59 5.95
CA TYR G 115 -24.49 -29.60 6.96
C TYR G 115 -25.05 -30.26 8.20
N ARG G 116 -24.61 -29.76 9.34
CA ARG G 116 -25.11 -30.19 10.63
C ARG G 116 -25.21 -28.97 11.56
N GLY G 117 -26.43 -28.70 12.03
CA GLY G 117 -26.68 -27.57 12.92
C GLY G 117 -25.95 -27.66 14.25
N THR G 118 -25.60 -26.51 14.81
CA THR G 118 -24.82 -26.47 16.05
C THR G 118 -25.51 -25.62 17.11
N LEU G 119 -26.81 -25.39 16.94
CA LEU G 119 -27.57 -24.57 17.88
C LEU G 119 -27.45 -25.08 19.33
N PHE G 120 -27.61 -26.39 19.50
CA PHE G 120 -27.54 -27.02 20.81
C PHE G 120 -26.17 -27.67 21.11
N ALA G 121 -25.14 -27.18 20.44
CA ALA G 121 -23.78 -27.74 20.54
C ALA G 121 -23.12 -27.54 21.92
N ASP G 122 -23.61 -26.56 22.68
CA ASP G 122 -23.09 -26.29 24.01
C ASP G 122 -24.08 -26.76 25.08
N GLN G 123 -25.06 -27.55 24.67
CA GLN G 123 -26.06 -28.03 25.60
C GLN G 123 -25.66 -29.36 26.20
N PRO G 124 -26.19 -29.68 27.38
CA PRO G 124 -25.91 -30.95 28.03
C PRO G 124 -26.68 -32.07 27.36
N VAL G 125 -26.75 -33.21 28.03
CA VAL G 125 -27.54 -34.34 27.58
C VAL G 125 -28.97 -34.10 28.03
N MET G 126 -29.93 -34.43 27.15
CA MET G 126 -31.35 -34.22 27.39
C MET G 126 -32.08 -35.54 27.40
N PHE G 127 -33.16 -35.60 28.16
CA PHE G 127 -34.05 -36.72 28.07
C PHE G 127 -35.40 -36.20 27.67
N VAL G 128 -35.95 -36.78 26.61
CA VAL G 128 -37.27 -36.38 26.09
C VAL G 128 -38.35 -37.34 26.56
N SER G 129 -39.42 -36.78 27.10
CA SER G 129 -40.55 -37.55 27.61
C SER G 129 -41.20 -38.44 26.55
N PRO G 130 -41.51 -39.69 26.91
CA PRO G 130 -42.21 -40.56 25.96
C PRO G 130 -43.66 -40.14 25.75
N ALA G 131 -44.12 -39.14 26.48
CA ALA G 131 -45.45 -38.61 26.25
C ALA G 131 -45.38 -37.17 25.78
N SER G 132 -44.35 -36.85 25.01
CA SER G 132 -44.16 -35.47 24.61
C SER G 132 -44.93 -35.08 23.35
N SER G 133 -45.16 -33.79 23.19
CA SER G 133 -45.79 -33.26 22.00
C SER G 133 -44.93 -32.10 21.43
N PRO G 134 -44.41 -32.24 20.21
CA PRO G 134 -44.53 -33.33 19.24
C PRO G 134 -43.93 -34.62 19.75
N PRO G 135 -44.27 -35.76 19.12
CA PRO G 135 -43.83 -37.12 19.46
C PRO G 135 -42.33 -37.23 19.65
N VAL G 136 -41.93 -38.03 20.63
CA VAL G 136 -40.55 -38.07 21.06
C VAL G 136 -39.58 -38.25 19.90
N ALA G 137 -39.96 -39.03 18.89
CA ALA G 137 -39.05 -39.35 17.80
C ALA G 137 -38.73 -38.09 16.96
N LYS G 138 -39.76 -37.36 16.58
CA LYS G 138 -39.60 -36.13 15.82
C LYS G 138 -38.84 -35.05 16.63
N LEU G 139 -39.13 -34.98 17.91
CA LEU G 139 -38.46 -34.04 18.79
C LEU G 139 -36.98 -34.40 18.95
N CYS G 140 -36.71 -35.70 19.05
CA CYS G 140 -35.34 -36.16 19.17
C CYS G 140 -34.58 -35.92 17.86
N GLU G 141 -35.27 -36.15 16.74
CA GLU G 141 -34.75 -35.72 15.45
C GLU G 141 -34.37 -34.25 15.48
N LEU G 142 -35.34 -33.39 15.81
CA LEU G 142 -35.07 -31.96 15.91
C LEU G 142 -33.82 -31.68 16.74
N VAL G 143 -33.77 -32.22 17.96
CA VAL G 143 -32.56 -32.04 18.78
C VAL G 143 -31.25 -32.51 18.10
N HIS G 144 -31.26 -33.71 17.51
CA HIS G 144 -30.05 -34.20 16.86
C HIS G 144 -29.63 -33.36 15.66
N LEU G 145 -30.62 -32.89 14.89
CA LEU G 145 -30.30 -32.09 13.72
C LEU G 145 -29.64 -30.79 14.11
N CYS G 146 -29.82 -30.41 15.38
CA CYS G 146 -29.25 -29.17 15.89
C CYS G 146 -28.04 -29.41 16.79
N GLY G 147 -27.53 -30.62 16.76
CA GLY G 147 -26.27 -30.91 17.42
C GLY G 147 -26.44 -31.08 18.92
N GLY G 148 -27.65 -31.48 19.32
CA GLY G 148 -27.93 -31.80 20.70
C GLY G 148 -27.79 -33.29 20.96
N ARG G 149 -27.66 -33.65 22.23
CA ARG G 149 -27.46 -35.04 22.65
C ARG G 149 -28.67 -35.55 23.46
N VAL G 150 -29.26 -36.64 23.01
CA VAL G 150 -30.38 -37.24 23.71
C VAL G 150 -30.04 -38.62 24.23
N SER G 151 -30.54 -38.92 25.43
CA SER G 151 -30.30 -40.20 26.07
C SER G 151 -31.60 -40.89 26.40
N GLN G 152 -31.58 -42.21 26.46
CA GLN G 152 -32.79 -42.98 26.76
C GLN G 152 -33.00 -43.09 28.26
N VAL G 153 -31.98 -42.72 29.03
CA VAL G 153 -32.01 -42.83 30.48
C VAL G 153 -32.01 -41.46 31.14
N PRO G 154 -33.09 -41.16 31.86
CA PRO G 154 -33.24 -39.87 32.56
C PRO G 154 -32.03 -39.47 33.43
N ARG G 155 -31.41 -40.43 34.11
CA ARG G 155 -30.30 -40.14 35.03
C ARG G 155 -29.12 -39.46 34.34
N GLN G 156 -28.90 -39.79 33.07
CA GLN G 156 -27.78 -39.21 32.35
C GLN G 156 -28.07 -37.77 31.93
N ALA G 157 -29.34 -37.41 31.91
CA ALA G 157 -29.72 -36.12 31.40
C ALA G 157 -29.67 -35.05 32.48
N SER G 158 -29.12 -33.89 32.11
CA SER G 158 -29.18 -32.68 32.91
C SER G 158 -30.38 -31.81 32.51
N ILE G 159 -31.03 -32.17 31.40
CA ILE G 159 -32.24 -31.47 30.95
C ILE G 159 -33.34 -32.46 30.59
N VAL G 160 -34.52 -32.26 31.17
CA VAL G 160 -35.64 -33.15 30.89
C VAL G 160 -36.74 -32.36 30.19
N ILE G 161 -37.09 -32.83 28.99
CA ILE G 161 -38.08 -32.19 28.14
C ILE G 161 -39.40 -32.94 28.18
N GLY G 162 -40.50 -32.24 28.43
CA GLY G 162 -41.83 -32.84 28.45
C GLY G 162 -42.18 -33.41 29.83
N PRO G 163 -43.45 -33.80 30.02
CA PRO G 163 -43.93 -34.38 31.29
C PRO G 163 -43.04 -35.49 31.84
N TYR G 164 -42.56 -35.36 33.07
CA TYR G 164 -41.71 -36.36 33.72
C TYR G 164 -42.20 -36.61 35.14
N SER G 165 -42.50 -37.85 35.49
CA SER G 165 -43.02 -38.14 36.83
C SER G 165 -41.92 -38.65 37.79
N GLY G 166 -40.67 -38.60 37.35
CA GLY G 166 -39.56 -39.04 38.18
C GLY G 166 -39.05 -37.96 39.11
N LYS G 167 -38.04 -38.31 39.90
CA LYS G 167 -37.45 -37.39 40.87
C LYS G 167 -37.09 -36.04 40.25
N LYS G 168 -37.23 -34.97 41.03
CA LYS G 168 -36.89 -33.62 40.57
C LYS G 168 -35.65 -33.06 41.29
N LYS G 169 -34.61 -32.68 40.54
CA LYS G 169 -33.34 -32.29 41.12
C LYS G 169 -32.94 -30.89 40.68
N ALA G 170 -32.42 -30.11 41.62
CA ALA G 170 -31.99 -28.75 41.37
C ALA G 170 -30.92 -28.69 40.28
N THR G 171 -30.21 -29.80 40.14
CA THR G 171 -29.17 -29.95 39.12
C THR G 171 -29.76 -29.96 37.72
N VAL G 172 -30.94 -30.55 37.60
CA VAL G 172 -31.59 -30.75 36.32
C VAL G 172 -32.59 -29.63 36.03
N LYS G 173 -32.65 -29.24 34.77
CA LYS G 173 -33.68 -28.33 34.30
C LYS G 173 -34.80 -29.12 33.61
N TYR G 174 -36.02 -28.95 34.13
CA TYR G 174 -37.20 -29.60 33.60
C TYR G 174 -37.95 -28.61 32.72
N LEU G 175 -37.79 -28.76 31.40
CA LEU G 175 -38.33 -27.77 30.48
C LEU G 175 -39.42 -28.38 29.62
N SER G 176 -40.10 -27.54 28.85
CA SER G 176 -41.15 -28.01 27.98
C SER G 176 -40.63 -28.09 26.55
N GLU G 177 -41.34 -28.84 25.72
CA GLU G 177 -41.01 -29.01 24.32
C GLU G 177 -40.85 -27.66 23.62
N LYS G 178 -41.61 -26.69 24.12
CA LYS G 178 -41.69 -25.38 23.48
C LYS G 178 -40.36 -24.70 23.60
N TRP G 179 -39.55 -25.10 24.57
CA TRP G 179 -38.21 -24.55 24.71
C TRP G 179 -37.34 -24.92 23.51
N VAL G 180 -37.37 -26.20 23.17
CA VAL G 180 -36.70 -26.66 21.96
C VAL G 180 -37.31 -26.02 20.73
N LEU G 181 -38.63 -26.05 20.63
CA LEU G 181 -39.23 -25.46 19.43
C LEU G 181 -38.90 -23.96 19.23
N ASP G 182 -39.07 -23.17 20.29
CA ASP G 182 -38.80 -21.75 20.28
C ASP G 182 -37.33 -21.52 20.03
N SER G 183 -36.47 -22.28 20.71
CA SER G 183 -35.04 -22.19 20.42
C SER G 183 -34.77 -22.37 18.92
N ILE G 184 -35.32 -23.44 18.35
CA ILE G 184 -35.14 -23.71 16.92
C ILE G 184 -35.64 -22.57 16.06
N THR G 185 -36.82 -22.07 16.37
CA THR G 185 -37.40 -20.97 15.59
C THR G 185 -36.66 -19.64 15.70
N GLN G 186 -36.12 -19.32 16.88
CA GLN G 186 -35.37 -18.08 17.06
C GLN G 186 -33.87 -18.22 16.77
N HIS G 187 -33.45 -19.43 16.41
CA HIS G 187 -32.03 -19.76 16.23
C HIS G 187 -31.19 -19.27 17.42
N LYS G 188 -31.77 -19.37 18.61
CA LYS G 188 -31.05 -19.00 19.82
C LYS G 188 -31.56 -19.89 20.93
N VAL G 189 -30.67 -20.27 21.84
CA VAL G 189 -31.06 -21.05 22.97
C VAL G 189 -31.79 -20.13 23.93
N CYS G 190 -33.10 -20.33 24.04
CA CYS G 190 -33.92 -19.53 24.95
C CYS G 190 -33.57 -19.81 26.42
N ALA G 191 -33.96 -18.89 27.30
CA ALA G 191 -33.70 -19.03 28.73
C ALA G 191 -34.64 -20.03 29.38
N PRO G 192 -34.11 -20.95 30.18
CA PRO G 192 -34.89 -22.03 30.78
C PRO G 192 -36.02 -21.56 31.67
N GLU G 193 -35.80 -20.44 32.35
CA GLU G 193 -36.73 -19.93 33.36
C GLU G 193 -38.11 -19.61 32.78
N ASN G 194 -38.16 -19.43 31.47
CA ASN G 194 -39.42 -19.16 30.82
C ASN G 194 -40.22 -20.43 30.49
N TYR G 195 -39.54 -21.56 30.38
CA TYR G 195 -40.20 -22.79 29.96
C TYR G 195 -40.19 -23.83 31.07
N LEU G 196 -40.03 -23.36 32.30
CA LEU G 196 -39.98 -24.30 33.42
C LEU G 196 -41.33 -24.94 33.63
N LEU G 197 -41.32 -26.22 33.97
CA LEU G 197 -42.53 -26.94 34.33
C LEU G 197 -42.52 -27.28 35.82
N SER G 198 -43.66 -27.08 36.48
CA SER G 198 -43.79 -27.39 37.90
C SER G 198 -44.16 -28.86 38.10
N LYS H 9 14.47 48.85 13.60
CA LYS H 9 13.06 49.22 13.59
C LYS H 9 12.41 48.91 12.24
N PRO H 10 11.85 47.70 12.11
CA PRO H 10 11.18 47.28 10.88
C PRO H 10 9.68 47.54 10.92
N THR H 11 9.26 48.80 10.82
CA THR H 11 7.83 49.09 10.83
C THR H 11 7.19 48.75 9.51
N ARG H 12 5.91 48.37 9.52
CA ARG H 12 5.24 48.00 8.28
C ARG H 12 4.42 49.14 7.69
N THR H 13 4.43 49.22 6.36
CA THR H 13 3.73 50.30 5.67
C THR H 13 2.62 49.79 4.74
N LEU H 14 1.67 50.68 4.49
CA LEU H 14 0.54 50.42 3.64
C LEU H 14 0.54 51.48 2.51
N VAL H 15 0.20 51.07 1.30
CA VAL H 15 0.14 51.98 0.17
C VAL H 15 -1.22 51.88 -0.48
N MET H 16 -1.83 53.03 -0.73
CA MET H 16 -3.09 53.05 -1.46
C MET H 16 -2.88 53.29 -2.96
N THR H 17 -3.75 52.73 -3.81
CA THR H 17 -3.66 52.95 -5.25
C THR H 17 -5.03 53.02 -5.90
N SER H 18 -5.15 53.86 -6.95
CA SER H 18 -6.42 54.11 -7.58
C SER H 18 -7.47 54.49 -6.55
N MET H 19 -7.05 55.18 -5.50
CA MET H 19 -7.94 55.47 -4.39
C MET H 19 -8.39 56.92 -4.45
N PRO H 20 -9.68 57.15 -4.71
CA PRO H 20 -10.25 58.50 -4.71
C PRO H 20 -9.97 59.22 -3.39
N SER H 21 -10.03 60.56 -3.43
CA SER H 21 -9.71 61.37 -2.25
CA SER H 21 -9.72 61.38 -2.25
C SER H 21 -10.51 60.96 -0.99
N GLU H 22 -11.82 60.74 -1.19
CA GLU H 22 -12.78 60.38 -0.13
C GLU H 22 -12.51 59.01 0.54
N LYS H 23 -12.11 58.03 -0.25
CA LYS H 23 -11.73 56.75 0.33
C LYS H 23 -10.39 56.83 1.06
N GLN H 24 -9.46 57.58 0.49
CA GLN H 24 -8.17 57.82 1.14
C GLN H 24 -8.44 58.40 2.52
N ASN H 25 -9.19 59.50 2.57
CA ASN H 25 -9.58 60.05 3.87
C ASN H 25 -9.92 58.92 4.87
N VAL H 26 -10.90 58.08 4.49
CA VAL H 26 -11.38 57.01 5.36
C VAL H 26 -10.26 56.09 5.77
N VAL H 27 -9.52 55.58 4.79
CA VAL H 27 -8.38 54.74 5.10
C VAL H 27 -7.48 55.39 6.16
N ILE H 28 -7.20 56.67 5.98
CA ILE H 28 -6.36 57.38 6.96
C ILE H 28 -6.99 57.39 8.35
N GLN H 29 -8.28 57.73 8.41
CA GLN H 29 -9.01 57.68 9.69
C GLN H 29 -9.03 56.30 10.36
N VAL H 30 -9.27 55.26 9.55
CA VAL H 30 -9.36 53.92 10.08
C VAL H 30 -8.00 53.53 10.60
N VAL H 31 -6.96 53.81 9.82
CA VAL H 31 -5.63 53.49 10.29
C VAL H 31 -5.33 54.33 11.52
N ASP H 32 -5.83 55.55 11.52
CA ASP H 32 -5.62 56.47 12.64
C ASP H 32 -6.26 55.88 13.91
N LYS H 33 -7.44 55.29 13.78
CA LYS H 33 -8.09 54.69 14.95
C LYS H 33 -7.52 53.32 15.34
N LEU H 34 -7.22 52.49 14.34
CA LEU H 34 -6.78 51.12 14.60
C LEU H 34 -5.29 51.03 14.83
N LYS H 35 -4.56 52.04 14.35
CA LYS H 35 -3.10 52.07 14.48
C LYS H 35 -2.47 50.89 13.74
N GLY H 36 -1.17 50.70 13.95
CA GLY H 36 -0.44 49.58 13.40
C GLY H 36 0.09 49.73 11.98
N PHE H 37 -0.14 50.89 11.36
CA PHE H 37 0.24 51.09 9.97
C PHE H 37 0.82 52.47 9.72
N SER H 38 1.83 52.54 8.85
CA SER H 38 2.25 53.83 8.33
C SER H 38 1.81 53.85 6.87
N ILE H 39 1.27 54.97 6.43
CA ILE H 39 0.91 55.15 5.04
C ILE H 39 2.12 55.69 4.24
N ALA H 40 2.63 54.87 3.33
CA ALA H 40 3.65 55.32 2.39
C ALA H 40 3.03 55.71 1.04
N PRO H 41 3.63 56.70 0.34
CA PRO H 41 3.17 57.20 -0.97
C PRO H 41 3.22 56.13 -2.05
N ASP H 42 4.23 55.27 -2.01
CA ASP H 42 4.39 54.21 -2.99
C ASP H 42 5.10 53.02 -2.37
N VAL H 43 4.94 51.86 -3.00
CA VAL H 43 5.39 50.58 -2.47
C VAL H 43 6.90 50.54 -2.25
N CYS H 44 7.32 50.11 -1.07
CA CYS H 44 8.74 49.97 -0.73
C CYS H 44 8.92 48.74 0.13
N GLU H 45 10.17 48.46 0.47
CA GLU H 45 10.55 47.21 1.12
C GLU H 45 9.73 46.95 2.39
N THR H 46 9.25 48.00 3.02
CA THR H 46 8.52 47.82 4.27
C THR H 46 7.06 47.50 4.02
N THR H 47 6.58 47.89 2.85
CA THR H 47 5.17 47.81 2.54
C THR H 47 4.68 46.39 2.71
N THR H 48 3.53 46.20 3.35
CA THR H 48 2.96 44.84 3.44
C THR H 48 1.54 44.75 2.89
N HIS H 49 0.85 45.88 2.81
CA HIS H 49 -0.55 45.89 2.36
C HIS H 49 -0.74 46.96 1.31
N VAL H 50 -1.41 46.60 0.24
CA VAL H 50 -1.71 47.53 -0.81
C VAL H 50 -3.19 47.49 -1.05
N LEU H 51 -3.89 48.57 -0.74
CA LEU H 51 -5.32 48.68 -0.96
C LEU H 51 -5.57 49.37 -2.29
N SER H 52 -6.50 48.83 -3.06
CA SER H 52 -6.82 49.38 -4.36
C SER H 52 -8.25 49.92 -4.36
N GLY H 53 -8.44 51.13 -4.86
CA GLY H 53 -9.77 51.68 -5.10
C GLY H 53 -10.46 51.04 -6.28
N LYS H 54 -9.75 50.84 -7.38
CA LYS H 54 -10.27 50.12 -8.54
C LYS H 54 -9.23 49.15 -9.09
N PRO H 55 -9.65 47.93 -9.47
CA PRO H 55 -8.75 46.87 -9.92
C PRO H 55 -7.95 47.20 -11.19
N LEU H 56 -7.06 48.19 -11.11
CA LEU H 56 -6.30 48.64 -12.28
C LEU H 56 -4.85 48.27 -12.04
N ARG H 57 -4.21 47.75 -13.08
CA ARG H 57 -2.85 47.28 -12.96
C ARG H 57 -1.93 48.47 -12.99
N THR H 58 -1.74 49.07 -11.83
CA THR H 58 -0.87 50.21 -11.67
C THR H 58 0.50 49.74 -11.21
N LEU H 59 1.46 50.64 -11.24
CA LEU H 59 2.82 50.33 -10.83
C LEU H 59 2.86 49.84 -9.39
N ASN H 60 2.10 50.49 -8.52
CA ASN H 60 2.04 50.07 -7.14
C ASN H 60 1.48 48.64 -7.06
N VAL H 61 0.54 48.31 -7.94
CA VAL H 61 0.01 46.96 -7.91
C VAL H 61 1.14 45.98 -8.25
N LEU H 62 1.82 46.27 -9.34
CA LEU H 62 2.87 45.40 -9.83
C LEU H 62 3.95 45.21 -8.78
N LEU H 63 4.44 46.32 -8.23
CA LEU H 63 5.41 46.23 -7.17
C LEU H 63 4.86 45.43 -5.99
N GLY H 64 3.62 45.68 -5.60
CA GLY H 64 3.01 44.94 -4.50
C GLY H 64 3.13 43.47 -4.77
N ILE H 65 2.62 43.02 -5.91
CA ILE H 65 2.73 41.62 -6.27
C ILE H 65 4.18 41.14 -6.18
N ALA H 66 5.09 41.89 -6.80
CA ALA H 66 6.50 41.50 -6.83
C ALA H 66 7.13 41.32 -5.44
N ARG H 67 6.62 42.04 -4.45
CA ARG H 67 7.18 42.02 -3.11
C ARG H 67 6.43 41.07 -2.20
N GLY H 68 5.41 40.43 -2.75
CA GLY H 68 4.62 39.44 -2.04
C GLY H 68 3.60 40.02 -1.08
N CYS H 69 3.14 41.24 -1.38
CA CYS H 69 2.22 41.99 -0.50
C CYS H 69 0.78 41.47 -0.54
N TRP H 70 -0.07 41.90 0.38
CA TRP H 70 -1.52 41.77 0.21
C TRP H 70 -1.98 42.75 -0.84
N VAL H 71 -2.75 42.29 -1.83
CA VAL H 71 -3.44 43.24 -2.71
C VAL H 71 -4.94 43.15 -2.53
N LEU H 72 -5.51 44.14 -1.85
CA LEU H 72 -6.87 44.03 -1.37
C LEU H 72 -7.79 45.17 -1.79
N SER H 73 -9.09 44.91 -1.73
CA SER H 73 -10.09 45.91 -2.03
C SER H 73 -10.23 46.83 -0.86
N TYR H 74 -10.81 47.98 -1.13
CA TYR H 74 -11.04 48.99 -0.14
C TYR H 74 -11.90 48.44 1.05
N ASP H 75 -12.73 47.44 0.75
CA ASP H 75 -13.71 46.90 1.70
C ASP H 75 -13.07 46.36 2.97
N TRP H 76 -11.86 45.83 2.83
CA TRP H 76 -11.12 45.34 3.98
C TRP H 76 -11.07 46.36 5.11
N VAL H 77 -10.72 47.59 4.75
CA VAL H 77 -10.63 48.69 5.72
C VAL H 77 -11.98 48.99 6.39
N LEU H 78 -13.03 48.96 5.58
CA LEU H 78 -14.38 49.21 6.09
C LEU H 78 -14.77 48.14 7.10
N TRP H 79 -14.56 46.89 6.74
CA TRP H 79 -14.94 45.85 7.69
C TRP H 79 -14.05 45.81 8.93
N SER H 80 -12.75 46.05 8.75
CA SER H 80 -11.86 46.23 9.91
C SER H 80 -12.41 47.33 10.80
N LEU H 81 -12.85 48.43 10.18
CA LEU H 81 -13.48 49.49 10.95
C LEU H 81 -14.70 48.95 11.72
N GLU H 82 -15.64 48.35 11.00
CA GLU H 82 -16.83 47.81 11.63
C GLU H 82 -16.49 46.90 12.84
N LEU H 83 -15.52 46.01 12.65
CA LEU H 83 -15.19 45.03 13.70
C LEU H 83 -14.20 45.50 14.75
N GLY H 84 -13.78 46.76 14.67
CA GLY H 84 -12.88 47.34 15.65
C GLY H 84 -11.41 46.92 15.59
N HIS H 85 -11.03 46.14 14.58
CA HIS H 85 -9.66 45.65 14.44
C HIS H 85 -9.44 45.08 13.04
N TRP H 86 -8.16 44.91 12.65
CA TRP H 86 -7.83 44.38 11.34
C TRP H 86 -8.22 42.92 11.29
N ILE H 87 -8.93 42.55 10.23
CA ILE H 87 -9.39 41.17 10.07
C ILE H 87 -8.58 40.47 8.99
N SER H 88 -9.00 39.26 8.63
CA SER H 88 -8.31 38.45 7.63
C SER H 88 -8.33 39.12 6.25
N GLU H 89 -7.20 39.07 5.55
CA GLU H 89 -7.01 39.82 4.32
C GLU H 89 -7.51 39.04 3.09
N GLU H 90 -7.46 37.71 3.14
CA GLU H 90 -7.70 36.89 1.94
C GLU H 90 -9.04 37.12 1.24
N PRO H 91 -10.12 37.29 2.00
CA PRO H 91 -11.44 37.52 1.42
C PRO H 91 -11.53 38.75 0.53
N PHE H 92 -10.65 39.74 0.74
CA PHE H 92 -10.66 40.94 -0.06
C PHE H 92 -9.50 40.99 -1.04
N GLU H 93 -8.81 39.87 -1.20
CA GLU H 93 -7.67 39.78 -2.10
C GLU H 93 -8.10 39.68 -3.57
N LEU H 94 -7.52 40.54 -4.40
CA LEU H 94 -7.87 40.62 -5.82
C LEU H 94 -7.19 39.52 -6.66
N SER H 95 -7.49 38.27 -6.33
CA SER H 95 -6.89 37.12 -7.01
C SER H 95 -7.29 37.06 -8.48
N HIS H 96 -8.52 37.40 -8.79
CA HIS H 96 -9.01 37.21 -10.14
C HIS H 96 -8.35 38.15 -11.13
N HIS H 97 -8.23 39.42 -10.77
CA HIS H 97 -7.59 40.36 -11.68
C HIS H 97 -6.10 40.11 -11.74
N PHE H 98 -5.53 39.77 -10.59
CA PHE H 98 -4.10 39.57 -10.49
C PHE H 98 -3.80 38.23 -9.83
N PRO H 99 -3.83 37.15 -10.62
CA PRO H 99 -3.68 35.79 -10.11
C PRO H 99 -2.39 35.58 -9.35
N ALA H 100 -1.40 36.43 -9.61
CA ALA H 100 -0.08 36.27 -9.00
C ALA H 100 -0.04 36.74 -7.54
N ALA H 101 -1.00 37.60 -7.17
CA ALA H 101 -1.04 38.19 -5.84
C ALA H 101 -0.99 37.09 -4.76
N PRO H 102 -2.03 36.23 -4.71
CA PRO H 102 -2.06 35.11 -3.75
C PRO H 102 -0.79 34.24 -3.77
N LEU H 103 -0.33 33.87 -4.96
CA LEU H 103 0.86 33.05 -5.10
C LEU H 103 2.07 33.70 -4.43
N CYS H 104 2.38 34.92 -4.86
CA CYS H 104 3.54 35.66 -4.35
C CYS H 104 3.42 35.95 -2.85
N ARG H 105 2.21 36.30 -2.41
CA ARG H 105 1.93 36.40 -0.97
C ARG H 105 2.27 35.08 -0.23
N SER H 106 1.73 33.96 -0.71
CA SER H 106 2.02 32.64 -0.16
C SER H 106 3.53 32.43 -0.06
N GLU H 107 4.19 32.60 -1.20
CA GLU H 107 5.65 32.46 -1.27
C GLU H 107 6.34 33.32 -0.21
N CYS H 108 5.95 34.60 -0.16
CA CYS H 108 6.55 35.55 0.78
C CYS H 108 6.39 35.00 2.21
N HIS H 109 5.16 34.60 2.52
CA HIS H 109 4.83 34.06 3.84
C HIS H 109 5.68 32.83 4.17
N LEU H 110 5.76 31.89 3.24
CA LEU H 110 6.51 30.64 3.45
C LEU H 110 8.02 30.83 3.59
N SER H 111 8.58 31.79 2.87
CA SER H 111 10.04 31.91 2.74
C SER H 111 10.78 31.91 4.08
N ALA H 112 11.89 31.17 4.13
CA ALA H 112 12.85 31.27 5.22
C ALA H 112 13.99 32.15 4.74
N GLY H 113 14.25 33.23 5.48
CA GLY H 113 15.12 34.28 5.00
C GLY H 113 14.27 35.29 4.27
N PRO H 114 14.69 36.57 4.24
CA PRO H 114 13.98 37.56 3.43
C PRO H 114 13.59 37.05 2.04
N TYR H 115 12.28 37.12 1.75
CA TYR H 115 11.71 36.63 0.51
C TYR H 115 12.28 37.31 -0.73
N ARG H 116 12.60 36.50 -1.74
CA ARG H 116 13.12 36.98 -3.01
C ARG H 116 12.43 36.23 -4.14
N GLY H 117 11.85 36.97 -5.08
CA GLY H 117 11.10 36.38 -6.16
C GLY H 117 12.01 35.68 -7.14
N THR H 118 11.50 34.67 -7.84
CA THR H 118 12.34 33.91 -8.77
C THR H 118 11.62 33.60 -10.08
N LEU H 119 10.70 34.47 -10.48
CA LEU H 119 9.94 34.30 -11.70
C LEU H 119 10.82 34.41 -12.96
N PHE H 120 11.77 35.34 -12.92
CA PHE H 120 12.69 35.56 -14.03
C PHE H 120 14.10 34.99 -13.77
N ALA H 121 14.19 33.97 -12.93
CA ALA H 121 15.49 33.41 -12.53
C ALA H 121 16.19 32.64 -13.66
N ASP H 122 15.40 31.97 -14.51
CA ASP H 122 15.94 31.15 -15.58
C ASP H 122 16.06 31.90 -16.89
N GLN H 123 15.51 33.12 -16.94
CA GLN H 123 15.60 33.92 -18.14
C GLN H 123 17.02 34.46 -18.27
N PRO H 124 17.42 34.81 -19.50
CA PRO H 124 18.73 35.39 -19.80
C PRO H 124 18.81 36.86 -19.46
N VAL H 125 20.03 37.41 -19.44
CA VAL H 125 20.24 38.81 -19.10
C VAL H 125 19.39 39.69 -20.00
N MET H 126 18.72 40.67 -19.41
CA MET H 126 17.82 41.53 -20.15
CA MET H 126 17.84 41.54 -20.19
C MET H 126 18.37 42.95 -20.18
N PHE H 127 18.01 43.72 -21.18
CA PHE H 127 18.36 45.13 -21.20
C PHE H 127 17.07 45.90 -21.42
N VAL H 128 16.79 46.86 -20.54
CA VAL H 128 15.59 47.65 -20.66
C VAL H 128 15.93 49.03 -21.20
N SER H 129 15.18 49.46 -22.21
CA SER H 129 15.41 50.74 -22.82
C SER H 129 15.31 51.82 -21.77
N PRO H 130 16.16 52.85 -21.86
CA PRO H 130 16.07 54.01 -20.98
C PRO H 130 14.84 54.87 -21.32
N ALA H 131 14.21 54.60 -22.46
CA ALA H 131 13.01 55.34 -22.85
C ALA H 131 11.75 54.47 -22.77
N SER H 132 11.76 53.50 -21.88
CA SER H 132 10.65 52.60 -21.77
C SER H 132 9.52 53.22 -20.95
N SER H 133 8.34 52.63 -21.08
CA SER H 133 7.22 52.96 -20.22
C SER H 133 6.57 51.65 -19.73
N PRO H 134 6.47 51.46 -18.40
CA PRO H 134 6.81 52.44 -17.36
C PRO H 134 8.29 52.77 -17.31
N PRO H 135 8.65 53.85 -16.63
CA PRO H 135 10.04 54.30 -16.51
C PRO H 135 11.02 53.18 -16.26
N VAL H 136 12.19 53.30 -16.87
CA VAL H 136 13.20 52.27 -16.81
C VAL H 136 13.50 51.80 -15.39
N ALA H 137 13.73 52.72 -14.45
CA ALA H 137 14.16 52.35 -13.10
C ALA H 137 13.13 51.43 -12.41
N LYS H 138 11.85 51.78 -12.57
CA LYS H 138 10.77 51.00 -11.97
C LYS H 138 10.61 49.63 -12.62
N LEU H 139 10.78 49.60 -13.94
CA LEU H 139 10.63 48.35 -14.65
C LEU H 139 11.81 47.43 -14.29
N CYS H 140 12.99 48.04 -14.14
CA CYS H 140 14.19 47.32 -13.72
C CYS H 140 14.05 46.80 -12.31
N GLU H 141 13.44 47.62 -11.46
CA GLU H 141 13.04 47.14 -10.15
C GLU H 141 12.12 45.92 -10.29
N LEU H 142 11.07 46.03 -11.10
CA LEU H 142 10.16 44.89 -11.28
C LEU H 142 10.94 43.65 -11.67
N VAL H 143 11.84 43.82 -12.62
CA VAL H 143 12.60 42.65 -13.06
C VAL H 143 13.51 42.11 -11.95
N HIS H 144 14.14 43.02 -11.22
CA HIS H 144 15.06 42.60 -10.15
C HIS H 144 14.37 41.90 -9.02
N LEU H 145 13.18 42.39 -8.66
CA LEU H 145 12.42 41.84 -7.56
C LEU H 145 11.97 40.44 -7.90
N CYS H 146 12.03 40.09 -9.18
CA CYS H 146 11.60 38.78 -9.62
C CYS H 146 12.77 37.91 -10.05
N GLY H 147 13.97 38.22 -9.57
CA GLY H 147 15.16 37.43 -9.84
C GLY H 147 15.79 37.65 -11.21
N GLY H 148 15.16 38.51 -12.01
CA GLY H 148 15.72 38.84 -13.31
C GLY H 148 17.01 39.63 -13.19
N ARG H 149 17.87 39.47 -14.20
CA ARG H 149 19.14 40.21 -14.28
C ARG H 149 19.07 41.26 -15.38
N VAL H 150 19.66 42.41 -15.12
CA VAL H 150 19.60 43.51 -16.08
C VAL H 150 20.98 44.11 -16.31
N SER H 151 21.32 44.36 -17.57
CA SER H 151 22.62 44.91 -17.88
C SER H 151 22.49 46.35 -18.31
N GLN H 152 23.55 47.13 -18.12
CA GLN H 152 23.59 48.50 -18.61
C GLN H 152 24.37 48.61 -19.91
N VAL H 153 24.75 47.47 -20.46
CA VAL H 153 25.42 47.43 -21.75
C VAL H 153 24.60 46.52 -22.65
N PRO H 154 23.95 47.10 -23.67
CA PRO H 154 23.03 46.40 -24.57
C PRO H 154 23.54 45.06 -25.10
N ARG H 155 24.81 44.99 -25.50
CA ARG H 155 25.38 43.78 -26.10
C ARG H 155 25.24 42.55 -25.21
N GLN H 156 25.38 42.77 -23.91
CA GLN H 156 25.44 41.68 -22.93
C GLN H 156 24.09 40.99 -22.75
N ALA H 157 23.04 41.51 -23.39
CA ALA H 157 21.69 41.04 -23.15
C ALA H 157 21.16 40.17 -24.29
N SER H 158 20.44 39.11 -23.93
CA SER H 158 19.77 38.26 -24.91
C SER H 158 18.29 38.63 -25.05
N ILE H 159 17.82 39.55 -24.21
CA ILE H 159 16.47 40.07 -24.30
C ILE H 159 16.43 41.57 -24.06
N VAL H 160 16.00 42.32 -25.07
CA VAL H 160 15.87 43.76 -24.98
C VAL H 160 14.39 44.13 -24.86
N ILE H 161 14.08 44.97 -23.87
CA ILE H 161 12.71 45.38 -23.58
C ILE H 161 12.60 46.88 -23.81
N GLY H 162 11.59 47.32 -24.55
CA GLY H 162 11.35 48.74 -24.75
C GLY H 162 11.99 49.30 -26.03
N PRO H 163 11.74 50.59 -26.30
CA PRO H 163 12.18 51.30 -27.51
C PRO H 163 13.65 51.08 -27.85
N TYR H 164 13.90 50.49 -29.01
CA TYR H 164 15.26 50.21 -29.47
C TYR H 164 15.46 50.71 -30.90
N SER H 165 16.40 51.63 -31.09
CA SER H 165 16.66 52.24 -32.39
C SER H 165 17.96 51.74 -33.06
N GLY H 166 18.59 50.73 -32.49
CA GLY H 166 19.81 50.20 -33.08
C GLY H 166 19.56 49.13 -34.12
N LYS H 167 20.63 48.40 -34.46
CA LYS H 167 20.54 47.22 -35.33
C LYS H 167 20.08 46.00 -34.55
N LYS H 168 19.12 45.27 -35.12
CA LYS H 168 18.55 44.12 -34.44
C LYS H 168 19.27 42.85 -34.79
N LYS H 169 20.01 42.32 -33.83
CA LYS H 169 20.76 41.08 -33.98
C LYS H 169 19.80 39.88 -33.91
N ALA H 170 20.18 38.80 -34.59
CA ALA H 170 19.32 37.62 -34.73
C ALA H 170 19.17 36.83 -33.44
N THR H 171 20.24 36.80 -32.64
CA THR H 171 20.26 36.06 -31.38
C THR H 171 19.36 36.73 -30.35
N VAL H 172 19.38 38.06 -30.38
CA VAL H 172 18.63 38.86 -29.41
C VAL H 172 17.12 38.82 -29.67
N LYS H 173 16.36 38.86 -28.58
CA LYS H 173 14.91 38.96 -28.62
C LYS H 173 14.48 40.38 -28.24
N TYR H 174 13.70 41.00 -29.12
CA TYR H 174 13.23 42.37 -28.90
C TYR H 174 11.76 42.35 -28.51
N LEU H 175 11.50 42.80 -27.30
CA LEU H 175 10.19 42.64 -26.68
C LEU H 175 9.67 43.94 -26.05
N SER H 176 8.39 43.94 -25.70
CA SER H 176 7.74 45.10 -25.11
C SER H 176 7.60 44.94 -23.60
N GLU H 177 7.43 46.07 -22.93
CA GLU H 177 7.33 46.14 -21.47
C GLU H 177 6.17 45.25 -21.01
N LYS H 178 5.14 45.22 -21.86
CA LYS H 178 3.94 44.46 -21.60
C LYS H 178 4.31 43.02 -21.29
N TRP H 179 5.38 42.53 -21.90
CA TRP H 179 5.81 41.15 -21.63
C TRP H 179 6.15 40.93 -20.16
N VAL H 180 7.03 41.78 -19.64
CA VAL H 180 7.37 41.70 -18.23
C VAL H 180 6.07 41.83 -17.48
N LEU H 181 5.35 42.91 -17.76
CA LEU H 181 4.14 43.17 -16.96
C LEU H 181 3.22 41.94 -16.85
N ASP H 182 2.82 41.42 -18.01
CA ASP H 182 1.92 40.30 -18.07
C ASP H 182 2.56 39.15 -17.32
N SER H 183 3.85 38.91 -17.57
CA SER H 183 4.51 37.81 -16.89
C SER H 183 4.31 37.94 -15.38
N ILE H 184 4.63 39.11 -14.82
CA ILE H 184 4.45 39.28 -13.38
C ILE H 184 2.98 39.09 -13.00
N THR H 185 2.06 39.65 -13.78
CA THR H 185 0.63 39.52 -13.48
C THR H 185 0.13 38.07 -13.47
N GLN H 186 0.66 37.25 -14.37
CA GLN H 186 0.24 35.84 -14.46
C GLN H 186 1.15 34.91 -13.64
N HIS H 187 2.25 35.44 -13.13
CA HIS H 187 3.20 34.62 -12.39
C HIS H 187 3.65 33.41 -13.23
N LYS H 188 3.67 33.60 -14.54
CA LYS H 188 4.14 32.61 -15.50
C LYS H 188 4.93 33.39 -16.51
N VAL H 189 5.92 32.79 -17.14
CA VAL H 189 6.68 33.51 -18.15
C VAL H 189 5.98 33.43 -19.51
N CYS H 190 5.57 34.58 -20.02
CA CYS H 190 4.77 34.63 -21.23
C CYS H 190 5.58 34.35 -22.49
N ALA H 191 4.89 33.97 -23.57
CA ALA H 191 5.55 33.66 -24.83
C ALA H 191 6.10 34.93 -25.46
N PRO H 192 7.44 35.00 -25.63
CA PRO H 192 8.14 36.18 -26.16
C PRO H 192 7.62 36.68 -27.53
N GLU H 193 7.31 35.76 -28.45
CA GLU H 193 6.89 36.12 -29.80
C GLU H 193 5.60 36.92 -29.85
N ASN H 194 4.84 36.90 -28.76
CA ASN H 194 3.62 37.69 -28.70
C ASN H 194 3.88 39.13 -28.29
N TYR H 195 5.13 39.43 -27.94
CA TYR H 195 5.48 40.78 -27.49
C TYR H 195 6.64 41.37 -28.28
N LEU H 196 6.78 41.01 -29.54
CA LEU H 196 7.84 41.58 -30.36
C LEU H 196 7.59 43.07 -30.59
N LEU H 197 8.64 43.87 -30.49
CA LEU H 197 8.56 45.33 -30.65
C LEU H 197 9.40 45.83 -31.85
N SER H 198 8.79 46.67 -32.68
CA SER H 198 9.43 47.22 -33.87
C SER H 198 9.74 48.71 -33.74
N GLN I 5 15.23 -37.72 16.62
CA GLN I 5 14.29 -38.26 17.61
C GLN I 5 13.37 -39.32 17.01
N ALA I 6 13.35 -40.50 17.62
CA ALA I 6 12.52 -41.61 17.15
C ALA I 6 11.05 -41.36 17.44
N GLN I 8 7.53 -41.64 18.87
CA GLN I 8 7.16 -42.07 20.21
C GLN I 8 6.32 -43.33 20.10
N GLU I 9 6.50 -44.21 21.08
CA GLU I 9 5.69 -45.39 21.23
C GLU I 9 4.60 -45.13 22.30
N TYR I 10 3.34 -45.31 21.93
CA TYR I 10 2.25 -45.18 22.88
C TYR I 10 1.69 -46.52 23.32
N GLN J 5 -25.87 16.14 -18.90
CA GLN J 5 -24.76 15.23 -19.17
C GLN J 5 -25.23 13.78 -19.04
N ALA J 6 -26.16 13.39 -19.92
CA ALA J 6 -26.70 12.04 -19.92
C ALA J 6 -25.66 11.00 -20.34
N GLN J 8 -23.74 8.19 -22.21
CA GLN J 8 -23.70 7.95 -23.64
C GLN J 8 -24.14 6.54 -23.97
N GLU J 9 -24.89 6.43 -25.05
CA GLU J 9 -25.26 5.14 -25.63
C GLU J 9 -24.22 4.66 -26.68
N TYR J 10 -23.78 3.41 -26.57
CA TYR J 10 -22.89 2.81 -27.57
C TYR J 10 -23.54 1.67 -28.35
N ALA K 6 36.88 8.31 20.33
CA ALA K 6 36.14 7.21 19.71
C ALA K 6 34.64 7.39 19.94
N GLN K 8 31.16 6.53 21.31
CA GLN K 8 30.69 5.82 22.49
C GLN K 8 29.62 4.80 22.14
N GLU K 9 29.66 3.68 22.83
CA GLU K 9 28.65 2.66 22.67
C GLU K 9 27.61 2.86 23.75
N TYR K 10 26.35 2.58 23.41
CA TYR K 10 25.25 2.69 24.34
C TYR K 10 24.49 1.36 24.43
N GLN L 5 20.99 -38.37 -20.43
CA GLN L 5 20.30 -38.02 -19.18
C GLN L 5 20.82 -36.69 -18.62
N ALA L 6 22.05 -36.33 -18.97
CA ALA L 6 22.63 -35.06 -18.59
C ALA L 6 21.97 -33.91 -19.35
N GLN L 8 20.65 -31.30 -21.65
CA GLN L 8 21.13 -31.00 -22.99
C GLN L 8 21.75 -29.62 -23.05
N GLU L 9 22.80 -29.48 -23.86
CA GLU L 9 23.38 -28.18 -24.11
C GLU L 9 22.90 -27.66 -25.47
N TYR L 10 22.45 -26.41 -25.47
CA TYR L 10 21.98 -25.80 -26.71
C TYR L 10 22.86 -24.62 -27.19
N GLN M 5 -32.17 12.50 14.84
CA GLN M 5 -32.91 13.65 15.35
C GLN M 5 -32.02 14.87 15.52
N ALA M 6 -32.56 15.93 16.13
CA ALA M 6 -31.81 17.16 16.31
C ALA M 6 -30.59 16.90 17.18
N GLN M 8 -28.21 17.00 20.04
CA GLN M 8 -28.44 17.36 21.43
C GLN M 8 -27.60 18.56 21.90
N GLU M 9 -28.15 19.33 22.83
CA GLU M 9 -27.41 20.42 23.45
C GLU M 9 -26.88 20.07 24.84
N TYR M 10 -25.64 20.44 25.11
CA TYR M 10 -25.06 20.22 26.44
C TYR M 10 -24.80 21.52 27.21
N GLN N 5 42.65 6.42 -10.96
CA GLN N 5 43.06 7.51 -11.82
C GLN N 5 43.00 8.87 -11.10
N ALA N 6 44.06 9.66 -11.26
CA ALA N 6 44.12 10.99 -10.65
C ALA N 6 43.27 11.96 -11.46
N GLN N 8 42.65 14.66 -13.84
CA GLN N 8 43.43 15.18 -14.93
C GLN N 8 43.72 16.69 -14.77
N GLU N 9 44.93 17.11 -15.14
CA GLU N 9 45.28 18.52 -15.11
C GLU N 9 44.95 19.18 -16.46
N TYR N 10 44.42 20.40 -16.43
CA TYR N 10 44.04 21.13 -17.64
C TYR N 10 44.76 22.48 -17.66
N GLN O 5 -57.00 -34.60 7.75
CA GLN O 5 -56.44 -33.97 8.94
C GLN O 5 -55.26 -33.05 8.62
N ALA O 6 -55.42 -31.76 8.88
CA ALA O 6 -54.36 -30.78 8.61
C ALA O 6 -53.15 -30.99 9.52
N GLN O 8 -50.61 -30.46 12.31
CA GLN O 8 -50.77 -29.84 13.61
C GLN O 8 -49.73 -28.74 13.79
N GLU O 9 -50.13 -27.68 14.48
CA GLU O 9 -49.23 -26.58 14.72
C GLU O 9 -48.68 -26.71 16.12
N TYR O 10 -47.41 -26.33 16.30
CA TYR O 10 -46.71 -26.37 17.58
C TYR O 10 -46.08 -25.01 17.86
N ALA P 6 -4.29 60.83 -12.05
CA ALA P 6 -4.20 59.72 -11.11
C ALA P 6 -2.94 58.88 -11.35
N GLN P 8 -1.04 56.03 -13.28
CA GLN P 8 -1.17 55.50 -14.65
C GLN P 8 -1.35 53.99 -14.67
N GLU P 9 -2.18 53.48 -15.58
CA GLU P 9 -2.35 52.04 -15.64
C GLU P 9 -1.52 51.47 -16.77
N TYR P 10 -0.85 50.36 -16.47
CA TYR P 10 -0.05 49.68 -17.48
C TYR P 10 -0.64 48.31 -17.75
#